data_7NKA
#
_entry.id   7NKA
#
_cell.length_a   1.00
_cell.length_b   1.00
_cell.length_c   1.00
_cell.angle_alpha   90.00
_cell.angle_beta   90.00
_cell.angle_gamma   90.00
#
_symmetry.space_group_name_H-M   'P 1'
#
loop_
_entity.id
_entity.type
_entity.pdbx_description
1 polymer 'Polymerase acidic protein'
2 polymer 'RNA-directed RNA polymerase catalytic subunit'
3 polymer 'Polymerase basic protein 2,Polymerase basic protein 2'
4 polymer "RNA (5'-R(P*GP*GP*CP*CP*UP*GP*CP*U)-3')"
5 polymer "RNA (5'-R(P*AP*GP*UP*AP*GP*AP*AP*AP*CP*AP*AP*GP*GP*CP*C)-3')"
6 polymer NB8206
#
loop_
_entity_poly.entity_id
_entity_poly.type
_entity_poly.pdbx_seq_one_letter_code
_entity_poly.pdbx_strand_id
1 'polypeptide(L)'
;MEDFVRQCFNPMIVELAEKAMKEYGEDLKIETNKFAAICTHLEVCFMYSDFHFINERGESIIVESGDPNALLKHRFEIIE
GRDRTMAWTVVNSICNTTGAEKPKFLPDLYDYKENRFIEIGVTRREVHIYYLEKANKIKSEKTHIHIFSFTGEEMATKAD
YTLDEESRARIKTRLFTIRQEMASRGLWDSFRQSERGEETIEERFEITGTMRRLADQSLPPNFSSLENFRAYVDGFEPNG
YIEGKLSQMSKEVNARIEPFLKTTPRPLRLPDGPPCSQRSKFLLMDALKLSIEDPSHEGEGIPLYDAIKCMRTFFGWKEP
NVVKPHEKGINPNYLLAWKQVLAELQDIENEEKIPKTKNMKKTSQLKWALGENMAPEKVDFDDCKDVSDLKQYDSDEPEL
RSLASWIQSEFNKACELTDSSWIELDEIGEDVAPIEHIASMRRNYFTAEVSHCRATEYIMKGVYINTALLNASCAAMDDF
QLIPMISKCRTKEGRRKTNLYGFIIKGRSHLRNDTDVVNFVSMEFSLTDPRLEPHKWEKYCVLEIGDMLLRSAIGQVSRP
MFLYVRTNGTSKIKMKWGMEMRRCLLQSLQQIESMIEAESSVKEKDMTKEFFENKSETWPIGESPKGVEEGSIGKVCRTL
LAKSVFNSLYASPQLEGFSAESRKLLLIVQALRDNLEPGTFDLGGLYEAIEECLINDPWVLLNASWFNSFLTHALR
;
A
2 'polypeptide(L)'
;MDVNPTLLFLKVPAQNAISTTFPYTGDPPYSHGTGTGYTMDTVNRTHQYSEKGRWTTNTETGAPQLNPIDGPLPEDNEPS
GYAQTDCVLEAMAFLEESHPGIFENSCLETMEVVQQTRVDKLTQGRQTYDWTLNRNQPAATALANTIEVFRSNGLTANES
GRLIDFLKDVMESMDKEEMEITTHFQRKRRVRDNMTKKMVTQRTIGKKKQRLNKRSYLIRALTLNTMTKDAERGKLKRRA
IATPGMQIRGFVYFVETLARSICEKLEQSGLPVGGNEKKAKLANVVRKMMTNSQDTELSFTITGDNTKWNENQNPRMFLA
MITYITRNQPEWFRNVLSIAPIMFSNKMARLGKGYMFESKSMKLRTQIPAEMLASIDLKYFNDSTRKKIEKIRPLLIDGT
ASLSPGMMMGMFNMLSTVLGVSILNLGQKRYTKTTYWWDGLQSSDDFALIVNAPNHEGIQAGVDRFYRTCKLLGINMSKK
KSYINRTGTFEFTSFFYRYGFVANFSMELPSFGVSGINESADMSIGVTVIKNNMINNDLGPATAQMALQLFIKDYRYTYR
CHRGDTQIQTRRSFEIKKLWEQTRSKAGLLVSDGGPNLYNIRNLHIPEVCLKWELMDEDYQGRLCNPLNPFVSHKEIESV
NNAVMMPAHGPAKNMEYDAVATTHSWIPKRNRSILNTSQRGILEDEQMYQKCCNLFEKFFPSSSYRRPVGISSMVEAMVS
RARIDARIDFESGRIKKEEFAEIMKICSTIEELRRQK
;
B
3 'polypeptide(L)'
;MERIKELRDLMSQSRTREILTKTTVDHMAIIKKYTSGRQEKNPALRMKWMMAMKYPITADKRIMEMIPERNEQGQTLWSK
TNDAGSDRVMVSPLAVTWWNRNGPTTSAVHYPKIYKTYFEKVERLKHGTFGPVHFRNQVKIRRRVDINPGHADLSAKEAQ
DVIMEVVFPNEVGARILTSESQLTITKEKKEELQDCKISPLMVAYMLERELVRKTRFLPVAGGTSSVYIEVLHLTQGTCW
EQMYTPGGEVRNDDVDQSLIIAARNIVRRATVSADPLASLLEMCHSTQIGGIRMVDILRQNPTEEQAVDICKAAMGLRIS
SSFSFGGFTFKRTSGSSVKREEEVLTGNLQTLKIRVHEGYEEFTMVGRRATAILRKATRRLIQLIVSGRDEQSIAEAIIV
AMVFSQEDCMIKAVRGDLNFVNRANQRLNPMHQLLRHFQKDAKVLFQNWGIEPIDNVMGMIGILPDMTPSTEMSMRGVRV
SKMGVDEYSSTERVVVSIDRFLRVRDQRGNVLLSPEEVSETQGTEKLTITYSSSMMWEVNGPESVLVNTYQWIIRNWETV
KIQWSQNPTMLYNKMEFEPFQSLVPKAARGQYSGFVRTLFQQMRDVLGTFDTVQIIKLLPFAAAPPKQSRMQFSSLTVNV
RGSGMRILVRGNSPVFNYNKATKRLTVLGKDAGALTEDPDEGTAGVESAVLRGFLILGKEDRRYGPALSINELSNLAKGE
KANVLIGQGDVVLVMKRKRDSSILTDSQTATKRIRMAINENLYFQGELKTAALAQHDEAVDNKFNKEQQNAFYEILHLPN
LNEEQRNAFIQSLKDDPSQSANLLAEAKKLNDAQAPKVDNKFNKEQQNAFYEILHLPNLNEEQRNAFIQSLKADPSQSAN
LLAEAKKLNGAQAPKVDANSAGKST
;
C
4 'polyribonucleotide' GGCCUGCUUUUGCUAUU E
5 'polyribonucleotide' AGUAGAAACAAGGCC D
6 'polypeptide(L)'
;QVQLQESGGGLVQPGGSLRLSCTASGGIFGISAMGWYRQAPGKERELVARITRSGSTNFADSVKDRFTISRDATENTVVL
QMNSLKAEDTAVYYCNGQFWEVDNGNIDLWGQGTQVTVSSHHHHHHEPEA
;
F
#
# COMPACT_ATOMS: atom_id res chain seq x y z
N MET A 1 24.71 -38.46 -42.78
CA MET A 1 23.42 -38.25 -43.52
C MET A 1 23.13 -36.76 -43.66
N GLU A 2 23.53 -35.99 -42.65
CA GLU A 2 23.31 -34.54 -42.67
C GLU A 2 24.00 -33.86 -43.84
N ASP A 3 25.02 -34.50 -44.42
CA ASP A 3 25.67 -33.91 -45.59
C ASP A 3 24.67 -33.70 -46.73
N PHE A 4 23.66 -34.57 -46.82
CA PHE A 4 22.64 -34.41 -47.85
C PHE A 4 21.88 -33.10 -47.70
N VAL A 5 21.48 -32.76 -46.48
CA VAL A 5 20.79 -31.49 -46.26
C VAL A 5 21.73 -30.30 -46.29
N ARG A 6 23.02 -30.52 -46.06
CA ARG A 6 24.01 -29.50 -46.38
C ARG A 6 24.01 -29.20 -47.88
N GLN A 7 23.97 -30.26 -48.70
CA GLN A 7 24.17 -30.10 -50.13
C GLN A 7 22.93 -29.57 -50.85
N CYS A 8 21.83 -30.33 -50.79
CA CYS A 8 20.76 -30.11 -51.75
C CYS A 8 19.87 -28.93 -51.40
N PHE A 9 19.21 -29.00 -50.24
CA PHE A 9 18.11 -28.09 -49.96
C PHE A 9 18.59 -26.66 -49.72
N ASN A 10 17.71 -25.71 -50.04
CA ASN A 10 18.03 -24.30 -49.92
C ASN A 10 18.12 -23.89 -48.45
N PRO A 11 18.77 -22.75 -48.18
CA PRO A 11 18.87 -22.30 -46.78
C PRO A 11 17.51 -22.17 -46.10
N MET A 12 16.61 -21.38 -46.70
CA MET A 12 15.30 -21.12 -46.10
C MET A 12 14.72 -22.38 -45.43
N ILE A 13 14.66 -23.49 -46.18
CA ILE A 13 14.05 -24.68 -45.63
C ILE A 13 14.90 -25.29 -44.51
N VAL A 14 16.24 -25.23 -44.63
CA VAL A 14 17.05 -25.90 -43.61
C VAL A 14 16.94 -25.16 -42.29
N GLU A 15 16.93 -23.82 -42.29
CA GLU A 15 16.74 -23.15 -41.00
C GLU A 15 15.30 -23.24 -40.52
N LEU A 16 14.30 -23.31 -41.42
CA LEU A 16 12.95 -23.57 -40.95
C LEU A 16 12.88 -24.91 -40.22
N ALA A 17 13.51 -25.93 -40.80
CA ALA A 17 13.52 -27.25 -40.18
C ALA A 17 14.36 -27.25 -38.90
N GLU A 18 15.41 -26.43 -38.84
CA GLU A 18 16.19 -26.35 -37.61
C GLU A 18 15.39 -25.71 -36.48
N LYS A 19 14.61 -24.67 -36.78
CA LYS A 19 13.74 -24.12 -35.75
C LYS A 19 12.63 -25.08 -35.36
N ALA A 20 12.07 -25.82 -36.31
CA ALA A 20 11.13 -26.87 -35.95
C ALA A 20 11.79 -27.94 -35.10
N MET A 21 13.09 -28.16 -35.32
CA MET A 21 13.85 -29.10 -34.51
C MET A 21 13.95 -28.60 -33.07
N LYS A 22 14.30 -27.32 -32.90
CA LYS A 22 14.34 -26.71 -31.58
C LYS A 22 12.96 -26.67 -30.92
N GLU A 23 11.89 -26.65 -31.71
CA GLU A 23 10.54 -26.53 -31.17
C GLU A 23 10.27 -27.53 -30.06
N TYR A 24 10.37 -28.83 -30.35
CA TYR A 24 10.03 -29.86 -29.38
C TYR A 24 11.22 -30.31 -28.53
N GLY A 25 12.38 -29.68 -28.69
CA GLY A 25 13.44 -29.80 -27.71
C GLY A 25 14.33 -31.02 -27.80
N GLU A 26 14.31 -31.75 -28.90
CA GLU A 26 15.22 -32.88 -29.07
C GLU A 26 16.41 -32.46 -29.92
N ASP A 27 17.53 -33.15 -29.71
CA ASP A 27 18.80 -32.77 -30.33
C ASP A 27 18.99 -33.47 -31.67
N LEU A 28 19.60 -32.75 -32.61
CA LEU A 28 19.73 -33.22 -33.99
C LEU A 28 20.86 -34.22 -34.16
N LYS A 29 21.83 -34.28 -33.25
CA LYS A 29 22.97 -35.17 -33.43
C LYS A 29 22.62 -36.63 -33.19
N ILE A 30 21.58 -36.90 -32.39
CA ILE A 30 21.25 -38.28 -32.08
C ILE A 30 20.45 -38.95 -33.20
N GLU A 31 19.48 -38.25 -33.79
CA GLU A 31 18.67 -38.84 -34.85
C GLU A 31 18.37 -37.73 -35.87
N THR A 32 18.95 -37.85 -37.06
CA THR A 32 18.83 -36.84 -38.10
C THR A 32 17.86 -37.23 -39.20
N ASN A 33 17.55 -38.52 -39.36
CA ASN A 33 16.64 -38.93 -40.42
C ASN A 33 15.29 -38.24 -40.29
N LYS A 34 14.85 -37.95 -39.07
CA LYS A 34 13.62 -37.18 -38.89
C LYS A 34 13.76 -35.80 -39.50
N PHE A 35 14.92 -35.17 -39.32
CA PHE A 35 15.15 -33.85 -39.90
C PHE A 35 14.98 -33.90 -41.41
N ALA A 36 15.61 -34.88 -42.07
CA ALA A 36 15.51 -34.98 -43.52
C ALA A 36 14.07 -35.27 -43.94
N ALA A 37 13.39 -36.20 -43.26
CA ALA A 37 12.04 -36.57 -43.66
C ALA A 37 11.10 -35.38 -43.56
N ILE A 38 11.12 -34.69 -42.42
CA ILE A 38 10.20 -33.56 -42.24
C ILE A 38 10.61 -32.36 -43.08
N CYS A 39 11.90 -32.20 -43.40
CA CYS A 39 12.27 -31.11 -44.29
C CYS A 39 11.83 -31.40 -45.72
N THR A 40 11.83 -32.67 -46.13
CA THR A 40 11.24 -33.03 -47.42
C THR A 40 9.73 -32.81 -47.41
N HIS A 41 9.07 -33.14 -46.30
CA HIS A 41 7.65 -32.83 -46.17
C HIS A 41 7.41 -31.33 -46.33
N LEU A 42 8.23 -30.52 -45.67
CA LEU A 42 8.10 -29.07 -45.77
C LEU A 42 8.38 -28.59 -47.19
N GLU A 43 9.36 -29.20 -47.86
CA GLU A 43 9.68 -28.83 -49.23
C GLU A 43 8.52 -29.13 -50.17
N VAL A 44 7.91 -30.30 -50.02
CA VAL A 44 6.76 -30.61 -50.87
C VAL A 44 5.63 -29.64 -50.56
N CYS A 45 5.48 -29.27 -49.29
CA CYS A 45 4.48 -28.26 -48.93
C CYS A 45 4.71 -26.97 -49.70
N PHE A 46 5.93 -26.43 -49.66
CA PHE A 46 6.21 -25.23 -50.44
C PHE A 46 5.91 -25.46 -51.91
N MET A 47 6.62 -26.42 -52.52
CA MET A 47 6.59 -26.59 -53.95
C MET A 47 5.18 -26.86 -54.45
N TYR A 48 4.31 -27.38 -53.59
CA TYR A 48 2.91 -27.60 -53.88
C TYR A 48 2.09 -26.33 -53.72
N SER A 49 2.48 -25.46 -52.79
CA SER A 49 1.75 -24.22 -52.55
C SER A 49 2.17 -23.10 -53.49
N ASP A 50 3.48 -22.87 -53.61
CA ASP A 50 3.96 -21.78 -54.45
C ASP A 50 3.65 -22.07 -55.92
N PHE A 51 3.93 -21.06 -56.75
CA PHE A 51 3.70 -21.15 -58.18
C PHE A 51 2.22 -21.35 -58.50
N HIS A 52 1.36 -21.15 -57.51
CA HIS A 52 -0.08 -21.37 -57.66
C HIS A 52 -0.82 -20.15 -57.12
N PHE A 53 -1.40 -19.37 -58.02
CA PHE A 53 -2.08 -18.12 -57.66
C PHE A 53 -3.53 -18.18 -58.13
N ILE A 54 -4.35 -17.28 -57.59
CA ILE A 54 -5.75 -17.16 -57.96
C ILE A 54 -6.07 -15.69 -58.21
N ASN A 55 -7.04 -15.46 -59.09
CA ASN A 55 -7.64 -14.15 -59.30
C ASN A 55 -9.10 -14.20 -58.86
N GLU A 56 -9.83 -13.10 -59.12
CA GLU A 56 -11.20 -13.00 -58.64
C GLU A 56 -12.06 -14.19 -59.01
N ARG A 57 -11.69 -14.94 -60.04
CA ARG A 57 -12.39 -16.18 -60.38
C ARG A 57 -11.92 -17.30 -59.45
N GLY A 58 -12.31 -18.53 -59.81
CA GLY A 58 -11.69 -19.72 -59.24
C GLY A 58 -10.48 -20.07 -60.06
N GLU A 59 -10.43 -21.28 -60.61
CA GLU A 59 -9.57 -21.63 -61.74
C GLU A 59 -8.19 -20.96 -61.62
N SER A 60 -7.47 -21.35 -60.57
CA SER A 60 -6.22 -20.72 -60.20
C SER A 60 -5.36 -20.36 -61.40
N ILE A 61 -4.80 -19.15 -61.37
CA ILE A 61 -3.82 -18.72 -62.36
C ILE A 61 -2.46 -19.24 -61.92
N ILE A 62 -1.79 -19.98 -62.80
CA ILE A 62 -0.50 -20.58 -62.51
C ILE A 62 0.56 -19.85 -63.33
N VAL A 63 1.51 -19.22 -62.63
CA VAL A 63 2.59 -18.49 -63.26
C VAL A 63 3.91 -18.96 -62.67
N GLU A 64 4.89 -19.21 -63.53
CA GLU A 64 6.20 -19.64 -63.06
C GLU A 64 6.90 -18.58 -62.24
N SER A 65 6.54 -17.31 -62.41
CA SER A 65 7.12 -16.22 -61.64
C SER A 65 6.08 -15.12 -61.47
N GLY A 66 5.81 -14.75 -60.23
CA GLY A 66 4.83 -13.71 -59.94
C GLY A 66 5.22 -12.37 -60.52
N ASP A 67 4.42 -11.86 -61.44
CA ASP A 67 4.70 -10.58 -62.07
C ASP A 67 4.31 -9.43 -61.13
N PRO A 68 4.91 -8.26 -61.30
CA PRO A 68 4.56 -7.11 -60.44
C PRO A 68 3.11 -6.70 -60.65
N ASN A 69 2.31 -6.87 -59.61
CA ASN A 69 0.89 -6.55 -59.68
C ASN A 69 0.22 -6.74 -58.33
N ALA A 70 -1.04 -6.32 -58.21
CA ALA A 70 -1.85 -6.68 -57.06
C ALA A 70 -2.33 -8.11 -57.13
N LEU A 71 -2.11 -8.79 -58.26
CA LEU A 71 -2.58 -10.16 -58.47
C LEU A 71 -1.50 -11.18 -58.08
N LEU A 72 -1.18 -11.18 -56.79
CA LEU A 72 -0.20 -12.11 -56.23
C LEU A 72 -0.82 -13.06 -55.21
N LYS A 73 -2.15 -13.21 -55.22
CA LYS A 73 -2.81 -14.16 -54.34
C LYS A 73 -2.25 -15.56 -54.52
N HIS A 74 -2.09 -16.27 -53.42
CA HIS A 74 -1.57 -17.64 -53.42
C HIS A 74 -2.74 -18.62 -53.35
N ARG A 75 -2.70 -19.64 -54.22
CA ARG A 75 -3.77 -20.63 -54.25
C ARG A 75 -3.87 -21.37 -52.92
N PHE A 76 -2.75 -21.93 -52.46
CA PHE A 76 -2.69 -22.65 -51.21
C PHE A 76 -1.82 -21.87 -50.24
N GLU A 77 -2.35 -21.64 -49.04
CA GLU A 77 -1.63 -20.88 -48.02
C GLU A 77 -1.20 -21.82 -46.91
N ILE A 78 0.08 -21.74 -46.53
CA ILE A 78 0.72 -22.80 -45.77
C ILE A 78 0.38 -22.70 -44.29
N ILE A 79 0.25 -23.85 -43.65
CA ILE A 79 -0.01 -23.94 -42.22
C ILE A 79 1.31 -24.19 -41.50
N GLU A 80 1.99 -25.27 -41.86
CA GLU A 80 3.23 -25.65 -41.22
C GLU A 80 4.33 -24.66 -41.63
N GLY A 81 5.54 -24.85 -41.12
CA GLY A 81 6.56 -23.84 -41.25
C GLY A 81 6.41 -22.72 -40.24
N ARG A 82 5.60 -22.95 -39.21
CA ARG A 82 5.31 -21.96 -38.19
C ARG A 82 5.32 -22.65 -36.84
N ASP A 83 5.33 -21.84 -35.78
CA ASP A 83 5.29 -22.41 -34.44
C ASP A 83 3.89 -22.94 -34.13
N ARG A 84 3.82 -23.81 -33.12
CA ARG A 84 2.53 -24.40 -32.75
C ARG A 84 1.52 -23.32 -32.39
N THR A 85 1.96 -22.30 -31.66
CA THR A 85 1.06 -21.22 -31.29
C THR A 85 0.48 -20.53 -32.53
N MET A 86 1.34 -20.22 -33.49
CA MET A 86 0.83 -19.58 -34.70
C MET A 86 0.07 -20.55 -35.59
N ALA A 87 0.48 -21.83 -35.64
CA ALA A 87 -0.28 -22.79 -36.43
C ALA A 87 -1.72 -22.87 -35.93
N TRP A 88 -1.90 -22.89 -34.61
CA TRP A 88 -3.24 -22.92 -34.05
C TRP A 88 -3.91 -21.56 -34.17
N THR A 89 -3.14 -20.47 -34.19
CA THR A 89 -3.71 -19.17 -34.49
C THR A 89 -4.34 -19.15 -35.88
N VAL A 90 -3.61 -19.64 -36.89
CA VAL A 90 -4.14 -19.69 -38.24
C VAL A 90 -5.32 -20.65 -38.32
N VAL A 91 -5.23 -21.78 -37.64
CA VAL A 91 -6.35 -22.72 -37.64
C VAL A 91 -7.62 -22.03 -37.13
N ASN A 92 -7.53 -21.39 -35.95
CA ASN A 92 -8.70 -20.76 -35.36
C ASN A 92 -9.20 -19.60 -36.22
N SER A 93 -8.29 -18.80 -36.78
CA SER A 93 -8.71 -17.68 -37.61
C SER A 93 -9.45 -18.17 -38.85
N ILE A 94 -8.94 -19.23 -39.50
CA ILE A 94 -9.60 -19.76 -40.67
C ILE A 94 -10.98 -20.32 -40.31
N CYS A 95 -11.06 -21.03 -39.18
CA CYS A 95 -12.35 -21.58 -38.77
C CYS A 95 -13.35 -20.46 -38.50
N ASN A 96 -12.92 -19.39 -37.84
CA ASN A 96 -13.83 -18.30 -37.50
C ASN A 96 -14.21 -17.44 -38.69
N THR A 97 -13.35 -17.37 -39.72
CA THR A 97 -13.67 -16.58 -40.91
C THR A 97 -14.32 -17.41 -42.00
N THR A 98 -13.88 -18.66 -42.17
CA THR A 98 -14.45 -19.53 -43.19
C THR A 98 -15.69 -20.28 -42.72
N GLY A 99 -16.00 -20.25 -41.43
CA GLY A 99 -17.16 -20.96 -40.91
C GLY A 99 -17.01 -22.47 -41.04
N ALA A 100 -15.78 -22.94 -41.19
CA ALA A 100 -15.52 -24.36 -41.33
C ALA A 100 -15.34 -25.00 -39.96
N GLU A 101 -15.04 -26.30 -39.96
CA GLU A 101 -14.86 -27.05 -38.73
C GLU A 101 -13.39 -27.06 -38.33
N LYS A 102 -13.14 -27.04 -37.02
CA LYS A 102 -11.78 -26.95 -36.50
C LYS A 102 -11.19 -28.34 -36.38
N PRO A 103 -10.10 -28.66 -37.09
CA PRO A 103 -9.45 -29.96 -36.89
C PRO A 103 -8.70 -30.00 -35.57
N LYS A 104 -8.47 -31.22 -35.09
CA LYS A 104 -7.81 -31.43 -33.82
C LYS A 104 -6.29 -31.54 -33.96
N PHE A 105 -5.78 -31.78 -35.16
CA PHE A 105 -4.36 -31.89 -35.43
C PHE A 105 -3.95 -30.81 -36.43
N LEU A 106 -2.66 -30.79 -36.75
CA LEU A 106 -2.09 -29.73 -37.58
C LEU A 106 -2.34 -30.02 -39.05
N PRO A 107 -3.04 -29.15 -39.79
CA PRO A 107 -3.08 -29.28 -41.25
C PRO A 107 -1.82 -28.68 -41.88
N ASP A 108 -1.76 -28.65 -43.21
CA ASP A 108 -0.59 -28.16 -43.92
C ASP A 108 -0.88 -26.99 -44.85
N LEU A 109 -2.11 -26.85 -45.34
CA LEU A 109 -2.42 -25.85 -46.35
C LEU A 109 -3.90 -25.54 -46.29
N TYR A 110 -4.29 -24.37 -46.81
CA TYR A 110 -5.69 -24.03 -46.99
C TYR A 110 -5.92 -23.54 -48.41
N ASP A 111 -7.09 -23.87 -48.95
CA ASP A 111 -7.50 -23.53 -50.30
C ASP A 111 -8.89 -22.91 -50.31
N TYR A 112 -9.10 -22.01 -51.27
CA TYR A 112 -10.34 -21.23 -51.37
C TYR A 112 -11.41 -21.96 -52.17
N LYS A 113 -11.09 -22.40 -53.39
CA LYS A 113 -12.06 -23.05 -54.26
C LYS A 113 -12.95 -23.99 -53.47
N GLU A 114 -12.32 -24.93 -52.79
CA GLU A 114 -12.98 -25.93 -51.96
C GLU A 114 -13.03 -25.52 -50.49
N ASN A 115 -12.50 -24.35 -50.15
CA ASN A 115 -12.63 -23.75 -48.83
C ASN A 115 -12.30 -24.76 -47.72
N ARG A 116 -11.10 -25.31 -47.76
CA ARG A 116 -10.76 -26.31 -46.77
C ARG A 116 -9.26 -26.59 -46.74
N PHE A 117 -8.89 -27.49 -45.83
CA PHE A 117 -7.51 -27.77 -45.47
C PHE A 117 -6.94 -28.93 -46.29
N ILE A 118 -5.61 -28.98 -46.33
CA ILE A 118 -4.85 -30.07 -46.94
C ILE A 118 -3.78 -30.47 -45.96
N GLU A 119 -3.69 -31.76 -45.66
CA GLU A 119 -2.66 -32.30 -44.77
C GLU A 119 -1.75 -33.18 -45.62
N ILE A 120 -0.69 -32.59 -46.16
CA ILE A 120 0.21 -33.31 -47.05
C ILE A 120 1.20 -34.11 -46.22
N GLY A 121 1.32 -35.40 -46.53
CA GLY A 121 2.35 -36.21 -45.94
C GLY A 121 2.88 -37.24 -46.92
N VAL A 122 4.18 -37.20 -47.18
CA VAL A 122 4.83 -38.14 -48.08
C VAL A 122 5.70 -39.04 -47.23
N THR A 123 5.27 -40.29 -47.06
CA THR A 123 5.97 -41.26 -46.23
C THR A 123 6.71 -42.27 -47.10
N ARG A 124 7.66 -42.95 -46.48
CA ARG A 124 8.44 -43.96 -47.18
C ARG A 124 7.56 -45.11 -47.62
N ARG A 125 6.65 -45.54 -46.75
CA ARG A 125 5.75 -46.64 -47.08
C ARG A 125 4.77 -46.22 -48.16
N GLU A 126 4.13 -47.21 -48.77
CA GLU A 126 3.19 -46.92 -49.86
C GLU A 126 1.97 -46.18 -49.32
N VAL A 127 1.30 -45.46 -50.22
CA VAL A 127 0.26 -44.51 -49.83
C VAL A 127 -0.95 -45.23 -49.23
N HIS A 128 -1.39 -46.32 -49.88
CA HIS A 128 -2.70 -46.89 -49.60
C HIS A 128 -2.84 -47.45 -48.18
N ILE A 129 -1.82 -47.33 -47.35
CA ILE A 129 -1.91 -47.65 -45.93
C ILE A 129 -1.74 -46.41 -45.07
N TYR A 130 -0.74 -45.59 -45.38
CA TYR A 130 -0.51 -44.35 -44.63
C TYR A 130 -1.71 -43.42 -44.69
N TYR A 131 -2.40 -43.41 -45.84
CA TYR A 131 -3.56 -42.55 -46.02
C TYR A 131 -4.61 -42.85 -44.95
N LEU A 132 -5.14 -44.07 -44.95
CA LEU A 132 -6.14 -44.44 -43.96
C LEU A 132 -5.58 -44.45 -42.54
N GLU A 133 -4.28 -44.64 -42.36
CA GLU A 133 -3.69 -44.51 -41.04
C GLU A 133 -3.93 -43.10 -40.49
N LYS A 134 -3.39 -42.09 -41.19
CA LYS A 134 -3.62 -40.72 -40.73
C LYS A 134 -5.09 -40.36 -40.74
N ALA A 135 -5.90 -41.01 -41.58
CA ALA A 135 -7.33 -40.75 -41.59
C ALA A 135 -7.98 -41.20 -40.29
N ASN A 136 -7.60 -42.39 -39.79
CA ASN A 136 -8.17 -42.85 -38.52
C ASN A 136 -7.52 -42.14 -37.33
N LYS A 137 -6.36 -41.52 -37.54
CA LYS A 137 -5.83 -40.60 -36.52
C LYS A 137 -6.70 -39.36 -36.39
N ILE A 138 -7.28 -38.89 -37.48
CA ILE A 138 -8.08 -37.65 -37.49
C ILE A 138 -9.55 -38.04 -37.48
N LYS A 139 -10.32 -37.45 -36.57
CA LYS A 139 -11.68 -37.88 -36.32
C LYS A 139 -12.67 -37.14 -37.22
N SER A 140 -13.47 -37.91 -37.97
CA SER A 140 -14.57 -37.37 -38.75
C SER A 140 -14.15 -36.10 -39.50
N GLU A 141 -13.21 -36.24 -40.41
CA GLU A 141 -12.55 -35.09 -41.03
C GLU A 141 -13.15 -34.82 -42.40
N LYS A 142 -13.48 -33.54 -42.64
CA LYS A 142 -13.86 -33.08 -43.97
C LYS A 142 -12.69 -32.48 -44.74
N THR A 143 -11.63 -32.05 -44.05
CA THR A 143 -10.40 -31.69 -44.73
C THR A 143 -9.92 -32.85 -45.59
N HIS A 144 -9.76 -32.56 -46.88
CA HIS A 144 -9.28 -33.56 -47.81
C HIS A 144 -7.80 -33.86 -47.55
N ILE A 145 -7.44 -35.13 -47.67
CA ILE A 145 -6.09 -35.61 -47.41
C ILE A 145 -5.51 -36.13 -48.72
N HIS A 146 -4.24 -35.82 -48.96
CA HIS A 146 -3.55 -36.28 -50.17
C HIS A 146 -2.11 -36.58 -49.81
N ILE A 147 -1.63 -37.76 -50.21
CA ILE A 147 -0.29 -38.23 -49.86
C ILE A 147 0.37 -38.84 -51.09
N PHE A 148 1.68 -38.65 -51.22
CA PHE A 148 2.51 -39.35 -52.19
C PHE A 148 3.40 -40.36 -51.47
N SER A 149 4.06 -41.21 -52.25
CA SER A 149 5.06 -42.13 -51.74
C SER A 149 6.09 -42.37 -52.83
N PHE A 150 7.28 -42.82 -52.41
CA PHE A 150 8.45 -42.77 -53.28
C PHE A 150 8.26 -43.52 -54.58
N THR A 151 7.43 -44.57 -54.59
CA THR A 151 7.27 -45.36 -55.81
C THR A 151 6.68 -44.52 -56.94
N GLY A 152 6.03 -43.41 -56.60
CA GLY A 152 5.52 -42.50 -57.61
C GLY A 152 4.01 -42.43 -57.66
N GLU A 153 3.34 -43.19 -56.80
CA GLU A 153 1.89 -43.29 -56.84
C GLU A 153 1.25 -42.16 -56.04
N GLU A 154 0.04 -41.78 -56.46
CA GLU A 154 -0.79 -40.80 -55.77
C GLU A 154 -2.15 -41.41 -55.47
N MET A 155 -2.82 -40.86 -54.46
CA MET A 155 -4.16 -41.31 -54.12
C MET A 155 -4.87 -40.22 -53.36
N ALA A 156 -6.19 -40.35 -53.26
CA ALA A 156 -6.99 -39.44 -52.46
C ALA A 156 -8.44 -39.90 -52.41
N THR A 157 -9.16 -39.55 -51.34
CA THR A 157 -10.57 -39.84 -51.27
C THR A 157 -11.32 -38.90 -52.23
N LYS A 158 -12.56 -39.26 -52.53
CA LYS A 158 -13.37 -38.59 -53.55
C LYS A 158 -12.73 -38.66 -54.94
N ALA A 159 -11.67 -39.44 -55.10
CA ALA A 159 -10.86 -39.41 -56.31
C ALA A 159 -10.45 -37.99 -56.66
N ASP A 160 -10.31 -37.14 -55.65
CA ASP A 160 -10.13 -35.71 -55.84
C ASP A 160 -8.64 -35.37 -55.87
N TYR A 161 -8.23 -34.64 -56.89
CA TYR A 161 -6.89 -34.08 -56.98
C TYR A 161 -7.05 -32.61 -57.35
N THR A 162 -6.59 -31.72 -56.47
CA THR A 162 -7.13 -30.37 -56.41
C THR A 162 -6.53 -29.39 -57.41
N LEU A 163 -5.46 -29.74 -58.11
CA LEU A 163 -4.88 -28.78 -59.06
C LEU A 163 -4.22 -29.55 -60.21
N ASP A 164 -3.44 -28.82 -61.02
CA ASP A 164 -2.86 -29.32 -62.24
C ASP A 164 -2.07 -30.60 -62.04
N GLU A 165 -2.03 -31.46 -63.06
CA GLU A 165 -1.28 -32.71 -63.00
C GLU A 165 0.20 -32.53 -63.31
N GLU A 166 0.57 -31.49 -64.06
CA GLU A 166 1.99 -31.23 -64.28
C GLU A 166 2.69 -30.89 -62.97
N SER A 167 1.97 -30.24 -62.05
CA SER A 167 2.53 -30.01 -60.72
C SER A 167 2.81 -31.32 -60.01
N ARG A 168 1.90 -32.29 -60.14
CA ARG A 168 2.11 -33.59 -59.50
C ARG A 168 3.24 -34.37 -60.17
N ALA A 169 3.40 -34.23 -61.49
CA ALA A 169 4.58 -34.78 -62.14
C ALA A 169 5.83 -34.16 -61.58
N ARG A 170 5.79 -32.85 -61.34
CA ARG A 170 6.86 -32.15 -60.63
C ARG A 170 7.14 -32.81 -59.28
N ILE A 171 6.07 -33.07 -58.52
CA ILE A 171 6.23 -33.65 -57.17
C ILE A 171 6.93 -34.98 -57.25
N LYS A 172 6.47 -35.87 -58.14
CA LYS A 172 7.05 -37.20 -58.20
C LYS A 172 8.44 -37.21 -58.85
N THR A 173 8.74 -36.26 -59.73
CA THR A 173 10.10 -36.10 -60.23
C THR A 173 11.04 -35.70 -59.10
N ARG A 174 10.59 -34.76 -58.26
CA ARG A 174 11.32 -34.36 -57.06
C ARG A 174 11.53 -35.59 -56.18
N LEU A 175 10.47 -36.39 -56.07
CA LEU A 175 10.46 -37.57 -55.21
C LEU A 175 11.52 -38.58 -55.64
N PHE A 176 11.50 -38.97 -56.91
CA PHE A 176 12.51 -39.90 -57.40
C PHE A 176 13.89 -39.29 -57.48
N THR A 177 14.02 -37.97 -57.64
CA THR A 177 15.32 -37.34 -57.48
C THR A 177 15.85 -37.63 -56.09
N ILE A 178 15.02 -37.43 -55.07
CA ILE A 178 15.40 -37.76 -53.71
C ILE A 178 15.83 -39.22 -53.63
N ARG A 179 15.01 -40.11 -54.19
CA ARG A 179 15.24 -41.54 -54.06
C ARG A 179 16.55 -41.96 -54.69
N GLN A 180 16.69 -41.79 -56.01
CA GLN A 180 17.94 -42.18 -56.65
C GLN A 180 19.05 -41.16 -56.45
N GLU A 181 18.92 -40.24 -55.50
CA GLU A 181 20.12 -39.57 -54.99
C GLU A 181 20.60 -40.24 -53.71
N MET A 182 19.68 -40.62 -52.81
CA MET A 182 20.13 -41.49 -51.74
C MET A 182 20.75 -42.76 -52.31
N ALA A 183 20.30 -43.15 -53.50
CA ALA A 183 20.93 -44.29 -54.17
C ALA A 183 22.43 -44.10 -54.25
N SER A 184 22.87 -42.92 -54.67
CA SER A 184 24.28 -42.58 -54.58
C SER A 184 24.75 -42.50 -53.13
N ARG A 185 23.88 -42.11 -52.20
CA ARG A 185 24.30 -42.03 -50.80
C ARG A 185 24.21 -43.40 -50.10
N GLY A 186 23.03 -44.01 -50.10
CA GLY A 186 22.87 -45.35 -49.56
C GLY A 186 22.30 -45.45 -48.16
N LEU A 187 21.13 -44.85 -47.93
CA LEU A 187 20.59 -44.69 -46.57
C LEU A 187 19.45 -45.63 -46.21
N TRP A 188 18.95 -46.46 -47.13
CA TRP A 188 17.73 -47.22 -46.82
C TRP A 188 17.92 -48.31 -45.79
N ASP A 189 19.13 -48.54 -45.30
CA ASP A 189 19.29 -49.46 -44.17
C ASP A 189 18.48 -48.98 -42.96
N SER A 190 18.16 -47.68 -42.92
CA SER A 190 17.31 -47.13 -41.87
C SER A 190 16.29 -46.13 -42.37
N PHE A 191 16.34 -45.73 -43.65
CA PHE A 191 15.50 -44.63 -44.11
C PHE A 191 14.02 -44.97 -44.01
N ARG A 192 13.65 -46.20 -44.39
CA ARG A 192 12.25 -46.60 -44.29
C ARG A 192 11.75 -46.55 -42.86
N GLN A 193 12.55 -47.05 -41.92
CA GLN A 193 12.19 -47.12 -40.50
C GLN A 193 13.34 -46.54 -39.69
N SER A 194 13.25 -45.26 -39.36
CA SER A 194 14.24 -44.58 -38.53
C SER A 194 13.64 -43.87 -37.34
N GLU A 195 12.35 -43.55 -37.35
CA GLU A 195 11.67 -42.89 -36.24
C GLU A 195 10.58 -43.80 -35.73
N ARG A 196 10.51 -43.97 -34.41
CA ARG A 196 9.52 -44.84 -33.77
C ARG A 196 8.71 -44.10 -32.71
N GLY A 197 8.87 -42.79 -32.58
CA GLY A 197 8.10 -42.02 -31.62
C GLY A 197 8.65 -42.11 -30.21
N GLU A 198 9.90 -41.68 -30.03
CA GLU A 198 10.52 -41.66 -28.71
C GLU A 198 10.32 -40.29 -28.07
N GLU A 199 9.75 -40.27 -26.87
CA GLU A 199 9.61 -39.04 -26.09
C GLU A 199 9.93 -39.37 -24.64
N THR A 200 11.11 -38.96 -24.19
CA THR A 200 11.53 -39.19 -22.82
C THR A 200 12.71 -38.25 -22.52
N ILE A 201 12.78 -37.80 -21.28
CA ILE A 201 13.85 -36.91 -20.83
C ILE A 201 13.90 -36.96 -19.32
N GLU A 202 15.10 -36.80 -18.77
CA GLU A 202 15.32 -36.76 -17.33
C GLU A 202 15.86 -35.39 -16.97
N GLU A 203 15.24 -34.75 -15.98
CA GLU A 203 15.68 -33.43 -15.55
C GLU A 203 16.95 -33.55 -14.71
N ARG A 204 17.95 -32.73 -15.04
CA ARG A 204 19.27 -32.81 -14.42
C ARG A 204 19.60 -31.46 -13.80
N PHE A 205 19.74 -31.43 -12.47
CA PHE A 205 20.11 -30.24 -11.73
C PHE A 205 21.32 -30.62 -10.88
N GLU A 206 22.51 -30.47 -11.46
CA GLU A 206 23.75 -30.97 -10.86
C GLU A 206 24.49 -29.84 -10.16
N ILE A 207 24.86 -30.07 -8.91
CA ILE A 207 25.71 -29.13 -8.18
C ILE A 207 27.17 -29.49 -8.49
N THR A 208 27.90 -28.53 -9.03
CA THR A 208 29.29 -28.77 -9.41
C THR A 208 30.03 -27.44 -9.44
N GLY A 209 31.36 -27.53 -9.48
CA GLY A 209 32.16 -26.32 -9.52
C GLY A 209 32.13 -25.58 -8.19
N THR A 210 32.24 -24.26 -8.27
CA THR A 210 32.32 -23.44 -7.07
C THR A 210 31.11 -23.69 -6.16
N MET A 211 29.92 -23.77 -6.75
CA MET A 211 28.72 -23.94 -5.94
C MET A 211 28.76 -25.23 -5.14
N ARG A 212 29.51 -26.24 -5.59
CA ARG A 212 29.66 -27.45 -4.78
C ARG A 212 30.53 -27.18 -3.56
N ARG A 213 31.62 -26.44 -3.73
CA ARG A 213 32.49 -26.14 -2.59
C ARG A 213 31.74 -25.35 -1.54
N LEU A 214 30.91 -24.39 -1.95
CA LEU A 214 30.07 -23.68 -0.99
C LEU A 214 29.19 -24.65 -0.22
N ALA A 215 28.67 -25.68 -0.89
CA ALA A 215 27.87 -26.68 -0.20
C ALA A 215 28.68 -27.44 0.83
N ASP A 216 29.98 -27.61 0.58
CA ASP A 216 30.86 -28.28 1.52
C ASP A 216 31.21 -27.41 2.72
N GLN A 217 30.91 -26.12 2.67
CA GLN A 217 31.20 -25.18 3.76
C GLN A 217 29.92 -24.70 4.46
N SER A 218 28.81 -25.38 4.24
CA SER A 218 27.53 -25.03 4.84
C SER A 218 26.95 -26.22 5.59
N LEU A 219 27.80 -27.00 6.23
CA LEU A 219 27.43 -28.19 6.98
C LEU A 219 27.73 -28.01 8.46
N PRO A 220 27.24 -28.91 9.30
CA PRO A 220 27.61 -28.86 10.72
C PRO A 220 29.12 -28.92 10.90
N PRO A 221 29.61 -28.63 12.09
CA PRO A 221 31.07 -28.46 12.25
C PRO A 221 31.88 -29.68 11.88
N ASN A 222 31.37 -30.88 12.15
CA ASN A 222 32.13 -32.12 11.99
C ASN A 222 31.72 -32.90 10.75
N PHE A 223 31.41 -32.21 9.65
CA PHE A 223 31.12 -32.83 8.38
C PHE A 223 32.03 -32.25 7.30
N SER A 224 32.38 -33.09 6.32
CA SER A 224 33.36 -32.72 5.31
C SER A 224 32.78 -32.51 3.92
N SER A 225 31.63 -33.11 3.61
CA SER A 225 31.08 -32.99 2.27
C SER A 225 29.56 -33.14 2.34
N LEU A 226 28.88 -32.52 1.37
CA LEU A 226 27.42 -32.63 1.31
C LEU A 226 26.99 -34.08 1.09
N GLU A 227 27.78 -34.86 0.34
CA GLU A 227 27.48 -36.26 0.17
C GLU A 227 27.42 -36.99 1.51
N ASN A 228 28.45 -36.80 2.34
CA ASN A 228 28.50 -37.48 3.63
C ASN A 228 27.37 -37.02 4.53
N PHE A 229 27.07 -35.73 4.55
CA PHE A 229 26.00 -35.24 5.41
C PHE A 229 24.65 -35.78 4.97
N ARG A 230 24.39 -35.82 3.66
CA ARG A 230 23.13 -36.38 3.19
C ARG A 230 23.05 -37.87 3.49
N ALA A 231 24.15 -38.60 3.36
CA ALA A 231 24.14 -40.02 3.72
C ALA A 231 23.83 -40.19 5.20
N TYR A 232 24.43 -39.36 6.06
CA TYR A 232 24.15 -39.43 7.48
C TYR A 232 22.69 -39.13 7.78
N VAL A 233 22.13 -38.11 7.11
CA VAL A 233 20.73 -37.76 7.34
C VAL A 233 19.83 -38.91 6.92
N ASP A 234 20.10 -39.50 5.74
CA ASP A 234 19.29 -40.63 5.28
C ASP A 234 19.39 -41.81 6.25
N GLY A 235 20.58 -42.04 6.81
CA GLY A 235 20.76 -43.10 7.78
C GLY A 235 20.36 -42.74 9.19
N PHE A 236 19.98 -41.50 9.45
CA PHE A 236 19.61 -41.07 10.78
C PHE A 236 18.21 -41.56 11.14
N GLU A 237 18.05 -42.02 12.38
CA GLU A 237 16.76 -42.41 12.92
C GLU A 237 16.70 -41.95 14.37
N PRO A 238 15.51 -41.62 14.89
CA PRO A 238 15.42 -41.12 16.26
C PRO A 238 15.78 -42.20 17.27
N ASN A 239 16.73 -41.87 18.14
CA ASN A 239 17.18 -42.80 19.19
C ASN A 239 17.32 -42.06 20.51
N GLY A 240 16.34 -41.21 20.84
CA GLY A 240 16.35 -40.50 22.09
C GLY A 240 17.56 -39.62 22.28
N TYR A 241 17.76 -38.65 21.38
CA TYR A 241 18.86 -37.72 21.49
C TYR A 241 18.47 -36.42 22.17
N ILE A 242 17.21 -36.00 22.07
CA ILE A 242 16.78 -34.81 22.79
C ILE A 242 16.82 -35.04 24.29
N GLU A 243 16.45 -36.25 24.73
CA GLU A 243 16.47 -36.55 26.15
C GLU A 243 17.89 -36.50 26.72
N GLY A 244 18.86 -37.02 25.98
CA GLY A 244 20.23 -37.02 26.48
C GLY A 244 20.76 -35.61 26.70
N LYS A 245 20.55 -34.74 25.72
CA LYS A 245 21.03 -33.37 25.87
C LYS A 245 20.22 -32.60 26.89
N LEU A 246 18.93 -32.88 27.01
CA LEU A 246 18.13 -32.25 28.07
C LEU A 246 18.67 -32.63 29.44
N SER A 247 19.01 -33.91 29.63
CA SER A 247 19.60 -34.33 30.89
C SER A 247 20.98 -33.70 31.11
N GLN A 248 21.79 -33.61 30.05
CA GLN A 248 23.14 -33.06 30.19
C GLN A 248 23.13 -31.54 30.29
N MET A 249 22.13 -30.88 29.70
CA MET A 249 22.09 -29.42 29.74
C MET A 249 21.99 -28.92 31.18
N SER A 250 22.64 -27.80 31.45
CA SER A 250 22.64 -27.25 32.79
C SER A 250 21.22 -26.90 33.22
N LYS A 251 20.94 -27.14 34.50
CA LYS A 251 19.61 -26.89 35.05
C LYS A 251 19.32 -25.41 35.27
N GLU A 252 20.33 -24.54 35.20
CA GLU A 252 20.09 -23.12 35.30
C GLU A 252 19.31 -22.58 34.11
N VAL A 253 19.21 -23.34 33.02
CA VAL A 253 18.40 -22.98 31.86
C VAL A 253 16.96 -23.38 32.20
N ASN A 254 16.18 -22.46 32.75
CA ASN A 254 14.83 -22.74 33.18
C ASN A 254 13.94 -21.55 32.88
N ALA A 255 12.63 -21.79 32.98
CA ALA A 255 11.61 -20.77 32.76
C ALA A 255 10.70 -20.69 33.97
N ARG A 256 11.29 -20.60 35.15
CA ARG A 256 10.53 -20.61 36.39
C ARG A 256 9.49 -19.49 36.39
N ILE A 257 8.30 -19.81 36.88
CA ILE A 257 7.18 -18.88 36.89
C ILE A 257 7.17 -18.15 38.23
N GLU A 258 7.26 -16.83 38.18
CA GLU A 258 7.16 -16.00 39.38
C GLU A 258 5.71 -15.61 39.61
N PRO A 259 5.11 -15.99 40.73
CA PRO A 259 3.70 -15.62 40.95
C PRO A 259 3.52 -14.11 40.94
N PHE A 260 2.38 -13.69 40.40
CA PHE A 260 2.02 -12.27 40.30
C PHE A 260 0.87 -12.02 41.27
N LEU A 261 1.15 -11.31 42.36
CA LEU A 261 0.18 -11.05 43.40
C LEU A 261 -0.12 -9.55 43.47
N LYS A 262 -1.01 -9.18 44.40
CA LYS A 262 -1.37 -7.78 44.56
C LYS A 262 -0.18 -6.94 44.98
N THR A 263 0.72 -7.48 45.79
CA THR A 263 1.87 -6.75 46.29
C THR A 263 3.06 -6.78 45.35
N THR A 264 2.97 -7.49 44.23
CA THR A 264 4.09 -7.63 43.31
C THR A 264 4.32 -6.37 42.49
N PRO A 265 3.32 -5.87 41.77
CA PRO A 265 3.56 -4.73 40.86
C PRO A 265 3.89 -3.47 41.63
N ARG A 266 4.94 -2.78 41.18
CA ARG A 266 5.37 -1.52 41.76
C ARG A 266 5.04 -0.37 40.81
N PRO A 267 4.84 0.84 41.34
CA PRO A 267 4.51 1.96 40.46
C PRO A 267 5.64 2.26 39.48
N LEU A 268 5.25 2.64 38.26
CA LEU A 268 6.23 2.99 37.25
C LEU A 268 6.94 4.28 37.62
N ARG A 269 8.26 4.27 37.54
CA ARG A 269 9.06 5.44 37.87
C ARG A 269 9.05 6.43 36.71
N LEU A 270 8.85 7.70 37.03
CA LEU A 270 8.85 8.73 36.01
C LEU A 270 10.19 9.45 35.97
N PRO A 271 10.66 9.90 34.81
CA PRO A 271 11.94 10.59 34.75
C PRO A 271 11.89 11.93 35.48
N ASP A 272 13.04 12.35 35.97
CA ASP A 272 13.19 13.60 36.70
C ASP A 272 14.06 14.56 35.90
N GLY A 273 13.71 15.84 35.96
CA GLY A 273 14.42 16.86 35.23
C GLY A 273 13.60 18.14 35.13
N PRO A 274 13.98 19.03 34.22
CA PRO A 274 13.21 20.26 34.04
C PRO A 274 11.78 19.94 33.61
N PRO A 275 10.83 20.78 33.99
CA PRO A 275 9.43 20.48 33.66
C PRO A 275 9.22 20.32 32.16
N CYS A 276 8.14 19.64 31.82
CA CYS A 276 7.82 19.38 30.42
C CYS A 276 7.19 20.62 29.78
N SER A 277 7.52 20.84 28.52
CA SER A 277 7.08 22.01 27.78
C SER A 277 5.94 21.66 26.83
N GLN A 278 5.42 22.69 26.17
CA GLN A 278 4.33 22.51 25.22
C GLN A 278 4.88 22.16 23.85
N ARG A 279 4.24 21.19 23.19
CA ARG A 279 4.68 20.72 21.88
C ARG A 279 3.64 20.90 20.78
N SER A 280 2.41 21.26 21.12
CA SER A 280 1.35 21.36 20.12
C SER A 280 1.68 22.41 19.07
N LYS A 281 1.07 22.28 17.90
CA LYS A 281 1.26 23.24 16.81
C LYS A 281 0.33 24.45 16.95
N PHE A 282 -0.55 24.46 17.94
CA PHE A 282 -1.42 25.59 18.18
C PHE A 282 -1.89 25.56 19.63
N LEU A 283 -2.37 26.70 20.11
CA LEU A 283 -2.90 26.77 21.47
C LEU A 283 -4.19 25.97 21.56
N LEU A 284 -4.32 25.19 22.63
CA LEU A 284 -5.50 24.37 22.85
C LEU A 284 -6.39 24.91 23.97
N MET A 285 -5.81 25.15 25.15
CA MET A 285 -6.58 25.61 26.29
C MET A 285 -6.64 27.13 26.39
N ASP A 286 -5.70 27.84 25.77
CA ASP A 286 -5.57 29.29 25.91
C ASP A 286 -5.92 30.03 24.63
N ALA A 287 -6.72 29.42 23.76
CA ALA A 287 -7.09 30.05 22.50
C ALA A 287 -8.15 31.12 22.73
N LEU A 288 -8.15 32.12 21.85
CA LEU A 288 -9.17 33.17 21.85
C LEU A 288 -9.74 33.31 20.45
N LYS A 289 -11.00 33.69 20.38
CA LYS A 289 -11.76 33.68 19.13
C LYS A 289 -12.31 35.07 18.84
N LEU A 290 -11.99 35.60 17.67
CA LEU A 290 -12.61 36.81 17.15
C LEU A 290 -13.60 36.40 16.06
N SER A 291 -14.83 36.92 16.15
CA SER A 291 -15.94 36.38 15.38
C SER A 291 -16.68 37.48 14.63
N ILE A 292 -17.46 37.05 13.64
CA ILE A 292 -18.22 37.96 12.80
C ILE A 292 -19.70 37.61 12.74
N GLU A 293 -20.09 36.36 13.03
CA GLU A 293 -21.50 35.94 12.99
C GLU A 293 -22.02 35.94 11.55
N ASP A 294 -21.22 35.44 10.62
CA ASP A 294 -21.61 35.33 9.22
C ASP A 294 -22.37 34.04 8.97
N PRO A 295 -23.10 33.96 7.86
CA PRO A 295 -23.86 32.74 7.54
C PRO A 295 -23.10 31.71 6.71
N SER A 296 -21.81 31.91 6.46
CA SER A 296 -21.06 31.01 5.60
C SER A 296 -20.75 29.69 6.32
N HIS A 297 -20.55 28.64 5.52
CA HIS A 297 -20.23 27.33 6.04
C HIS A 297 -18.71 27.15 6.16
N GLU A 298 -18.30 25.99 6.67
CA GLU A 298 -16.90 25.77 7.01
C GLU A 298 -15.97 26.12 5.84
N GLY A 299 -16.10 25.40 4.72
CA GLY A 299 -15.24 25.66 3.59
C GLY A 299 -15.66 26.89 2.79
N GLU A 300 -16.92 27.30 2.92
CA GLU A 300 -17.42 28.44 2.17
C GLU A 300 -16.75 29.73 2.65
N GLY A 301 -16.33 30.55 1.70
CA GLY A 301 -15.77 31.86 1.99
C GLY A 301 -14.34 31.96 1.51
N ILE A 302 -13.77 33.14 1.73
CA ILE A 302 -12.39 33.45 1.37
C ILE A 302 -11.63 33.74 2.66
N PRO A 303 -10.44 33.14 2.88
CA PRO A 303 -9.82 33.25 4.21
C PRO A 303 -9.44 34.67 4.60
N LEU A 304 -8.72 35.39 3.74
CA LEU A 304 -8.13 36.67 4.15
C LEU A 304 -9.21 37.68 4.51
N TYR A 305 -10.27 37.78 3.71
CA TYR A 305 -11.33 38.74 4.00
C TYR A 305 -12.02 38.41 5.31
N ASP A 306 -12.29 37.12 5.55
CA ASP A 306 -12.90 36.73 6.81
C ASP A 306 -12.02 37.08 7.99
N ALA A 307 -10.71 36.83 7.86
CA ALA A 307 -9.80 37.14 8.95
C ALA A 307 -9.76 38.63 9.23
N ILE A 308 -9.69 39.45 8.18
CA ILE A 308 -9.65 40.89 8.37
C ILE A 308 -10.95 41.38 9.00
N LYS A 309 -12.08 40.87 8.53
CA LYS A 309 -13.37 41.28 9.08
C LYS A 309 -13.48 40.90 10.55
N CYS A 310 -13.02 39.69 10.91
CA CYS A 310 -13.04 39.29 12.30
C CYS A 310 -12.14 40.18 13.15
N MET A 311 -10.96 40.52 12.64
CA MET A 311 -10.04 41.32 13.43
C MET A 311 -10.53 42.75 13.59
N ARG A 312 -11.20 43.30 12.59
CA ARG A 312 -11.79 44.63 12.73
C ARG A 312 -12.92 44.67 13.76
N THR A 313 -13.48 43.51 14.13
CA THR A 313 -14.53 43.46 15.13
C THR A 313 -14.01 43.77 16.54
N PHE A 314 -12.70 43.77 16.75
CA PHE A 314 -12.09 44.03 18.04
C PHE A 314 -11.47 45.41 18.06
N PHE A 315 -11.70 46.16 19.13
CA PHE A 315 -11.15 47.49 19.31
C PHE A 315 -10.37 47.53 20.62
N GLY A 316 -9.25 48.24 20.62
CA GLY A 316 -8.40 48.33 21.79
C GLY A 316 -6.95 47.97 21.48
N TRP A 317 -6.59 47.98 20.20
CA TRP A 317 -5.23 47.65 19.81
C TRP A 317 -4.24 48.60 20.45
N LYS A 318 -3.13 48.04 20.92
CA LYS A 318 -2.03 48.81 21.48
C LYS A 318 -0.74 48.46 20.74
N GLU A 319 0.24 49.36 20.83
CA GLU A 319 1.53 49.08 20.23
C GLU A 319 2.13 47.87 20.93
N PRO A 320 2.50 46.82 20.19
CA PRO A 320 2.95 45.59 20.84
C PRO A 320 4.30 45.77 21.52
N ASN A 321 4.48 45.05 22.63
CA ASN A 321 5.72 45.09 23.38
C ASN A 321 5.99 43.70 23.95
N VAL A 322 7.25 43.44 24.28
CA VAL A 322 7.65 42.14 24.78
C VAL A 322 7.15 41.95 26.20
N VAL A 323 6.58 40.77 26.46
CA VAL A 323 6.13 40.41 27.80
C VAL A 323 6.99 39.25 28.29
N LYS A 324 6.99 38.15 27.56
CA LYS A 324 7.81 36.99 27.90
C LYS A 324 8.69 36.62 26.71
N PRO A 325 10.01 36.71 26.81
CA PRO A 325 10.88 36.42 25.66
C PRO A 325 10.96 34.94 25.36
N HIS A 326 11.43 34.65 24.14
CA HIS A 326 11.62 33.26 23.74
C HIS A 326 12.68 32.56 24.58
N GLU A 327 13.62 33.33 25.14
CA GLU A 327 14.74 32.88 25.96
C GLU A 327 15.84 32.23 25.12
N LYS A 328 15.62 32.01 23.82
CA LYS A 328 16.67 31.48 22.95
C LYS A 328 16.73 32.15 21.59
N GLY A 329 15.71 32.92 21.19
CA GLY A 329 15.68 33.57 19.91
C GLY A 329 15.82 35.08 20.02
N ILE A 330 15.39 35.77 18.98
CA ILE A 330 15.46 37.23 18.90
C ILE A 330 14.02 37.73 18.90
N ASN A 331 13.52 38.07 20.09
CA ASN A 331 12.13 38.52 20.20
C ASN A 331 11.82 39.73 19.33
N PRO A 332 12.69 40.72 19.20
CA PRO A 332 12.39 41.84 18.28
C PRO A 332 12.00 41.38 16.89
N ASN A 333 12.57 40.26 16.41
CA ASN A 333 12.13 39.72 15.13
C ASN A 333 10.66 39.32 15.17
N TYR A 334 10.23 38.69 16.26
CA TYR A 334 8.81 38.34 16.39
C TYR A 334 7.93 39.58 16.42
N LEU A 335 8.36 40.60 17.17
CA LEU A 335 7.60 41.85 17.22
C LEU A 335 7.46 42.46 15.83
N LEU A 336 8.57 42.55 15.10
CA LEU A 336 8.54 43.13 13.77
C LEU A 336 7.70 42.30 12.81
N ALA A 337 7.74 40.97 12.98
CA ALA A 337 6.91 40.11 12.14
C ALA A 337 5.44 40.35 12.39
N TRP A 338 5.05 40.52 13.65
CA TRP A 338 3.65 40.81 13.96
C TRP A 338 3.21 42.11 13.34
N LYS A 339 4.04 43.16 13.49
CA LYS A 339 3.68 44.45 12.90
C LYS A 339 3.64 44.37 11.38
N GLN A 340 4.54 43.60 10.78
CA GLN A 340 4.52 43.40 9.34
C GLN A 340 3.24 42.71 8.90
N VAL A 341 2.81 41.69 9.64
CA VAL A 341 1.56 41.00 9.30
C VAL A 341 0.40 41.98 9.34
N LEU A 342 0.34 42.80 10.39
CA LEU A 342 -0.74 43.79 10.49
C LEU A 342 -0.70 44.76 9.30
N ALA A 343 0.49 45.26 8.99
CA ALA A 343 0.61 46.23 7.90
C ALA A 343 0.17 45.64 6.57
N GLU A 344 0.58 44.41 6.28
CA GLU A 344 0.22 43.80 5.01
C GLU A 344 -1.26 43.40 4.98
N LEU A 345 -1.84 43.08 6.15
CA LEU A 345 -3.28 42.86 6.21
C LEU A 345 -4.03 44.13 5.83
N GLN A 346 -3.58 45.28 6.35
CA GLN A 346 -4.18 46.54 5.93
C GLN A 346 -3.97 46.77 4.43
N ASP A 347 -2.78 46.47 3.94
CA ASP A 347 -2.50 46.63 2.51
C ASP A 347 -3.48 45.86 1.65
N ILE A 348 -3.83 44.64 2.08
CA ILE A 348 -4.87 43.89 1.36
C ILE A 348 -6.22 44.56 1.53
N GLU A 349 -6.52 45.04 2.73
CA GLU A 349 -7.82 45.67 2.94
C GLU A 349 -8.02 46.84 1.98
N ASN A 350 -6.95 47.56 1.63
CA ASN A 350 -7.11 48.75 0.80
C ASN A 350 -7.51 48.39 -0.63
N GLU A 351 -6.88 47.39 -1.21
CA GLU A 351 -6.99 47.16 -2.66
C GLU A 351 -8.37 46.61 -3.02
N GLU A 352 -8.56 46.34 -4.32
CA GLU A 352 -9.87 46.10 -4.89
C GLU A 352 -10.56 44.85 -4.33
N LYS A 353 -10.00 43.66 -4.59
CA LYS A 353 -10.59 42.41 -4.13
C LYS A 353 -9.56 41.62 -3.36
N ILE A 354 -9.96 41.11 -2.20
CA ILE A 354 -9.06 40.40 -1.30
C ILE A 354 -8.52 39.18 -2.04
N PRO A 355 -7.21 39.01 -2.17
CA PRO A 355 -6.71 37.81 -2.85
C PRO A 355 -7.06 36.55 -2.07
N LYS A 356 -7.26 35.45 -2.80
CA LYS A 356 -7.58 34.19 -2.15
C LYS A 356 -6.41 33.72 -1.28
N THR A 357 -5.18 33.90 -1.76
CA THR A 357 -3.99 33.54 -1.01
C THR A 357 -2.96 34.65 -1.19
N LYS A 358 -2.32 35.06 -0.09
CA LYS A 358 -1.34 36.14 -0.14
C LYS A 358 0.06 35.62 0.15
N ASN A 359 1.02 36.19 -0.56
CA ASN A 359 2.43 35.98 -0.30
C ASN A 359 3.02 37.18 0.42
N MET A 360 3.91 36.92 1.38
CA MET A 360 4.54 37.97 2.16
C MET A 360 5.96 38.20 1.67
N LYS A 361 6.49 39.37 2.05
CA LYS A 361 7.87 39.71 1.71
C LYS A 361 8.85 38.91 2.55
N LYS A 362 10.00 38.60 1.95
CA LYS A 362 11.03 37.80 2.63
C LYS A 362 12.06 38.73 3.27
N THR A 363 11.64 39.33 4.39
CA THR A 363 12.53 40.18 5.16
C THR A 363 13.43 39.34 6.05
N SER A 364 14.52 39.97 6.52
CA SER A 364 15.43 39.26 7.42
C SER A 364 14.71 38.73 8.65
N GLN A 365 13.66 39.42 9.09
CA GLN A 365 12.92 39.00 10.26
C GLN A 365 12.41 37.57 10.09
N LEU A 366 11.61 37.33 9.06
CA LEU A 366 11.08 36.01 8.82
C LEU A 366 12.11 35.07 8.21
N LYS A 367 13.18 35.61 7.62
CA LYS A 367 14.29 34.75 7.21
C LYS A 367 14.90 34.05 8.42
N TRP A 368 15.07 34.78 9.53
CA TRP A 368 15.54 34.15 10.75
C TRP A 368 14.44 33.31 11.39
N ALA A 369 13.22 33.85 11.47
CA ALA A 369 12.13 33.13 12.14
C ALA A 369 11.78 31.83 11.43
N LEU A 370 11.93 31.77 10.11
CA LEU A 370 11.61 30.57 9.35
C LEU A 370 12.82 29.70 9.07
N GLY A 371 13.99 30.06 9.59
CA GLY A 371 15.18 29.25 9.38
C GLY A 371 15.53 29.09 7.92
N GLU A 372 15.94 30.19 7.28
CA GLU A 372 16.26 30.19 5.86
C GLU A 372 17.77 30.29 5.68
N ASN A 373 18.31 29.51 4.73
CA ASN A 373 19.74 29.50 4.44
C ASN A 373 20.55 29.10 5.66
N MET A 374 20.01 28.19 6.48
CA MET A 374 20.72 27.69 7.65
C MET A 374 21.16 26.24 7.50
N ALA A 375 20.62 25.51 6.55
CA ALA A 375 21.08 24.15 6.30
C ALA A 375 22.52 24.19 5.82
N PRO A 376 23.43 23.43 6.42
CA PRO A 376 24.82 23.44 5.93
C PRO A 376 24.89 23.00 4.49
N GLU A 377 25.75 23.66 3.72
CA GLU A 377 25.92 23.32 2.31
C GLU A 377 26.53 21.94 2.18
N LYS A 378 26.00 21.16 1.24
CA LYS A 378 26.47 19.79 1.04
C LYS A 378 27.73 19.78 0.18
N VAL A 379 28.76 19.09 0.65
CA VAL A 379 30.05 19.02 -0.03
C VAL A 379 30.50 17.57 -0.04
N ASP A 380 31.70 17.34 -0.57
CA ASP A 380 32.27 16.01 -0.70
C ASP A 380 33.26 15.75 0.42
N PHE A 381 33.37 14.49 0.83
CA PHE A 381 34.24 14.13 1.94
C PHE A 381 35.70 14.38 1.60
N ASP A 382 36.10 14.13 0.34
CA ASP A 382 37.49 14.32 -0.04
C ASP A 382 37.95 15.75 0.10
N ASP A 383 37.03 16.71 0.20
CA ASP A 383 37.38 18.12 0.36
C ASP A 383 37.30 18.60 1.79
N CYS A 384 36.67 17.84 2.69
CA CYS A 384 36.53 18.21 4.10
C CYS A 384 36.87 16.98 4.94
N LYS A 385 38.15 16.81 5.26
CA LYS A 385 38.59 15.70 6.09
C LYS A 385 39.47 16.19 7.24
N ASP A 386 40.16 17.31 7.04
CA ASP A 386 41.05 17.86 8.04
C ASP A 386 40.34 18.78 9.03
N VAL A 387 39.03 18.97 8.89
CA VAL A 387 38.28 19.84 9.79
C VAL A 387 38.05 19.07 11.08
N SER A 388 38.61 19.58 12.18
CA SER A 388 38.52 18.87 13.46
C SER A 388 37.07 18.77 13.93
N ASP A 389 36.28 19.83 13.74
CA ASP A 389 34.90 19.84 14.18
C ASP A 389 34.01 18.88 13.40
N LEU A 390 34.50 18.31 12.30
CA LEU A 390 33.68 17.44 11.48
C LEU A 390 33.42 16.12 12.21
N LYS A 391 32.15 15.81 12.43
CA LYS A 391 31.77 14.62 13.17
C LYS A 391 30.35 14.22 12.76
N GLN A 392 29.84 13.17 13.40
CA GLN A 392 28.48 12.72 13.10
C GLN A 392 27.44 13.71 13.59
N TYR A 393 26.22 13.54 13.10
CA TYR A 393 25.08 14.24 13.65
C TYR A 393 24.84 13.79 15.09
N ASP A 394 24.38 14.73 15.93
CA ASP A 394 24.13 14.43 17.32
C ASP A 394 23.05 13.35 17.42
N SER A 395 23.43 12.16 17.90
CA SER A 395 22.53 11.01 18.01
C SER A 395 22.65 10.46 19.42
N ASP A 396 21.75 10.91 20.30
CA ASP A 396 21.73 10.46 21.69
C ASP A 396 20.30 10.47 22.19
N GLU A 397 20.11 9.90 23.38
CA GLU A 397 18.78 9.87 23.97
C GLU A 397 18.30 11.31 24.21
N PRO A 398 17.03 11.60 23.95
CA PRO A 398 16.54 12.97 24.17
C PRO A 398 16.74 13.42 25.61
N GLU A 399 16.63 14.73 25.80
CA GLU A 399 16.74 15.29 27.15
C GLU A 399 15.63 14.76 28.03
N LEU A 400 15.96 14.52 29.30
CA LEU A 400 14.97 14.05 30.25
C LEU A 400 14.21 15.23 30.86
N ARG A 401 12.89 15.08 30.97
CA ARG A 401 12.05 16.12 31.53
C ARG A 401 10.96 15.48 32.38
N SER A 402 10.68 16.11 33.52
CA SER A 402 9.67 15.60 34.44
C SER A 402 8.30 16.16 34.08
N LEU A 403 7.27 15.41 34.47
CA LEU A 403 5.90 15.82 34.17
C LEU A 403 5.52 17.06 34.98
N ALA A 404 4.66 17.88 34.38
CA ALA A 404 4.11 19.07 35.02
C ALA A 404 2.59 18.94 35.08
N SER A 405 1.98 19.79 35.91
CA SER A 405 0.55 19.70 36.15
C SER A 405 -0.29 20.39 35.08
N TRP A 406 0.34 21.07 34.11
CA TRP A 406 -0.43 21.79 33.11
C TRP A 406 -1.09 20.87 32.11
N ILE A 407 -0.45 19.76 31.75
CA ILE A 407 -1.04 18.84 30.79
C ILE A 407 -2.30 18.21 31.36
N GLN A 408 -2.31 17.94 32.67
CA GLN A 408 -3.50 17.36 33.30
C GLN A 408 -4.68 18.32 33.19
N SER A 409 -4.46 19.60 33.51
CA SER A 409 -5.54 20.57 33.41
C SER A 409 -5.95 20.78 31.95
N GLU A 410 -5.00 20.74 31.03
CA GLU A 410 -5.32 20.89 29.62
C GLU A 410 -6.24 19.76 29.15
N PHE A 411 -5.93 18.52 29.54
CA PHE A 411 -6.81 17.42 29.21
C PHE A 411 -8.16 17.55 29.91
N ASN A 412 -8.14 18.03 31.16
CA ASN A 412 -9.40 18.21 31.90
C ASN A 412 -10.33 19.14 31.14
N LYS A 413 -9.81 20.29 30.70
CA LYS A 413 -10.63 21.25 29.99
C LYS A 413 -10.81 20.90 28.51
N ALA A 414 -10.09 19.91 28.01
CA ALA A 414 -10.33 19.41 26.65
C ALA A 414 -11.54 18.49 26.59
N CYS A 415 -12.05 18.02 27.73
CA CYS A 415 -13.22 17.17 27.78
C CYS A 415 -14.47 17.92 28.24
N GLU A 416 -14.40 19.25 28.34
CA GLU A 416 -15.52 20.04 28.83
C GLU A 416 -16.42 20.48 27.69
N LEU A 417 -17.69 20.71 28.01
CA LEU A 417 -18.65 21.15 27.01
C LEU A 417 -18.36 22.59 26.61
N THR A 418 -19.04 23.04 25.55
CA THR A 418 -18.86 24.39 25.01
C THR A 418 -20.22 24.95 24.63
N ASP A 419 -20.23 26.23 24.23
CA ASP A 419 -21.42 26.92 23.81
C ASP A 419 -21.57 26.96 22.29
N SER A 420 -21.08 25.95 21.60
CA SER A 420 -21.11 25.92 20.15
C SER A 420 -21.08 24.49 19.66
N SER A 421 -21.46 24.30 18.41
CA SER A 421 -21.40 23.01 17.73
C SER A 421 -20.27 23.07 16.72
N TRP A 422 -19.24 22.26 16.92
CA TRP A 422 -18.01 22.31 16.13
C TRP A 422 -17.94 21.24 15.07
N ILE A 423 -19.03 20.50 14.83
CA ILE A 423 -19.08 19.49 13.77
C ILE A 423 -20.35 19.72 12.97
N GLU A 424 -20.20 19.88 11.65
CA GLU A 424 -21.32 19.96 10.72
C GLU A 424 -21.16 18.80 9.74
N LEU A 425 -21.84 17.70 10.03
CA LEU A 425 -21.61 16.47 9.29
C LEU A 425 -22.23 16.55 7.91
N ASP A 426 -21.78 15.64 7.04
CA ASP A 426 -22.21 15.62 5.64
C ASP A 426 -23.55 14.88 5.53
N GLU A 427 -23.95 14.57 4.30
CA GLU A 427 -25.20 13.90 4.03
C GLU A 427 -24.98 12.41 3.80
N ILE A 428 -26.02 11.64 4.08
CA ILE A 428 -26.02 10.20 3.86
C ILE A 428 -27.32 9.82 3.17
N GLY A 429 -27.32 8.65 2.51
CA GLY A 429 -28.52 8.15 1.89
C GLY A 429 -29.64 8.03 2.90
N GLU A 430 -30.85 8.41 2.51
CA GLU A 430 -31.99 8.38 3.43
C GLU A 430 -32.16 6.96 3.97
N ASP A 431 -32.31 6.86 5.29
CA ASP A 431 -32.40 5.55 5.94
C ASP A 431 -33.65 4.81 5.48
N VAL A 432 -33.47 3.55 5.09
CA VAL A 432 -34.58 2.74 4.61
C VAL A 432 -34.87 1.55 5.52
N ALA A 433 -33.86 1.02 6.23
CA ALA A 433 -34.06 -0.14 7.07
C ALA A 433 -34.19 0.28 8.53
N PRO A 434 -34.96 -0.47 9.34
CA PRO A 434 -35.05 -0.12 10.76
C PRO A 434 -33.69 -0.07 11.46
N ILE A 435 -32.78 -0.96 11.10
CA ILE A 435 -31.44 -0.91 11.67
C ILE A 435 -30.76 0.40 11.31
N GLU A 436 -31.01 0.90 10.09
CA GLU A 436 -30.46 2.19 9.71
C GLU A 436 -31.04 3.30 10.58
N HIS A 437 -32.33 3.22 10.90
CA HIS A 437 -32.93 4.21 11.80
C HIS A 437 -32.29 4.15 13.18
N ILE A 438 -32.06 2.95 13.71
CA ILE A 438 -31.40 2.82 15.00
C ILE A 438 -30.01 3.43 14.94
N ALA A 439 -29.27 3.14 13.87
CA ALA A 439 -27.92 3.69 13.71
C ALA A 439 -27.97 5.21 13.65
N SER A 440 -28.93 5.76 12.91
CA SER A 440 -29.04 7.21 12.81
C SER A 440 -29.37 7.85 14.14
N MET A 441 -30.28 7.23 14.91
CA MET A 441 -30.60 7.77 16.23
C MET A 441 -29.39 7.74 17.15
N ARG A 442 -28.67 6.63 17.16
CA ARG A 442 -27.44 6.54 17.95
C ARG A 442 -26.46 7.63 17.54
N ARG A 443 -26.27 7.79 16.23
CA ARG A 443 -25.32 8.76 15.72
C ARG A 443 -25.73 10.18 16.11
N ASN A 444 -27.03 10.48 16.04
CA ASN A 444 -27.50 11.78 16.46
C ASN A 444 -27.25 12.02 17.94
N TYR A 445 -27.45 10.98 18.77
CA TYR A 445 -27.15 11.12 20.19
C TYR A 445 -25.67 11.44 20.41
N PHE A 446 -24.79 10.67 19.76
CA PHE A 446 -23.36 10.94 19.97
C PHE A 446 -22.97 12.30 19.44
N THR A 447 -23.53 12.72 18.31
CA THR A 447 -23.19 14.04 17.77
C THR A 447 -23.65 15.13 18.73
N ALA A 448 -24.84 15.00 19.30
CA ALA A 448 -25.29 15.95 20.31
C ALA A 448 -24.36 15.96 21.51
N GLU A 449 -23.79 14.81 21.87
CA GLU A 449 -22.91 14.75 23.03
C GLU A 449 -21.54 15.35 22.76
N VAL A 450 -20.97 15.10 21.58
CA VAL A 450 -19.57 15.42 21.34
C VAL A 450 -19.38 16.72 20.56
N SER A 451 -20.40 17.19 19.83
CA SER A 451 -20.24 18.41 19.05
C SER A 451 -19.85 19.58 19.93
N HIS A 452 -20.52 19.73 21.08
CA HIS A 452 -20.18 20.76 22.05
C HIS A 452 -19.07 20.24 22.97
N CYS A 453 -17.88 20.11 22.39
CA CYS A 453 -16.73 19.61 23.12
C CYS A 453 -15.47 20.26 22.57
N ARG A 454 -14.56 20.63 23.46
CA ARG A 454 -13.31 21.27 23.02
C ARG A 454 -12.49 20.33 22.16
N ALA A 455 -12.67 19.01 22.32
CA ALA A 455 -11.95 18.06 21.50
C ALA A 455 -12.32 18.21 20.03
N THR A 456 -13.62 18.40 19.75
CA THR A 456 -14.05 18.60 18.37
C THR A 456 -13.50 19.90 17.81
N GLU A 457 -13.46 20.96 18.63
CA GLU A 457 -12.87 22.22 18.17
C GLU A 457 -11.41 22.04 17.83
N TYR A 458 -10.67 21.31 18.68
CA TYR A 458 -9.27 21.03 18.37
C TYR A 458 -9.13 20.21 17.10
N ILE A 459 -10.02 19.24 16.90
CA ILE A 459 -10.00 18.44 15.69
C ILE A 459 -10.14 19.33 14.46
N MET A 460 -11.14 20.20 14.46
CA MET A 460 -11.36 21.08 13.32
C MET A 460 -10.19 22.03 13.13
N LYS A 461 -9.68 22.60 14.22
CA LYS A 461 -8.53 23.50 14.11
C LYS A 461 -7.36 22.79 13.45
N GLY A 462 -7.01 21.60 13.95
CA GLY A 462 -5.87 20.88 13.40
C GLY A 462 -6.09 20.51 11.95
N VAL A 463 -7.28 20.00 11.63
CA VAL A 463 -7.56 19.58 10.26
C VAL A 463 -7.41 20.77 9.31
N TYR A 464 -8.05 21.89 9.65
CA TYR A 464 -7.99 23.05 8.77
C TYR A 464 -6.57 23.57 8.63
N ILE A 465 -5.86 23.70 9.76
CA ILE A 465 -4.51 24.27 9.73
C ILE A 465 -3.59 23.39 8.90
N ASN A 466 -3.62 22.08 9.14
CA ASN A 466 -2.74 21.19 8.40
C ASN A 466 -3.11 21.10 6.92
N THR A 467 -4.41 21.13 6.60
CA THR A 467 -4.80 21.13 5.20
C THR A 467 -4.28 22.36 4.49
N ALA A 468 -4.49 23.53 5.09
CA ALA A 468 -4.02 24.77 4.47
C ALA A 468 -2.51 24.76 4.34
N LEU A 469 -1.80 24.31 5.38
CA LEU A 469 -0.35 24.31 5.35
C LEU A 469 0.17 23.38 4.26
N LEU A 470 -0.40 22.17 4.15
CA LEU A 470 0.04 21.24 3.12
C LEU A 470 -0.24 21.79 1.73
N ASN A 471 -1.43 22.33 1.52
CA ASN A 471 -1.76 22.87 0.19
C ASN A 471 -0.84 24.03 -0.17
N ALA A 472 -0.59 24.94 0.77
CA ALA A 472 0.33 26.04 0.50
C ALA A 472 1.74 25.56 0.23
N SER A 473 2.20 24.56 0.99
CA SER A 473 3.55 24.02 0.77
C SER A 473 3.66 23.40 -0.61
N CYS A 474 2.63 22.67 -1.03
CA CYS A 474 2.68 22.03 -2.34
C CYS A 474 2.52 23.03 -3.47
N ALA A 475 1.82 24.14 -3.24
CA ALA A 475 1.60 25.13 -4.29
C ALA A 475 2.68 26.20 -4.29
N ALA A 476 2.83 26.93 -3.19
CA ALA A 476 3.83 28.00 -3.08
C ALA A 476 5.04 27.46 -2.33
N MET A 477 5.84 26.68 -3.04
CA MET A 477 7.00 26.04 -2.42
C MET A 477 8.05 27.06 -2.01
N ASP A 478 8.25 28.10 -2.81
CA ASP A 478 9.36 29.03 -2.61
C ASP A 478 9.03 30.17 -1.67
N ASP A 479 7.83 30.73 -1.76
CA ASP A 479 7.57 32.06 -1.21
C ASP A 479 6.73 31.94 0.06
N PHE A 480 7.07 32.76 1.04
CA PHE A 480 6.38 32.71 2.34
C PHE A 480 4.92 33.09 2.17
N GLN A 481 4.03 32.37 2.85
CA GLN A 481 2.60 32.55 2.64
C GLN A 481 1.89 32.77 3.97
N LEU A 482 0.87 33.65 3.94
CA LEU A 482 0.05 33.99 5.09
C LEU A 482 -1.23 33.17 5.06
N ILE A 483 -1.58 32.56 6.20
CA ILE A 483 -2.79 31.75 6.32
C ILE A 483 -3.46 32.06 7.65
N PRO A 484 -4.65 32.68 7.68
CA PRO A 484 -5.31 32.93 8.97
C PRO A 484 -5.97 31.67 9.51
N MET A 485 -5.78 31.41 10.79
CA MET A 485 -6.43 30.28 11.45
C MET A 485 -7.92 30.56 11.55
N ILE A 486 -8.72 29.80 10.82
CA ILE A 486 -10.16 30.01 10.76
C ILE A 486 -10.88 28.73 11.18
N SER A 487 -11.93 28.90 11.96
CA SER A 487 -12.81 27.79 12.31
C SER A 487 -14.23 28.31 12.44
N LYS A 488 -15.18 27.63 11.81
CA LYS A 488 -16.56 28.10 11.79
C LYS A 488 -17.43 27.16 12.61
N CYS A 489 -18.21 27.75 13.51
CA CYS A 489 -19.08 27.04 14.43
C CYS A 489 -20.51 27.56 14.29
N ARG A 490 -21.41 27.01 15.11
CA ARG A 490 -22.80 27.41 15.13
C ARG A 490 -23.23 27.61 16.58
N THR A 491 -23.84 28.76 16.86
CA THR A 491 -24.22 29.10 18.22
C THR A 491 -25.45 28.31 18.66
N LYS A 492 -25.77 28.43 19.95
CA LYS A 492 -26.98 27.81 20.47
C LYS A 492 -28.22 28.38 19.79
N GLU A 493 -28.23 29.68 19.54
CA GLU A 493 -29.35 30.31 18.85
C GLU A 493 -29.50 29.78 17.42
N GLY A 494 -28.46 29.15 16.87
CA GLY A 494 -28.49 28.63 15.52
C GLY A 494 -27.75 29.47 14.50
N ARG A 495 -27.35 30.69 14.86
CA ARG A 495 -26.65 31.55 13.93
C ARG A 495 -25.23 31.02 13.71
N ARG A 496 -24.83 30.92 12.44
CA ARG A 496 -23.48 30.50 12.13
C ARG A 496 -22.48 31.60 12.46
N LYS A 497 -21.24 31.20 12.72
CA LYS A 497 -20.23 32.13 13.18
C LYS A 497 -18.86 31.66 12.73
N THR A 498 -17.97 32.62 12.48
CA THR A 498 -16.57 32.35 12.17
C THR A 498 -15.70 32.76 13.34
N ASN A 499 -14.53 32.15 13.44
CA ASN A 499 -13.61 32.41 14.53
C ASN A 499 -12.19 32.44 13.99
N LEU A 500 -11.44 33.47 14.38
CA LEU A 500 -10.07 33.69 13.93
C LEU A 500 -9.14 33.62 15.14
N TYR A 501 -8.43 32.50 15.27
CA TYR A 501 -7.48 32.36 16.37
C TYR A 501 -6.21 33.16 16.14
N GLY A 502 -5.73 33.24 14.90
CA GLY A 502 -4.51 33.96 14.62
C GLY A 502 -4.03 33.78 13.20
N PHE A 503 -2.72 33.64 13.02
CA PHE A 503 -2.13 33.54 11.69
C PHE A 503 -0.97 32.56 11.70
N ILE A 504 -0.69 32.00 10.53
CA ILE A 504 0.44 31.11 10.31
C ILE A 504 1.18 31.61 9.08
N ILE A 505 2.49 31.77 9.20
CA ILE A 505 3.34 32.11 8.06
C ILE A 505 4.14 30.87 7.71
N LYS A 506 3.83 30.31 6.55
CA LYS A 506 4.56 29.16 6.04
C LYS A 506 5.78 29.62 5.24
N GLY A 507 6.91 28.92 5.45
CA GLY A 507 8.14 29.24 4.79
C GLY A 507 8.45 28.26 3.66
N ARG A 508 9.71 28.29 3.21
CA ARG A 508 10.14 27.41 2.14
C ARG A 508 9.83 25.96 2.49
N SER A 509 9.18 25.25 1.57
CA SER A 509 8.65 23.91 1.83
C SER A 509 9.00 22.98 0.68
N HIS A 510 10.26 22.99 0.25
CA HIS A 510 10.74 22.05 -0.76
C HIS A 510 10.95 20.69 -0.10
N LEU A 511 9.83 20.02 0.16
CA LEU A 511 9.81 18.77 0.90
C LEU A 511 9.93 17.60 -0.07
N ARG A 512 11.05 16.88 0.00
CA ARG A 512 11.24 15.70 -0.84
C ARG A 512 10.88 14.42 -0.09
N ASN A 513 11.54 14.16 1.04
CA ASN A 513 11.24 12.99 1.83
C ASN A 513 10.05 13.25 2.75
N ASP A 514 9.42 12.17 3.19
CA ASP A 514 8.30 12.29 4.12
C ASP A 514 8.72 12.85 5.46
N THR A 515 10.02 12.87 5.77
CA THR A 515 10.52 13.40 7.02
C THR A 515 11.06 14.82 6.91
N ASP A 516 11.21 15.34 5.69
CA ASP A 516 11.70 16.71 5.52
C ASP A 516 10.76 17.68 6.22
N VAL A 517 11.34 18.73 6.79
CA VAL A 517 10.62 19.63 7.69
C VAL A 517 10.35 20.95 6.97
N VAL A 518 9.10 21.38 7.04
CA VAL A 518 8.69 22.72 6.65
C VAL A 518 8.51 23.54 7.91
N ASN A 519 9.19 24.68 7.98
CA ASN A 519 9.13 25.57 9.13
C ASN A 519 8.13 26.68 8.87
N PHE A 520 7.36 27.01 9.91
CA PHE A 520 6.44 28.13 9.86
C PHE A 520 6.49 28.85 11.21
N VAL A 521 5.89 30.03 11.26
CA VAL A 521 5.77 30.80 12.49
C VAL A 521 4.30 31.02 12.76
N SER A 522 3.86 30.69 13.97
CA SER A 522 2.46 30.76 14.37
C SER A 522 2.26 31.87 15.38
N MET A 523 1.19 32.65 15.18
CA MET A 523 0.80 33.73 16.07
C MET A 523 -0.65 33.49 16.48
N GLU A 524 -0.93 33.53 17.77
CA GLU A 524 -2.28 33.28 18.25
C GLU A 524 -2.63 34.22 19.39
N PHE A 525 -3.83 34.79 19.33
CA PHE A 525 -4.31 35.64 20.40
C PHE A 525 -4.69 34.80 21.61
N SER A 526 -4.59 35.41 22.79
CA SER A 526 -4.97 34.71 24.02
C SER A 526 -5.14 35.74 25.12
N LEU A 527 -5.75 35.31 26.23
CA LEU A 527 -5.85 36.12 27.43
C LEU A 527 -5.08 35.53 28.61
N THR A 528 -4.56 34.31 28.49
CA THR A 528 -3.87 33.67 29.60
C THR A 528 -2.50 34.30 29.78
N ASP A 529 -2.26 34.87 30.96
CA ASP A 529 -0.97 35.49 31.23
C ASP A 529 0.12 34.42 31.28
N PRO A 530 1.22 34.56 30.54
CA PRO A 530 2.28 33.56 30.59
C PRO A 530 3.22 33.68 31.78
N ARG A 531 2.94 34.57 32.72
CA ARG A 531 3.79 34.77 33.89
C ARG A 531 3.46 33.81 35.02
N LEU A 532 2.46 32.95 34.85
CA LEU A 532 2.05 32.02 35.89
C LEU A 532 2.55 30.60 35.67
N GLU A 533 2.71 30.16 34.43
CA GLU A 533 3.26 28.84 34.12
C GLU A 533 4.34 28.99 33.05
N PRO A 534 5.42 29.69 33.36
CA PRO A 534 6.43 29.97 32.31
C PRO A 534 7.05 28.71 31.73
N HIS A 535 7.23 27.66 32.53
CA HIS A 535 7.90 26.46 32.03
C HIS A 535 7.11 25.78 30.93
N LYS A 536 5.81 26.05 30.82
CA LYS A 536 5.02 25.48 29.74
C LYS A 536 5.23 26.18 28.41
N TRP A 537 5.83 27.36 28.41
CA TRP A 537 6.02 28.17 27.21
C TRP A 537 7.51 28.40 26.93
N GLU A 538 8.30 27.33 27.02
CA GLU A 538 9.74 27.49 26.85
C GLU A 538 10.10 27.99 25.45
N LYS A 539 9.36 27.54 24.44
CA LYS A 539 9.70 27.81 23.04
C LYS A 539 8.84 28.91 22.45
N TYR A 540 8.04 29.60 23.26
CA TYR A 540 7.15 30.65 22.78
C TYR A 540 7.72 32.03 23.11
N CYS A 541 7.39 33.00 22.28
CA CYS A 541 7.60 34.43 22.58
C CYS A 541 6.22 35.08 22.67
N VAL A 542 5.94 35.71 23.81
CA VAL A 542 4.61 36.24 24.08
C VAL A 542 4.70 37.76 24.23
N LEU A 543 3.91 38.47 23.43
CA LEU A 543 3.83 39.92 23.45
C LEU A 543 2.50 40.36 24.08
N GLU A 544 2.40 41.66 24.34
CA GLU A 544 1.15 42.30 24.75
C GLU A 544 0.65 43.14 23.58
N ILE A 545 -0.53 42.80 23.07
CA ILE A 545 -1.03 43.44 21.86
C ILE A 545 -2.31 44.23 22.08
N GLY A 546 -3.07 43.97 23.14
CA GLY A 546 -4.26 44.78 23.34
C GLY A 546 -4.94 44.53 24.66
N ASP A 547 -6.18 45.02 24.75
CA ASP A 547 -7.03 44.81 25.91
C ASP A 547 -8.43 44.43 25.44
N MET A 548 -9.06 43.50 26.17
CA MET A 548 -10.37 43.00 25.81
C MET A 548 -11.34 43.26 26.94
N LEU A 549 -12.60 43.54 26.58
CA LEU A 549 -13.66 43.83 27.54
C LEU A 549 -14.80 42.83 27.32
N LEU A 550 -14.90 41.83 28.19
CA LEU A 550 -15.99 40.86 28.16
C LEU A 550 -16.97 41.16 29.27
N ARG A 551 -18.26 41.14 28.94
CA ARG A 551 -19.29 41.54 29.88
C ARG A 551 -19.29 40.61 31.09
N SER A 552 -19.05 41.19 32.27
CA SER A 552 -19.11 40.45 33.52
C SER A 552 -19.76 41.33 34.58
N ALA A 553 -20.34 40.66 35.59
CA ALA A 553 -21.01 41.39 36.67
C ALA A 553 -20.06 42.24 37.48
N ILE A 554 -18.76 41.99 37.43
CA ILE A 554 -17.78 42.80 38.17
C ILE A 554 -17.39 43.93 37.25
N GLY A 555 -18.21 44.98 37.24
CA GLY A 555 -18.02 46.07 36.31
C GLY A 555 -17.79 45.52 34.91
N GLN A 556 -16.59 45.72 34.38
CA GLN A 556 -16.16 44.98 33.21
C GLN A 556 -14.65 44.77 33.34
N VAL A 557 -14.21 43.55 33.03
CA VAL A 557 -12.88 43.10 33.44
C VAL A 557 -11.80 43.96 32.82
N SER A 558 -11.89 44.23 31.51
CA SER A 558 -10.84 44.92 30.76
C SER A 558 -9.50 44.19 30.93
N ARG A 559 -9.53 42.90 30.60
CA ARG A 559 -8.36 42.03 30.71
C ARG A 559 -7.31 42.40 29.67
N PRO A 560 -6.04 42.08 29.94
CA PRO A 560 -5.02 42.17 28.88
C PRO A 560 -5.26 41.09 27.83
N MET A 561 -4.64 41.28 26.66
CA MET A 561 -4.84 40.36 25.54
C MET A 561 -3.50 40.23 24.83
N PHE A 562 -2.89 39.06 24.98
CA PHE A 562 -1.52 38.80 24.57
C PHE A 562 -1.49 38.02 23.26
N LEU A 563 -0.29 37.97 22.67
CA LEU A 563 -0.06 37.25 21.42
C LEU A 563 1.05 36.24 21.64
N TYR A 564 0.71 34.96 21.55
CA TYR A 564 1.70 33.88 21.62
C TYR A 564 2.27 33.67 20.23
N VAL A 565 3.57 33.93 20.07
CA VAL A 565 4.27 33.83 18.80
C VAL A 565 5.38 32.80 18.96
N ARG A 566 5.48 31.87 18.01
CA ARG A 566 6.53 30.88 18.08
C ARG A 566 6.90 30.39 16.69
N THR A 567 8.08 29.79 16.60
CA THR A 567 8.54 29.11 15.39
C THR A 567 8.34 27.61 15.57
N ASN A 568 7.55 27.02 14.69
CA ASN A 568 7.25 25.59 14.74
C ASN A 568 7.56 24.98 13.38
N GLY A 569 7.44 23.66 13.30
CA GLY A 569 7.69 22.96 12.06
C GLY A 569 6.89 21.68 12.00
N THR A 570 6.69 21.21 10.77
CA THR A 570 5.98 19.95 10.54
C THR A 570 6.62 19.24 9.35
N SER A 571 6.00 18.14 8.93
CA SER A 571 6.48 17.39 7.78
C SER A 571 5.28 16.84 7.03
N LYS A 572 5.54 16.34 5.82
CA LYS A 572 4.45 15.80 5.00
C LYS A 572 3.66 14.75 5.75
N ILE A 573 4.36 13.82 6.41
CA ILE A 573 3.66 12.78 7.16
C ILE A 573 2.85 13.39 8.29
N LYS A 574 3.44 14.33 9.03
CA LYS A 574 2.73 14.95 10.14
C LYS A 574 1.52 15.73 9.64
N MET A 575 1.67 16.46 8.54
CA MET A 575 0.53 17.20 8.00
C MET A 575 -0.57 16.24 7.57
N LYS A 576 -0.21 15.16 6.88
CA LYS A 576 -1.22 14.21 6.41
C LYS A 576 -1.95 13.58 7.58
N TRP A 577 -1.22 13.20 8.63
CA TRP A 577 -1.86 12.55 9.78
C TRP A 577 -2.66 13.52 10.62
N GLY A 578 -2.24 14.78 10.70
CA GLY A 578 -3.02 15.78 11.40
C GLY A 578 -4.25 16.23 10.66
N MET A 579 -4.27 16.06 9.34
CA MET A 579 -5.47 16.36 8.57
C MET A 579 -6.46 15.20 8.56
N GLU A 580 -6.12 14.08 9.20
CA GLU A 580 -7.04 12.98 9.40
C GLU A 580 -7.36 12.81 10.87
N MET A 581 -7.51 13.92 11.58
CA MET A 581 -7.84 13.88 13.00
C MET A 581 -9.30 13.52 13.26
N ARG A 582 -10.14 13.49 12.23
CA ARG A 582 -11.56 13.19 12.43
C ARG A 582 -11.79 11.73 12.80
N ARG A 583 -10.81 10.86 12.57
CA ARG A 583 -10.96 9.46 12.97
C ARG A 583 -10.84 9.26 14.47
N CYS A 584 -10.45 10.30 15.22
CA CYS A 584 -10.56 10.24 16.67
C CYS A 584 -12.02 10.11 17.09
N LEU A 585 -12.90 10.86 16.43
CA LEU A 585 -14.33 10.68 16.63
C LEU A 585 -14.72 9.23 16.44
N LEU A 586 -14.24 8.61 15.36
CA LEU A 586 -14.53 7.21 15.12
C LEU A 586 -14.07 6.40 16.32
N GLN A 587 -12.75 6.34 16.54
CA GLN A 587 -12.22 5.55 17.65
C GLN A 587 -13.08 5.66 18.91
N SER A 588 -13.30 6.89 19.37
CA SER A 588 -14.04 7.09 20.62
C SER A 588 -15.44 6.50 20.52
N LEU A 589 -16.17 6.84 19.46
CA LEU A 589 -17.58 6.49 19.44
C LEU A 589 -17.77 5.02 19.10
N GLN A 590 -16.82 4.42 18.38
CA GLN A 590 -16.79 2.97 18.23
C GLN A 590 -16.64 2.30 19.58
N GLN A 591 -15.76 2.82 20.44
CA GLN A 591 -15.62 2.24 21.78
C GLN A 591 -16.94 2.35 22.54
N ILE A 592 -17.57 3.51 22.50
CA ILE A 592 -18.82 3.68 23.24
C ILE A 592 -19.92 2.79 22.67
N GLU A 593 -20.00 2.67 21.34
CA GLU A 593 -21.02 1.84 20.73
C GLU A 593 -20.77 0.36 21.02
N SER A 594 -19.50 -0.03 21.12
CA SER A 594 -19.20 -1.39 21.55
C SER A 594 -19.68 -1.62 22.97
N MET A 595 -19.47 -0.65 23.86
CA MET A 595 -20.02 -0.76 25.21
C MET A 595 -21.53 -0.95 25.16
N ILE A 596 -22.21 -0.10 24.39
CA ILE A 596 -23.66 -0.14 24.35
C ILE A 596 -24.15 -1.47 23.80
N GLU A 597 -23.53 -1.96 22.73
CA GLU A 597 -23.93 -3.24 22.15
C GLU A 597 -23.68 -4.39 23.11
N ALA A 598 -22.52 -4.38 23.77
CA ALA A 598 -22.22 -5.44 24.73
C ALA A 598 -23.24 -5.47 25.85
N GLU A 599 -23.62 -4.30 26.37
CA GLU A 599 -24.62 -4.28 27.42
C GLU A 599 -25.99 -4.67 26.91
N SER A 600 -26.32 -4.29 25.67
CA SER A 600 -27.61 -4.62 25.09
C SER A 600 -27.73 -6.08 24.68
N SER A 601 -26.61 -6.77 24.49
CA SER A 601 -26.67 -8.22 24.28
C SER A 601 -27.15 -8.94 25.52
N VAL A 602 -27.05 -8.31 26.68
CA VAL A 602 -27.56 -8.91 27.92
C VAL A 602 -29.07 -8.78 28.00
N LYS A 603 -29.57 -7.55 27.96
CA LYS A 603 -31.01 -7.29 27.92
C LYS A 603 -31.42 -7.19 26.46
N GLU A 604 -32.36 -8.06 26.06
CA GLU A 604 -32.69 -8.17 24.64
C GLU A 604 -33.47 -6.94 24.18
N LYS A 605 -32.77 -5.81 24.07
CA LYS A 605 -33.38 -4.55 23.68
C LYS A 605 -32.30 -3.49 23.51
N ASP A 606 -32.50 -2.54 22.60
CA ASP A 606 -31.55 -1.45 22.44
C ASP A 606 -31.57 -0.57 23.68
N MET A 607 -30.38 -0.23 24.18
CA MET A 607 -30.23 0.40 25.48
C MET A 607 -29.64 1.80 25.37
N THR A 608 -29.65 2.38 24.16
CA THR A 608 -28.99 3.67 23.95
C THR A 608 -29.76 4.79 24.64
N LYS A 609 -31.08 4.83 24.46
CA LYS A 609 -31.84 5.99 24.92
C LYS A 609 -31.74 6.17 26.42
N GLU A 610 -31.90 5.09 27.18
CA GLU A 610 -31.84 5.20 28.63
C GLU A 610 -30.42 5.50 29.10
N PHE A 611 -29.41 4.95 28.42
CA PHE A 611 -28.03 5.31 28.74
C PHE A 611 -27.83 6.82 28.61
N PHE A 612 -28.32 7.42 27.52
CA PHE A 612 -28.03 8.82 27.27
C PHE A 612 -28.95 9.78 28.03
N GLU A 613 -30.15 9.34 28.41
CA GLU A 613 -31.08 10.22 29.13
C GLU A 613 -31.11 9.96 30.63
N ASN A 614 -31.36 8.72 31.06
CA ASN A 614 -31.47 8.45 32.49
C ASN A 614 -30.14 8.70 33.20
N LYS A 615 -29.03 8.35 32.57
CA LYS A 615 -27.70 8.60 33.14
C LYS A 615 -27.53 7.88 34.48
N SER A 616 -28.24 6.77 34.67
CA SER A 616 -28.11 6.02 35.92
C SER A 616 -26.76 5.35 36.02
N GLU A 617 -26.38 4.61 34.98
CA GLU A 617 -25.08 3.93 34.99
C GLU A 617 -23.96 4.93 34.74
N THR A 618 -22.83 4.73 35.42
CA THR A 618 -21.68 5.60 35.28
C THR A 618 -20.41 4.77 35.32
N TRP A 619 -19.36 5.27 34.69
CA TRP A 619 -18.08 4.60 34.62
C TRP A 619 -17.00 5.43 35.32
N PRO A 620 -16.00 4.79 35.96
CA PRO A 620 -14.90 5.58 36.53
C PRO A 620 -14.11 6.30 35.45
N ILE A 621 -14.15 7.64 35.45
CA ILE A 621 -13.53 8.41 34.38
C ILE A 621 -12.64 9.49 34.97
N GLY A 622 -12.18 9.29 36.18
CA GLY A 622 -11.30 10.24 36.83
C GLY A 622 -11.34 10.10 38.32
N GLU A 623 -10.33 10.68 38.98
CA GLU A 623 -10.19 10.61 40.43
C GLU A 623 -10.07 12.00 41.01
N SER A 624 -10.83 12.26 42.06
CA SER A 624 -10.77 13.49 42.83
C SER A 624 -10.14 13.20 44.18
N PRO A 625 -9.59 14.23 44.86
CA PRO A 625 -9.01 13.98 46.19
C PRO A 625 -9.93 13.23 47.12
N LYS A 626 -11.25 13.40 46.98
CA LYS A 626 -12.18 12.58 47.76
C LYS A 626 -12.11 11.12 47.36
N GLY A 627 -11.95 10.84 46.07
CA GLY A 627 -11.88 9.46 45.60
C GLY A 627 -12.11 9.41 44.10
N VAL A 628 -12.43 8.20 43.63
CA VAL A 628 -12.70 7.98 42.22
C VAL A 628 -14.07 8.55 41.87
N GLU A 629 -14.13 9.30 40.78
CA GLU A 629 -15.36 9.93 40.32
C GLU A 629 -15.86 9.25 39.06
N GLU A 630 -17.16 9.00 39.01
CA GLU A 630 -17.81 8.36 37.87
C GLU A 630 -18.71 9.36 37.15
N GLY A 631 -18.77 9.23 35.83
CA GLY A 631 -19.57 10.11 35.01
C GLY A 631 -20.46 9.33 34.06
N SER A 632 -21.44 10.03 33.51
CA SER A 632 -22.40 9.41 32.60
C SER A 632 -21.69 8.97 31.32
N ILE A 633 -22.46 8.32 30.44
CA ILE A 633 -21.87 7.80 29.21
C ILE A 633 -21.38 8.92 28.32
N GLY A 634 -22.06 10.06 28.31
CA GLY A 634 -21.60 11.18 27.51
C GLY A 634 -20.24 11.69 27.93
N LYS A 635 -20.00 11.75 29.24
CA LYS A 635 -18.68 12.16 29.72
C LYS A 635 -17.62 11.15 29.32
N VAL A 636 -17.95 9.86 29.31
CA VAL A 636 -17.00 8.86 28.82
C VAL A 636 -16.71 9.09 27.34
N CYS A 637 -17.76 9.40 26.55
CA CYS A 637 -17.56 9.71 25.15
C CYS A 637 -16.57 10.85 24.99
N ARG A 638 -16.79 11.95 25.72
CA ARG A 638 -15.93 13.11 25.60
C ARG A 638 -14.51 12.79 26.06
N THR A 639 -14.38 12.01 27.13
CA THR A 639 -13.05 11.67 27.63
C THR A 639 -12.27 10.85 26.61
N LEU A 640 -12.92 9.84 26.03
CA LEU A 640 -12.23 9.03 25.01
C LEU A 640 -11.90 9.85 23.78
N LEU A 641 -12.80 10.75 23.38
CA LEU A 641 -12.52 11.60 22.23
C LEU A 641 -11.31 12.50 22.52
N ALA A 642 -11.23 13.06 23.72
CA ALA A 642 -10.09 13.88 24.09
C ALA A 642 -8.81 13.06 24.11
N LYS A 643 -8.89 11.83 24.61
CA LYS A 643 -7.71 10.97 24.63
C LYS A 643 -7.21 10.70 23.21
N SER A 644 -8.13 10.39 22.30
CA SER A 644 -7.73 10.15 20.92
C SER A 644 -7.16 11.42 20.28
N VAL A 645 -7.76 12.57 20.56
CA VAL A 645 -7.27 13.82 19.99
C VAL A 645 -5.86 14.11 20.48
N PHE A 646 -5.61 13.91 21.78
CA PHE A 646 -4.27 14.15 22.30
C PHE A 646 -3.28 13.11 21.79
N ASN A 647 -3.72 11.88 21.55
CA ASN A 647 -2.86 10.90 20.90
C ASN A 647 -2.45 11.38 19.52
N SER A 648 -3.40 11.95 18.77
CA SER A 648 -3.08 12.44 17.44
C SER A 648 -2.24 13.71 17.48
N LEU A 649 -2.34 14.49 18.56
CA LEU A 649 -1.61 15.75 18.65
C LEU A 649 -0.18 15.54 19.14
N TYR A 650 -0.01 14.77 20.22
CA TYR A 650 1.29 14.52 20.81
C TYR A 650 1.87 13.18 20.40
N ALA A 651 1.60 12.74 19.17
CA ALA A 651 2.09 11.45 18.71
C ALA A 651 3.62 11.44 18.68
N SER A 652 4.20 10.30 19.03
CA SER A 652 5.65 10.15 19.05
C SER A 652 6.02 8.69 19.26
N PRO A 653 7.25 8.29 18.95
CA PRO A 653 7.65 6.89 19.20
C PRO A 653 7.53 6.50 20.65
N GLN A 654 7.80 7.43 21.57
CA GLN A 654 7.63 7.16 22.98
C GLN A 654 6.21 6.69 23.26
N LEU A 655 5.22 7.35 22.66
CA LEU A 655 3.84 6.96 22.90
C LEU A 655 3.56 5.54 22.45
N GLU A 656 4.06 5.17 21.27
CA GLU A 656 3.83 3.80 20.77
C GLU A 656 4.48 2.78 21.68
N GLY A 657 5.76 3.00 22.02
CA GLY A 657 6.45 2.04 22.87
C GLY A 657 5.80 1.88 24.22
N PHE A 658 5.47 3.01 24.86
CA PHE A 658 4.82 2.94 26.17
C PHE A 658 3.46 2.27 26.04
N SER A 659 2.70 2.58 24.99
CA SER A 659 1.39 1.98 24.83
C SER A 659 1.49 0.46 24.77
N ALA A 660 2.42 -0.05 23.95
CA ALA A 660 2.55 -1.50 23.83
C ALA A 660 3.00 -2.12 25.15
N GLU A 661 4.09 -1.61 25.72
CA GLU A 661 4.68 -2.24 26.89
C GLU A 661 3.83 -2.02 28.14
N SER A 662 2.89 -1.08 28.12
CA SER A 662 1.96 -0.90 29.22
C SER A 662 0.66 -1.65 29.00
N ARG A 663 0.27 -1.89 27.75
CA ARG A 663 -0.84 -2.79 27.47
C ARG A 663 -0.51 -4.20 27.93
N LYS A 664 0.74 -4.61 27.76
CA LYS A 664 1.15 -5.91 28.28
C LYS A 664 0.89 -5.99 29.79
N LEU A 665 1.38 -5.01 30.54
CA LEU A 665 1.20 -5.03 31.99
C LEU A 665 -0.26 -4.87 32.38
N LEU A 666 -1.03 -4.11 31.60
CA LEU A 666 -2.46 -3.96 31.87
C LEU A 666 -3.16 -5.30 31.70
N LEU A 667 -2.80 -6.07 30.68
CA LEU A 667 -3.38 -7.40 30.51
C LEU A 667 -3.00 -8.30 31.67
N ILE A 668 -1.74 -8.23 32.12
CA ILE A 668 -1.33 -9.04 33.27
C ILE A 668 -2.16 -8.67 34.50
N VAL A 669 -2.33 -7.36 34.75
CA VAL A 669 -3.09 -6.91 35.92
C VAL A 669 -4.54 -7.34 35.80
N GLN A 670 -5.11 -7.27 34.60
CA GLN A 670 -6.48 -7.72 34.40
C GLN A 670 -6.62 -9.20 34.68
N ALA A 671 -5.64 -10.00 34.25
CA ALA A 671 -5.65 -11.42 34.58
C ALA A 671 -5.60 -11.63 36.09
N LEU A 672 -4.78 -10.83 36.78
CA LEU A 672 -4.73 -10.92 38.24
C LEU A 672 -6.09 -10.61 38.84
N ARG A 673 -6.74 -9.54 38.39
CA ARG A 673 -8.03 -9.15 38.94
C ARG A 673 -9.13 -10.15 38.61
N ASP A 674 -8.94 -10.97 37.58
CA ASP A 674 -9.91 -11.97 37.18
C ASP A 674 -9.70 -13.30 37.88
N ASN A 675 -8.73 -13.39 38.79
CA ASN A 675 -8.45 -14.62 39.53
C ASN A 675 -8.04 -15.74 38.58
N LEU A 676 -7.04 -15.44 37.74
CA LEU A 676 -6.54 -16.39 36.74
C LEU A 676 -5.11 -16.80 37.01
N GLU A 677 -4.62 -16.63 38.24
CA GLU A 677 -3.28 -17.04 38.67
C GLU A 677 -2.24 -16.63 37.63
N PRO A 678 -2.12 -15.34 37.34
CA PRO A 678 -1.13 -14.89 36.36
C PRO A 678 0.28 -15.12 36.86
N GLY A 679 1.19 -15.31 35.92
CA GLY A 679 2.59 -15.51 36.25
C GLY A 679 3.46 -14.85 35.21
N THR A 680 4.69 -14.54 35.62
CA THR A 680 5.64 -13.86 34.77
C THR A 680 6.99 -14.55 34.87
N PHE A 681 7.76 -14.48 33.78
CA PHE A 681 9.11 -15.03 33.74
C PHE A 681 10.17 -14.01 34.09
N ASP A 682 10.01 -12.76 33.64
CA ASP A 682 10.91 -11.67 34.02
C ASP A 682 10.08 -10.38 34.03
N LEU A 683 9.56 -10.03 35.20
CA LEU A 683 8.76 -8.82 35.31
C LEU A 683 9.64 -7.58 35.33
N GLY A 684 10.84 -7.68 35.91
CA GLY A 684 11.75 -6.55 35.89
C GLY A 684 12.12 -6.14 34.48
N GLY A 685 12.28 -7.12 33.58
CA GLY A 685 12.54 -6.77 32.19
C GLY A 685 11.40 -6.00 31.56
N LEU A 686 10.16 -6.41 31.82
CA LEU A 686 9.01 -5.68 31.30
C LEU A 686 8.97 -4.27 31.87
N TYR A 687 9.24 -4.12 33.16
CA TYR A 687 9.24 -2.79 33.78
C TYR A 687 10.30 -1.91 33.12
N GLU A 688 11.51 -2.45 32.92
CA GLU A 688 12.56 -1.68 32.27
C GLU A 688 12.18 -1.32 30.84
N ALA A 689 11.48 -2.22 30.15
CA ALA A 689 11.00 -1.91 28.81
C ALA A 689 9.99 -0.78 28.81
N ILE A 690 9.11 -0.73 29.80
CA ILE A 690 8.14 0.34 29.88
C ILE A 690 8.83 1.66 30.23
N GLU A 691 9.74 1.62 31.19
CA GLU A 691 10.32 2.85 31.72
C GLU A 691 11.27 3.53 30.74
N GLU A 692 11.76 2.81 29.72
CA GLU A 692 12.66 3.42 28.76
C GLU A 692 11.93 4.25 27.71
N CYS A 693 10.61 4.14 27.62
CA CYS A 693 9.84 4.96 26.69
C CYS A 693 9.50 6.33 27.24
N LEU A 694 9.61 6.54 28.55
CA LEU A 694 9.25 7.80 29.19
C LEU A 694 10.50 8.67 29.23
N ILE A 695 10.57 9.67 28.35
CA ILE A 695 11.76 10.51 28.28
C ILE A 695 11.39 11.97 28.49
N ASN A 696 10.66 12.57 27.55
CA ASN A 696 10.30 13.98 27.67
C ASN A 696 8.93 14.35 27.13
N ASP A 697 8.15 13.40 26.64
CA ASP A 697 6.88 13.78 26.03
C ASP A 697 5.83 14.00 27.11
N PRO A 698 5.19 15.17 27.18
CA PRO A 698 4.17 15.37 28.23
C PRO A 698 3.07 14.34 28.18
N TRP A 699 2.62 13.96 26.98
CA TRP A 699 1.47 13.06 26.88
C TRP A 699 1.80 11.68 27.42
N VAL A 700 2.96 11.13 27.06
CA VAL A 700 3.31 9.79 27.54
C VAL A 700 3.56 9.80 29.04
N LEU A 701 4.16 10.87 29.57
CA LEU A 701 4.35 10.96 31.01
C LEU A 701 3.02 11.05 31.74
N LEU A 702 2.06 11.80 31.19
CA LEU A 702 0.74 11.84 31.79
C LEU A 702 0.07 10.48 31.74
N ASN A 703 0.25 9.76 30.63
CA ASN A 703 -0.30 8.41 30.55
C ASN A 703 0.33 7.48 31.58
N ALA A 704 1.64 7.62 31.81
CA ALA A 704 2.30 6.81 32.83
C ALA A 704 1.79 7.15 34.22
N SER A 705 1.57 8.44 34.50
CA SER A 705 1.00 8.82 35.79
C SER A 705 -0.40 8.25 35.95
N TRP A 706 -1.19 8.28 34.88
CA TRP A 706 -2.52 7.67 34.92
C TRP A 706 -2.42 6.18 35.19
N PHE A 707 -1.45 5.51 34.58
CA PHE A 707 -1.27 4.08 34.79
C PHE A 707 -0.90 3.79 36.24
N ASN A 708 -0.02 4.60 36.82
CA ASN A 708 0.33 4.43 38.23
C ASN A 708 -0.89 4.63 39.11
N SER A 709 -1.70 5.65 38.83
CA SER A 709 -2.92 5.86 39.60
C SER A 709 -3.88 4.69 39.47
N PHE A 710 -3.99 4.13 38.26
CA PHE A 710 -4.87 2.99 38.05
C PHE A 710 -4.38 1.77 38.83
N LEU A 711 -3.07 1.54 38.84
CA LEU A 711 -2.51 0.46 39.64
C LEU A 711 -2.81 0.68 41.13
N THR A 712 -2.64 1.92 41.60
CA THR A 712 -2.90 2.19 43.01
C THR A 712 -4.37 1.94 43.36
N HIS A 713 -5.28 2.38 42.50
CA HIS A 713 -6.71 2.17 42.75
C HIS A 713 -7.08 0.71 42.53
N ALA A 714 -6.49 0.06 41.54
CA ALA A 714 -6.67 -1.37 41.34
C ALA A 714 -5.85 -2.12 42.38
N LEU A 715 -5.79 -3.45 42.28
CA LEU A 715 -5.03 -4.26 43.21
C LEU A 715 -5.54 -4.08 44.63
N ARG A 716 -6.85 -4.30 44.80
CA ARG A 716 -7.50 -4.15 46.10
C ARG A 716 -8.58 -5.20 46.27
N MET B 1 -11.87 17.86 39.98
CA MET B 1 -11.77 16.46 39.49
C MET B 1 -10.85 16.38 38.27
N ASP B 2 -9.94 15.40 38.29
CA ASP B 2 -9.01 15.18 37.20
C ASP B 2 -9.46 13.98 36.37
N VAL B 3 -9.61 14.18 35.07
CA VAL B 3 -10.07 13.12 34.18
C VAL B 3 -8.93 12.15 33.92
N ASN B 4 -9.24 10.86 33.92
CA ASN B 4 -8.25 9.82 33.68
C ASN B 4 -8.89 8.65 32.95
N PRO B 5 -8.69 8.52 31.64
CA PRO B 5 -9.34 7.43 30.90
C PRO B 5 -8.94 6.04 31.39
N THR B 6 -7.69 5.87 31.84
CA THR B 6 -7.23 4.54 32.23
C THR B 6 -8.10 3.95 33.34
N LEU B 7 -8.62 4.78 34.24
CA LEU B 7 -9.47 4.28 35.31
C LEU B 7 -10.70 3.59 34.77
N LEU B 8 -11.06 3.83 33.52
CA LEU B 8 -12.17 3.13 32.89
C LEU B 8 -11.98 1.62 32.94
N PHE B 9 -10.74 1.15 33.01
CA PHE B 9 -10.49 -0.29 33.07
C PHE B 9 -10.90 -0.89 34.41
N LEU B 10 -11.19 -0.08 35.42
CA LEU B 10 -11.65 -0.61 36.70
C LEU B 10 -13.06 -1.16 36.63
N LYS B 11 -13.83 -0.79 35.62
CA LYS B 11 -15.19 -1.29 35.41
C LYS B 11 -15.31 -2.11 34.14
N VAL B 12 -14.67 -1.70 33.06
CA VAL B 12 -14.67 -2.43 31.80
C VAL B 12 -13.40 -3.29 31.75
N PRO B 13 -13.50 -4.61 31.57
CA PRO B 13 -12.29 -5.44 31.49
C PRO B 13 -11.31 -4.90 30.45
N ALA B 14 -10.03 -5.27 30.59
CA ALA B 14 -9.01 -4.70 29.73
C ALA B 14 -9.26 -5.02 28.26
N GLN B 15 -9.63 -6.27 27.97
CA GLN B 15 -9.81 -6.66 26.58
C GLN B 15 -11.07 -6.07 25.96
N ASN B 16 -12.11 -5.84 26.76
CA ASN B 16 -13.34 -5.24 26.24
C ASN B 16 -13.15 -3.77 25.86
N ALA B 17 -12.07 -3.14 26.29
CA ALA B 17 -11.77 -1.76 25.93
C ALA B 17 -10.33 -1.60 25.49
N ILE B 18 -9.73 -2.67 24.94
CA ILE B 18 -8.33 -2.63 24.54
C ILE B 18 -8.10 -1.63 23.41
N SER B 19 -9.14 -1.30 22.64
CA SER B 19 -8.97 -0.36 21.55
C SER B 19 -8.46 0.98 22.04
N THR B 20 -8.78 1.35 23.29
CA THR B 20 -8.31 2.60 23.84
C THR B 20 -6.80 2.64 24.01
N THR B 21 -6.14 1.47 24.07
CA THR B 21 -4.71 1.39 24.30
C THR B 21 -3.90 1.33 23.01
N PHE B 22 -4.49 1.74 21.88
CA PHE B 22 -3.83 1.70 20.58
C PHE B 22 -3.82 3.12 20.00
N PRO B 23 -2.73 3.87 20.20
CA PRO B 23 -2.67 5.25 19.68
C PRO B 23 -2.39 5.28 18.17
N TYR B 24 -3.33 4.74 17.39
CA TYR B 24 -3.19 4.65 15.94
C TYR B 24 -3.89 5.80 15.23
N THR B 25 -4.04 6.95 15.89
CA THR B 25 -4.60 8.14 15.29
C THR B 25 -3.55 9.21 14.99
N GLY B 26 -2.28 8.94 15.31
CA GLY B 26 -1.21 9.88 15.05
C GLY B 26 -0.20 9.31 14.07
N ASP B 27 0.76 10.15 13.71
CA ASP B 27 1.77 9.76 12.74
C ASP B 27 2.64 8.65 13.33
N PRO B 28 2.81 7.53 12.63
CA PRO B 28 3.68 6.47 13.15
C PRO B 28 5.14 6.87 13.04
N PRO B 29 6.01 6.27 13.86
CA PRO B 29 7.43 6.65 13.81
C PRO B 29 8.05 6.32 12.46
N TYR B 30 8.94 7.20 12.01
CA TYR B 30 9.70 7.01 10.79
C TYR B 30 11.18 7.19 11.05
N SER B 31 11.99 6.46 10.29
CA SER B 31 13.42 6.70 10.26
C SER B 31 13.74 7.87 9.33
N HIS B 32 14.79 8.61 9.68
CA HIS B 32 15.13 9.82 8.95
C HIS B 32 16.36 9.68 8.06
N GLY B 33 17.40 8.99 8.53
CA GLY B 33 18.64 8.90 7.78
C GLY B 33 19.09 7.50 7.47
N THR B 34 20.39 7.25 7.60
CA THR B 34 20.97 5.98 7.21
C THR B 34 20.50 4.86 8.15
N GLY B 35 20.48 3.64 7.62
CA GLY B 35 20.23 2.46 8.41
C GLY B 35 21.49 1.65 8.63
N THR B 36 22.64 2.25 8.35
CA THR B 36 23.91 1.54 8.49
C THR B 36 24.16 1.16 9.96
N GLY B 37 23.86 2.06 10.88
CA GLY B 37 24.06 1.74 12.29
C GLY B 37 23.27 0.51 12.72
N TYR B 38 22.00 0.46 12.32
CA TYR B 38 21.18 -0.70 12.66
C TYR B 38 21.69 -1.97 12.01
N THR B 39 22.15 -1.88 10.77
CA THR B 39 22.69 -3.06 10.09
C THR B 39 23.92 -3.59 10.82
N MET B 40 24.84 -2.69 11.18
CA MET B 40 26.04 -3.10 11.90
C MET B 40 25.68 -3.69 13.25
N ASP B 41 24.74 -3.06 13.96
CA ASP B 41 24.33 -3.58 15.26
C ASP B 41 23.73 -4.97 15.13
N THR B 42 22.89 -5.18 14.12
CA THR B 42 22.27 -6.50 13.91
C THR B 42 23.34 -7.53 13.58
N VAL B 43 24.30 -7.19 12.73
CA VAL B 43 25.35 -8.15 12.38
C VAL B 43 26.15 -8.53 13.61
N ASN B 44 26.56 -7.53 14.41
CA ASN B 44 27.35 -7.82 15.60
C ASN B 44 26.53 -8.65 16.59
N ARG B 45 25.26 -8.32 16.77
CA ARG B 45 24.42 -9.05 17.71
C ARG B 45 24.24 -10.50 17.27
N THR B 46 24.02 -10.72 15.97
CA THR B 46 23.88 -12.07 15.45
C THR B 46 25.18 -12.85 15.64
N HIS B 47 26.33 -12.20 15.46
CA HIS B 47 27.60 -12.89 15.60
C HIS B 47 27.99 -13.15 17.04
N GLN B 48 27.52 -12.34 18.00
CA GLN B 48 27.90 -12.53 19.38
C GLN B 48 26.94 -13.44 20.15
N TYR B 49 25.74 -13.66 19.63
CA TYR B 49 24.88 -14.70 20.18
C TYR B 49 25.38 -16.09 19.86
N SER B 50 26.35 -16.21 18.95
CA SER B 50 26.93 -17.50 18.55
C SER B 50 28.45 -17.46 18.68
N GLU B 51 28.95 -16.67 19.63
CA GLU B 51 30.39 -16.46 19.74
C GLU B 51 31.14 -17.76 20.01
N LYS B 52 30.53 -18.69 20.72
CA LYS B 52 31.21 -19.92 21.12
C LYS B 52 31.27 -20.96 20.00
N GLY B 53 30.83 -20.63 18.79
CA GLY B 53 30.94 -21.54 17.67
C GLY B 53 32.38 -21.69 17.22
N ARG B 54 32.58 -22.10 15.97
CA ARG B 54 33.91 -22.25 15.41
C ARG B 54 34.05 -21.40 14.15
N TRP B 55 35.21 -20.79 13.98
CA TRP B 55 35.47 -19.86 12.88
C TRP B 55 36.13 -20.59 11.72
N THR B 56 35.79 -20.16 10.51
CA THR B 56 36.41 -20.67 9.30
C THR B 56 36.48 -19.54 8.29
N THR B 57 37.23 -19.76 7.22
CA THR B 57 37.33 -18.80 6.13
C THR B 57 36.95 -19.50 4.82
N ASN B 58 35.89 -19.02 4.18
CA ASN B 58 35.44 -19.63 2.94
C ASN B 58 36.53 -19.51 1.87
N THR B 59 36.79 -20.62 1.18
CA THR B 59 37.82 -20.64 0.15
C THR B 59 37.38 -19.92 -1.12
N GLU B 60 36.08 -19.74 -1.33
CA GLU B 60 35.58 -19.06 -2.52
C GLU B 60 35.43 -17.56 -2.28
N THR B 61 34.65 -17.17 -1.28
CA THR B 61 34.44 -15.76 -0.99
C THR B 61 35.51 -15.16 -0.09
N GLY B 62 36.32 -15.98 0.57
CA GLY B 62 37.36 -15.47 1.44
C GLY B 62 36.85 -14.73 2.65
N ALA B 63 35.59 -14.91 3.02
CA ALA B 63 35.01 -14.21 4.15
C ALA B 63 35.00 -15.09 5.39
N PRO B 64 35.15 -14.50 6.58
CA PRO B 64 35.08 -15.30 7.82
C PRO B 64 33.63 -15.68 8.13
N GLN B 65 33.43 -16.96 8.44
CA GLN B 65 32.12 -17.50 8.77
C GLN B 65 32.18 -18.22 10.11
N LEU B 66 31.09 -18.10 10.87
CA LEU B 66 30.99 -18.66 12.21
C LEU B 66 29.93 -19.75 12.22
N ASN B 67 30.33 -20.97 12.59
CA ASN B 67 29.42 -22.10 12.65
C ASN B 67 29.18 -22.49 14.09
N PRO B 68 28.00 -22.23 14.67
CA PRO B 68 27.76 -22.60 16.06
C PRO B 68 27.05 -23.94 16.22
N ILE B 69 26.62 -24.53 15.10
CA ILE B 69 25.86 -25.76 15.18
C ILE B 69 26.65 -26.81 15.92
N ASP B 70 25.96 -27.60 16.75
CA ASP B 70 26.57 -28.61 17.60
C ASP B 70 27.59 -28.00 18.55
N GLY B 71 27.46 -26.71 18.86
CA GLY B 71 28.35 -26.07 19.78
C GLY B 71 27.98 -26.39 21.22
N PRO B 72 28.72 -25.80 22.15
CA PRO B 72 28.45 -26.08 23.57
C PRO B 72 27.02 -25.70 23.94
N LEU B 73 26.42 -26.52 24.79
CA LEU B 73 25.06 -26.26 25.22
C LEU B 73 25.01 -24.99 26.07
N PRO B 74 23.95 -24.20 25.95
CA PRO B 74 23.87 -22.96 26.73
C PRO B 74 23.80 -23.25 28.23
N GLU B 75 24.42 -22.38 29.01
CA GLU B 75 24.39 -22.46 30.47
C GLU B 75 23.71 -21.26 31.10
N ASP B 76 23.05 -20.44 30.30
CA ASP B 76 22.32 -19.28 30.80
C ASP B 76 21.08 -19.06 29.93
N ASN B 77 20.18 -18.21 30.41
CA ASN B 77 18.92 -17.94 29.73
C ASN B 77 19.05 -16.88 28.64
N GLU B 78 20.26 -16.41 28.36
CA GLU B 78 20.45 -15.44 27.31
C GLU B 78 20.22 -16.09 25.94
N PRO B 79 19.93 -15.29 24.91
CA PRO B 79 19.71 -15.87 23.59
C PRO B 79 20.94 -16.64 23.11
N SER B 80 20.69 -17.75 22.44
CA SER B 80 21.77 -18.62 21.96
C SER B 80 21.37 -19.23 20.63
N GLY B 81 22.32 -19.28 19.70
CA GLY B 81 22.08 -19.86 18.39
C GLY B 81 22.76 -21.20 18.21
N TYR B 82 23.08 -21.88 19.32
CA TYR B 82 23.78 -23.16 19.27
C TYR B 82 22.78 -24.30 19.13
N ALA B 83 22.19 -24.39 17.94
CA ALA B 83 21.28 -25.47 17.62
C ALA B 83 22.05 -26.77 17.41
N GLN B 84 21.44 -27.88 17.81
CA GLN B 84 22.06 -29.20 17.72
C GLN B 84 21.45 -29.95 16.55
N THR B 85 22.30 -30.45 15.64
CA THR B 85 21.81 -31.09 14.43
C THR B 85 20.95 -32.32 14.76
N ASP B 86 21.44 -33.16 15.67
CA ASP B 86 20.73 -34.39 15.98
C ASP B 86 19.36 -34.10 16.58
N CYS B 87 19.28 -33.11 17.47
CA CYS B 87 18.01 -32.77 18.09
C CYS B 87 16.97 -32.33 17.07
N VAL B 88 17.38 -31.47 16.14
CA VAL B 88 16.44 -30.96 15.14
C VAL B 88 16.06 -32.05 14.16
N LEU B 89 17.01 -32.92 13.79
CA LEU B 89 16.65 -34.04 12.94
C LEU B 89 15.65 -34.96 13.63
N GLU B 90 15.83 -35.20 14.93
CA GLU B 90 14.89 -36.00 15.68
C GLU B 90 13.53 -35.33 15.76
N ALA B 91 13.51 -34.00 15.95
CA ALA B 91 12.24 -33.28 15.97
C ALA B 91 11.51 -33.41 14.64
N MET B 92 12.23 -33.28 13.53
CA MET B 92 11.61 -33.46 12.22
C MET B 92 11.13 -34.89 12.02
N ALA B 93 11.90 -35.87 12.52
CA ALA B 93 11.47 -37.26 12.41
C ALA B 93 10.18 -37.50 13.19
N PHE B 94 10.07 -36.93 14.39
CA PHE B 94 8.83 -37.08 15.15
C PHE B 94 7.68 -36.35 14.46
N LEU B 95 7.96 -35.19 13.85
CA LEU B 95 6.93 -34.50 13.09
C LEU B 95 6.42 -35.39 11.95
N GLU B 96 7.34 -36.07 11.26
CA GLU B 96 6.94 -36.98 10.19
C GLU B 96 6.13 -38.15 10.74
N GLU B 97 6.57 -38.71 11.88
CA GLU B 97 5.87 -39.85 12.45
C GLU B 97 4.45 -39.50 12.84
N SER B 98 4.26 -38.33 13.45
CA SER B 98 2.92 -37.90 13.83
C SER B 98 2.07 -37.55 12.62
N HIS B 99 2.69 -37.22 11.49
CA HIS B 99 1.98 -36.88 10.25
C HIS B 99 2.61 -37.66 9.11
N PRO B 100 2.38 -38.96 9.03
CA PRO B 100 2.99 -39.77 7.98
C PRO B 100 2.59 -39.29 6.59
N GLY B 101 3.54 -39.36 5.66
CA GLY B 101 3.30 -38.97 4.29
C GLY B 101 3.33 -37.49 4.03
N ILE B 102 3.62 -36.66 5.03
CA ILE B 102 3.62 -35.21 4.84
C ILE B 102 4.75 -34.80 3.90
N PHE B 103 5.98 -35.24 4.21
CA PHE B 103 7.13 -34.78 3.44
C PHE B 103 7.08 -35.30 2.01
N GLU B 104 6.74 -36.58 1.83
CA GLU B 104 6.73 -37.16 0.49
C GLU B 104 5.72 -36.45 -0.39
N ASN B 105 4.50 -36.27 0.12
CA ASN B 105 3.49 -35.57 -0.67
C ASN B 105 3.95 -34.16 -1.00
N SER B 106 4.31 -33.39 0.03
CA SER B 106 4.68 -32.00 -0.20
C SER B 106 5.80 -31.89 -1.23
N CYS B 107 6.77 -32.82 -1.16
CA CYS B 107 7.83 -32.85 -2.15
C CYS B 107 7.29 -33.16 -3.54
N LEU B 108 6.28 -34.02 -3.63
CA LEU B 108 5.71 -34.33 -4.94
C LEU B 108 5.09 -33.09 -5.58
N GLU B 109 4.21 -32.40 -4.85
CA GLU B 109 3.63 -31.18 -5.43
C GLU B 109 4.70 -30.12 -5.70
N THR B 110 5.69 -30.00 -4.82
CA THR B 110 6.74 -29.03 -5.07
C THR B 110 7.54 -29.38 -6.31
N MET B 111 7.79 -30.67 -6.54
CA MET B 111 8.49 -31.10 -7.75
C MET B 111 7.68 -30.77 -8.99
N GLU B 112 6.37 -31.01 -8.95
CA GLU B 112 5.51 -30.62 -10.05
C GLU B 112 5.65 -29.13 -10.35
N VAL B 113 5.51 -28.31 -9.30
CA VAL B 113 5.54 -26.86 -9.49
C VAL B 113 6.90 -26.41 -10.03
N VAL B 114 7.99 -26.94 -9.46
CA VAL B 114 9.32 -26.52 -9.88
C VAL B 114 9.55 -26.87 -11.35
N GLN B 115 9.13 -28.07 -11.76
CA GLN B 115 9.39 -28.45 -13.14
C GLN B 115 8.39 -27.87 -14.13
N GLN B 116 7.30 -27.23 -13.65
CA GLN B 116 6.41 -26.52 -14.55
C GLN B 116 6.40 -25.01 -14.32
N THR B 117 7.18 -24.50 -13.38
CA THR B 117 7.21 -23.07 -13.12
C THR B 117 7.93 -22.35 -14.27
N ARG B 118 7.56 -21.07 -14.44
CA ARG B 118 8.12 -20.23 -15.50
C ARG B 118 8.98 -19.14 -14.88
N VAL B 119 9.75 -18.47 -15.74
CA VAL B 119 10.61 -17.38 -15.28
C VAL B 119 9.80 -16.17 -14.85
N ASP B 120 8.71 -15.88 -15.56
CA ASP B 120 7.95 -14.67 -15.30
C ASP B 120 7.42 -14.60 -13.89
N LYS B 121 7.31 -15.74 -13.20
CA LYS B 121 6.85 -15.73 -11.82
C LYS B 121 7.74 -14.88 -10.92
N LEU B 122 9.00 -14.67 -11.32
CA LEU B 122 9.89 -13.83 -10.52
C LEU B 122 9.57 -12.34 -10.64
N THR B 123 8.83 -11.95 -11.68
CA THR B 123 8.46 -10.54 -11.82
C THR B 123 7.41 -10.12 -10.80
N GLN B 124 6.64 -11.09 -10.28
CA GLN B 124 5.59 -10.81 -9.31
C GLN B 124 6.18 -10.67 -7.90
N GLY B 125 7.03 -9.66 -7.75
CA GLY B 125 7.68 -9.39 -6.48
C GLY B 125 8.00 -7.93 -6.34
N ARG B 126 8.14 -7.50 -5.08
CA ARG B 126 8.47 -6.11 -4.78
C ARG B 126 9.97 -5.88 -4.91
N GLN B 127 10.45 -4.74 -4.43
CA GLN B 127 11.84 -4.33 -4.65
C GLN B 127 12.81 -5.48 -4.41
N THR B 128 13.79 -5.59 -5.30
CA THR B 128 14.85 -6.58 -5.18
C THR B 128 16.18 -5.90 -5.47
N TYR B 129 17.25 -6.43 -4.88
CA TYR B 129 18.57 -5.82 -4.99
C TYR B 129 19.20 -6.24 -6.31
N ASP B 130 19.17 -5.35 -7.30
CA ASP B 130 19.88 -5.58 -8.55
C ASP B 130 21.37 -5.37 -8.33
N TRP B 131 22.16 -6.40 -8.64
CA TRP B 131 23.61 -6.33 -8.54
C TRP B 131 24.25 -5.68 -9.76
N THR B 132 23.54 -5.60 -10.88
CA THR B 132 24.09 -4.92 -12.05
C THR B 132 24.34 -3.46 -11.76
N LEU B 133 23.53 -2.86 -10.89
CA LEU B 133 23.68 -1.46 -10.51
C LEU B 133 23.95 -1.29 -9.02
N ASN B 134 23.96 -2.38 -8.24
CA ASN B 134 24.18 -2.30 -6.80
C ASN B 134 23.14 -1.43 -6.13
N ARG B 135 21.86 -1.70 -6.41
CA ARG B 135 20.81 -0.90 -5.81
C ARG B 135 19.48 -1.63 -5.92
N ASN B 136 18.52 -1.21 -5.10
CA ASN B 136 17.20 -1.80 -5.13
C ASN B 136 16.40 -1.28 -6.32
N GLN B 137 15.78 -2.19 -7.05
CA GLN B 137 14.98 -1.85 -8.21
C GLN B 137 13.81 -2.81 -8.27
N PRO B 138 12.75 -2.47 -9.03
CA PRO B 138 11.61 -3.38 -9.12
C PRO B 138 12.03 -4.74 -9.64
N ALA B 139 11.32 -5.78 -9.18
CA ALA B 139 11.71 -7.15 -9.49
C ALA B 139 11.86 -7.36 -11.00
N ALA B 140 10.90 -6.86 -11.78
CA ALA B 140 10.97 -7.05 -13.22
C ALA B 140 12.20 -6.41 -13.82
N THR B 141 12.53 -5.19 -13.37
CA THR B 141 13.70 -4.49 -13.92
C THR B 141 14.98 -5.25 -13.60
N ALA B 142 15.13 -5.70 -12.35
CA ALA B 142 16.33 -6.44 -11.97
C ALA B 142 16.42 -7.74 -12.74
N LEU B 143 15.30 -8.45 -12.90
CA LEU B 143 15.33 -9.69 -13.65
C LEU B 143 15.74 -9.45 -15.09
N ALA B 144 15.20 -8.39 -15.72
CA ALA B 144 15.56 -8.08 -17.09
C ALA B 144 17.04 -7.75 -17.21
N ASN B 145 17.57 -6.95 -16.28
CA ASN B 145 18.98 -6.60 -16.35
C ASN B 145 19.86 -7.83 -16.19
N THR B 146 19.53 -8.70 -15.23
CA THR B 146 20.33 -9.91 -15.04
C THR B 146 20.27 -10.81 -16.26
N ILE B 147 19.09 -10.96 -16.86
CA ILE B 147 18.96 -11.78 -18.06
C ILE B 147 19.79 -11.19 -19.19
N GLU B 148 19.76 -9.87 -19.35
CA GLU B 148 20.55 -9.23 -20.39
C GLU B 148 22.04 -9.48 -20.18
N VAL B 149 22.51 -9.34 -18.93
CA VAL B 149 23.92 -9.56 -18.64
C VAL B 149 24.30 -11.00 -18.91
N PHE B 150 23.45 -11.94 -18.49
CA PHE B 150 23.74 -13.36 -18.73
C PHE B 150 23.83 -13.65 -20.22
N ARG B 151 22.87 -13.14 -20.99
CA ARG B 151 22.90 -13.37 -22.43
C ARG B 151 24.13 -12.75 -23.07
N SER B 152 24.54 -11.57 -22.60
CA SER B 152 25.77 -10.96 -23.10
C SER B 152 27.00 -11.75 -22.73
N ASN B 153 26.98 -12.47 -21.61
CA ASN B 153 28.12 -13.27 -21.18
C ASN B 153 28.13 -14.67 -21.77
N GLY B 154 27.02 -15.11 -22.37
CA GLY B 154 26.97 -16.43 -22.99
C GLY B 154 26.05 -17.42 -22.28
N LEU B 155 25.33 -17.03 -21.24
CA LEU B 155 24.42 -17.92 -20.54
C LEU B 155 23.02 -17.66 -21.05
N THR B 156 22.58 -18.49 -21.99
CA THR B 156 21.32 -18.29 -22.70
C THR B 156 20.37 -19.48 -22.51
N ALA B 157 20.58 -20.30 -21.48
CA ALA B 157 19.66 -21.38 -21.22
C ALA B 157 18.30 -20.86 -20.75
N ASN B 158 18.29 -19.68 -20.13
CA ASN B 158 17.03 -19.09 -19.68
C ASN B 158 16.10 -18.79 -20.85
N GLU B 159 16.61 -18.79 -22.07
CA GLU B 159 15.75 -18.63 -23.24
C GLU B 159 14.75 -19.75 -23.35
N SER B 160 14.97 -20.88 -22.67
CA SER B 160 13.98 -21.93 -22.62
C SER B 160 12.71 -21.50 -21.91
N GLY B 161 12.74 -20.37 -21.20
CA GLY B 161 11.55 -19.86 -20.54
C GLY B 161 11.18 -20.60 -19.28
N ARG B 162 12.10 -21.34 -18.69
CA ARG B 162 11.85 -22.12 -17.49
C ARG B 162 12.68 -21.58 -16.34
N LEU B 163 12.05 -21.45 -15.17
CA LEU B 163 12.77 -20.97 -14.01
C LEU B 163 13.90 -21.91 -13.61
N ILE B 164 13.69 -23.22 -13.78
CA ILE B 164 14.75 -24.18 -13.47
C ILE B 164 15.96 -23.94 -14.37
N ASP B 165 15.72 -23.65 -15.66
CA ASP B 165 16.82 -23.33 -16.56
C ASP B 165 17.49 -22.02 -16.17
N PHE B 166 16.72 -21.04 -15.71
CA PHE B 166 17.31 -19.79 -15.24
C PHE B 166 18.24 -20.05 -14.06
N LEU B 167 17.81 -20.92 -13.13
CA LEU B 167 18.68 -21.26 -12.00
C LEU B 167 19.90 -22.05 -12.44
N LYS B 168 19.75 -22.91 -13.45
CA LYS B 168 20.91 -23.61 -14.01
C LYS B 168 21.92 -22.61 -14.54
N ASP B 169 21.45 -21.61 -15.28
CA ASP B 169 22.34 -20.56 -15.78
C ASP B 169 22.96 -19.79 -14.63
N VAL B 170 22.18 -19.50 -13.58
CA VAL B 170 22.70 -18.76 -12.44
C VAL B 170 23.86 -19.51 -11.80
N MET B 171 23.68 -20.82 -11.58
CA MET B 171 24.75 -21.61 -10.99
C MET B 171 25.95 -21.69 -11.93
N GLU B 172 25.71 -21.88 -13.23
CA GLU B 172 26.82 -21.92 -14.18
C GLU B 172 27.60 -20.61 -14.17
N SER B 173 26.94 -19.48 -13.91
CA SER B 173 27.63 -18.22 -13.83
C SER B 173 28.64 -18.20 -12.69
N MET B 174 28.42 -19.02 -11.65
CA MET B 174 29.32 -19.03 -10.51
C MET B 174 30.71 -19.54 -10.87
N ASP B 175 30.83 -20.32 -11.95
CA ASP B 175 32.09 -20.94 -12.34
C ASP B 175 32.76 -20.22 -13.49
N LYS B 176 32.41 -18.97 -13.74
CA LYS B 176 32.98 -18.20 -14.84
C LYS B 176 34.16 -17.37 -14.35
N GLU B 177 35.17 -17.24 -15.21
CA GLU B 177 36.37 -16.52 -14.82
C GLU B 177 36.17 -15.01 -14.80
N GLU B 178 35.34 -14.49 -15.71
CA GLU B 178 35.22 -13.03 -15.86
C GLU B 178 33.88 -12.73 -16.51
N MET B 179 33.01 -12.03 -15.79
CA MET B 179 31.77 -11.52 -16.34
C MET B 179 31.90 -10.04 -16.65
N GLU B 180 30.92 -9.51 -17.37
CA GLU B 180 30.93 -8.11 -17.79
C GLU B 180 29.60 -7.45 -17.45
N ILE B 181 29.67 -6.24 -16.91
CA ILE B 181 28.49 -5.46 -16.54
C ILE B 181 28.59 -4.09 -17.21
N THR B 182 27.47 -3.37 -17.20
CA THR B 182 27.34 -2.06 -17.82
C THR B 182 27.08 -1.01 -16.75
N THR B 183 27.73 0.15 -16.88
CA THR B 183 27.50 1.24 -15.95
C THR B 183 27.40 2.55 -16.71
N HIS B 184 26.49 3.42 -16.28
CA HIS B 184 26.29 4.73 -16.88
C HIS B 184 26.75 5.81 -15.92
N PHE B 185 27.36 6.85 -16.47
CA PHE B 185 27.85 7.98 -15.68
C PHE B 185 27.82 9.26 -16.50
N LYS B 207 28.23 4.70 -22.03
CA LYS B 207 28.22 3.59 -21.09
C LYS B 207 29.59 2.90 -21.04
N LYS B 208 29.94 2.37 -19.88
CA LYS B 208 31.23 1.74 -19.63
C LYS B 208 31.01 0.27 -19.33
N LYS B 209 31.80 -0.59 -19.98
CA LYS B 209 31.78 -2.02 -19.73
C LYS B 209 32.86 -2.34 -18.70
N GLN B 210 32.46 -2.93 -17.58
CA GLN B 210 33.37 -3.27 -16.50
C GLN B 210 33.42 -4.78 -16.33
N ARG B 211 34.59 -5.30 -15.96
CA ARG B 211 34.80 -6.73 -15.81
C ARG B 211 34.84 -7.11 -14.33
N LEU B 212 34.06 -8.11 -13.97
CA LEU B 212 33.99 -8.64 -12.61
C LEU B 212 34.64 -10.02 -12.59
N ASN B 213 35.60 -10.20 -11.70
CA ASN B 213 36.27 -11.49 -11.55
C ASN B 213 35.34 -12.47 -10.82
N LYS B 214 35.85 -13.66 -10.55
CA LYS B 214 35.03 -14.70 -9.94
C LYS B 214 34.58 -14.29 -8.54
N ARG B 215 35.53 -13.90 -7.69
CA ARG B 215 35.19 -13.63 -6.29
C ARG B 215 34.25 -12.43 -6.17
N SER B 216 34.50 -11.37 -6.95
CA SER B 216 33.64 -10.19 -6.87
C SER B 216 32.21 -10.53 -7.27
N TYR B 217 32.04 -11.32 -8.34
CA TYR B 217 30.70 -11.71 -8.75
C TYR B 217 30.06 -12.63 -7.71
N LEU B 218 30.84 -13.52 -7.10
CA LEU B 218 30.30 -14.37 -6.05
C LEU B 218 29.73 -13.53 -4.91
N ILE B 219 30.51 -12.53 -4.46
CA ILE B 219 30.04 -11.68 -3.37
C ILE B 219 28.86 -10.83 -3.80
N ARG B 220 28.83 -10.38 -5.06
CA ARG B 220 27.70 -9.59 -5.54
C ARG B 220 26.43 -10.44 -5.66
N ALA B 221 26.57 -11.74 -5.90
CA ALA B 221 25.42 -12.62 -5.96
C ALA B 221 24.99 -13.13 -4.60
N LEU B 222 25.88 -13.13 -3.61
CA LEU B 222 25.57 -13.60 -2.27
C LEU B 222 25.23 -12.48 -1.30
N THR B 223 25.13 -11.24 -1.78
CA THR B 223 24.97 -10.10 -0.89
C THR B 223 23.50 -9.71 -0.75
N LEU B 224 23.20 -8.98 0.32
CA LEU B 224 21.86 -8.47 0.61
C LEU B 224 21.93 -6.97 0.79
N ASN B 225 20.84 -6.28 0.46
CA ASN B 225 20.76 -4.84 0.64
C ASN B 225 19.94 -4.53 1.88
N THR B 226 20.48 -3.67 2.75
CA THR B 226 19.87 -3.37 4.04
C THR B 226 19.24 -1.98 4.01
N MET B 227 18.03 -1.88 4.55
CA MET B 227 17.30 -0.62 4.66
C MET B 227 16.69 -0.54 6.05
N THR B 228 16.10 0.62 6.35
CA THR B 228 15.45 0.85 7.63
C THR B 228 13.93 0.77 7.43
N LYS B 229 13.26 0.04 8.32
CA LYS B 229 11.82 -0.17 8.22
C LYS B 229 11.10 1.03 8.82
N ASP B 230 10.24 1.67 8.03
CA ASP B 230 9.45 2.80 8.47
C ASP B 230 7.98 2.38 8.67
N ALA B 231 7.22 3.27 9.30
CA ALA B 231 5.81 3.02 9.57
C ALA B 231 5.62 1.75 10.40
N GLU B 232 6.50 1.57 11.38
CA GLU B 232 6.45 0.42 12.28
C GLU B 232 5.97 0.88 13.64
N ARG B 233 4.74 0.51 13.99
CA ARG B 233 4.09 0.95 15.22
C ARG B 233 4.24 -0.13 16.28
N GLY B 234 4.64 0.28 17.49
CA GLY B 234 4.68 -0.62 18.62
C GLY B 234 6.03 -0.79 19.26
N LYS B 235 6.97 0.10 18.96
CA LYS B 235 8.29 0.02 19.58
C LYS B 235 9.00 1.35 19.45
N LEU B 236 9.84 1.65 20.45
CA LEU B 236 10.54 2.92 20.51
C LEU B 236 11.71 2.98 19.53
N LYS B 237 12.38 1.86 19.29
CA LYS B 237 13.59 1.83 18.49
C LYS B 237 13.28 1.33 17.08
N ARG B 238 14.06 1.82 16.12
CA ARG B 238 13.94 1.39 14.73
C ARG B 238 14.73 0.11 14.49
N ARG B 239 14.33 -0.63 13.46
CA ARG B 239 14.98 -1.86 13.08
C ARG B 239 15.44 -1.80 11.64
N ALA B 240 16.20 -2.80 11.23
CA ALA B 240 16.71 -2.93 9.87
C ALA B 240 16.13 -4.16 9.20
N ILE B 241 15.90 -4.06 7.89
CA ILE B 241 15.38 -5.16 7.09
C ILE B 241 16.28 -5.33 5.88
N ALA B 242 16.16 -6.49 5.25
CA ALA B 242 17.05 -6.86 4.16
C ALA B 242 16.24 -7.29 2.94
N THR B 243 16.88 -7.12 1.78
CA THR B 243 16.32 -7.49 0.50
C THR B 243 17.38 -8.26 -0.29
N PRO B 244 17.09 -9.48 -0.74
CA PRO B 244 18.10 -10.26 -1.47
C PRO B 244 18.12 -9.92 -2.95
N GLY B 245 19.06 -10.55 -3.65
CA GLY B 245 19.23 -10.33 -5.08
C GLY B 245 18.26 -11.17 -5.89
N MET B 246 18.56 -11.28 -7.18
CA MET B 246 17.72 -12.04 -8.11
C MET B 246 18.24 -13.44 -8.37
N GLN B 247 19.54 -13.70 -8.16
CA GLN B 247 20.07 -15.03 -8.37
C GLN B 247 19.49 -16.02 -7.37
N ILE B 248 19.18 -15.56 -6.16
CA ILE B 248 18.78 -16.45 -5.07
C ILE B 248 17.28 -16.48 -4.85
N ARG B 249 16.51 -15.65 -5.56
CA ARG B 249 15.08 -15.58 -5.32
C ARG B 249 14.32 -16.78 -5.88
N GLY B 250 14.81 -17.41 -6.94
CA GLY B 250 14.13 -18.59 -7.45
C GLY B 250 14.21 -19.77 -6.48
N PHE B 251 15.40 -20.01 -5.93
CA PHE B 251 15.55 -21.06 -4.92
C PHE B 251 14.69 -20.76 -3.71
N VAL B 252 14.64 -19.50 -3.30
CA VAL B 252 13.80 -19.12 -2.16
C VAL B 252 12.34 -19.37 -2.49
N TYR B 253 11.92 -19.07 -3.73
CA TYR B 253 10.55 -19.32 -4.13
C TYR B 253 10.21 -20.79 -4.04
N PHE B 254 11.09 -21.65 -4.53
CA PHE B 254 10.84 -23.10 -4.48
C PHE B 254 10.80 -23.59 -3.04
N VAL B 255 11.75 -23.14 -2.22
CA VAL B 255 11.79 -23.58 -0.83
C VAL B 255 10.53 -23.14 -0.08
N GLU B 256 10.10 -21.91 -0.31
CA GLU B 256 8.89 -21.42 0.35
C GLU B 256 7.64 -22.12 -0.19
N THR B 257 7.64 -22.51 -1.47
CA THR B 257 6.53 -23.31 -1.97
C THR B 257 6.45 -24.64 -1.23
N LEU B 258 7.60 -25.30 -1.04
CA LEU B 258 7.61 -26.55 -0.28
C LEU B 258 7.14 -26.32 1.15
N ALA B 259 7.65 -25.27 1.79
CA ALA B 259 7.28 -25.01 3.18
C ALA B 259 5.80 -24.69 3.32
N ARG B 260 5.24 -23.94 2.37
CA ARG B 260 3.81 -23.65 2.40
C ARG B 260 2.99 -24.92 2.20
N SER B 261 3.39 -25.77 1.25
CA SER B 261 2.68 -27.02 1.07
C SER B 261 2.74 -27.88 2.32
N ILE B 262 3.85 -27.82 3.05
CA ILE B 262 3.98 -28.59 4.29
C ILE B 262 3.07 -28.02 5.37
N CYS B 263 3.17 -26.70 5.59
CA CYS B 263 2.41 -26.07 6.67
C CYS B 263 0.90 -26.17 6.43
N GLU B 264 0.47 -26.17 5.16
CA GLU B 264 -0.95 -26.34 4.89
C GLU B 264 -1.48 -27.65 5.41
N LYS B 265 -0.61 -28.64 5.63
CA LYS B 265 -1.00 -29.92 6.20
C LYS B 265 -0.85 -29.97 7.71
N LEU B 266 -0.43 -28.87 8.33
CA LEU B 266 -0.25 -28.79 9.78
C LEU B 266 -1.29 -27.82 10.34
N GLU B 267 -2.11 -28.31 11.26
CA GLU B 267 -3.11 -27.47 11.89
C GLU B 267 -2.53 -26.58 12.98
N GLN B 268 -1.32 -26.89 13.46
CA GLN B 268 -0.70 -26.07 14.49
C GLN B 268 -0.03 -24.83 13.93
N SER B 269 0.13 -24.75 12.61
CA SER B 269 0.70 -23.56 11.98
C SER B 269 -0.40 -22.55 11.66
N GLY B 270 -0.03 -21.28 11.65
CA GLY B 270 -0.98 -20.22 11.39
C GLY B 270 -0.43 -19.13 10.48
N LEU B 271 0.71 -19.39 9.85
CA LEU B 271 1.38 -18.42 9.01
C LEU B 271 0.76 -18.34 7.61
N PRO B 272 0.47 -19.47 6.96
CA PRO B 272 -0.08 -19.42 5.60
C PRO B 272 -1.57 -19.14 5.53
N VAL B 273 -2.21 -18.74 6.63
CA VAL B 273 -3.64 -18.46 6.63
C VAL B 273 -3.86 -16.99 6.93
N GLY B 274 -5.13 -16.55 6.92
CA GLY B 274 -5.47 -15.19 7.23
C GLY B 274 -5.70 -15.00 8.72
N GLY B 275 -6.35 -13.87 9.04
CA GLY B 275 -6.60 -13.56 10.45
C GLY B 275 -7.76 -14.35 11.03
N ASN B 276 -8.88 -14.41 10.30
CA ASN B 276 -10.05 -15.12 10.81
C ASN B 276 -9.76 -16.61 10.98
N GLU B 277 -9.02 -17.20 10.04
CA GLU B 277 -8.60 -18.59 10.19
C GLU B 277 -7.72 -18.76 11.42
N LYS B 278 -6.84 -17.78 11.65
CA LYS B 278 -6.00 -17.81 12.85
C LYS B 278 -6.85 -17.84 14.11
N LYS B 279 -7.86 -16.97 14.17
CA LYS B 279 -8.75 -16.93 15.33
C LYS B 279 -9.50 -18.24 15.49
N ALA B 280 -9.99 -18.80 14.39
CA ALA B 280 -10.73 -20.06 14.46
C ALA B 280 -9.84 -21.18 15.00
N LYS B 281 -8.62 -21.27 14.50
CA LYS B 281 -7.71 -22.32 14.97
C LYS B 281 -7.34 -22.11 16.43
N LEU B 282 -7.14 -20.85 16.85
CA LEU B 282 -6.84 -20.58 18.26
C LEU B 282 -8.00 -21.03 19.14
N ALA B 283 -9.23 -20.69 18.76
CA ALA B 283 -10.39 -21.11 19.53
C ALA B 283 -10.49 -22.63 19.59
N ASN B 284 -10.27 -23.29 18.45
CA ASN B 284 -10.34 -24.75 18.42
C ASN B 284 -9.30 -25.37 19.35
N VAL B 285 -8.06 -24.87 19.31
CA VAL B 285 -7.02 -25.47 20.12
C VAL B 285 -7.26 -25.23 21.61
N VAL B 286 -7.71 -24.02 21.98
CA VAL B 286 -7.97 -23.77 23.40
C VAL B 286 -9.12 -24.65 23.88
N ARG B 287 -10.18 -24.78 23.08
CA ARG B 287 -11.29 -25.64 23.49
C ARG B 287 -10.85 -27.09 23.60
N LYS B 288 -10.04 -27.56 22.65
CA LYS B 288 -9.54 -28.93 22.70
C LYS B 288 -8.72 -29.18 23.96
N MET B 289 -7.82 -28.25 24.27
CA MET B 289 -6.92 -28.45 25.41
C MET B 289 -7.69 -28.39 26.72
N MET B 290 -8.54 -27.38 26.89
CA MET B 290 -9.24 -27.21 28.16
C MET B 290 -10.34 -28.25 28.33
N THR B 291 -11.12 -28.49 27.27
CA THR B 291 -12.25 -29.40 27.37
C THR B 291 -11.81 -30.82 27.69
N ASN B 292 -10.78 -31.30 26.99
CA ASN B 292 -10.28 -32.66 27.25
C ASN B 292 -9.70 -32.76 28.65
N SER B 293 -9.18 -31.67 29.19
CA SER B 293 -8.65 -31.67 30.55
C SER B 293 -9.79 -31.89 31.55
N GLN B 294 -9.61 -32.85 32.45
CA GLN B 294 -10.61 -33.14 33.46
C GLN B 294 -10.45 -32.18 34.64
N ASP B 295 -11.27 -32.38 35.67
CA ASP B 295 -11.21 -31.51 36.84
C ASP B 295 -9.86 -31.57 37.52
N THR B 296 -9.17 -32.71 37.44
CA THR B 296 -7.90 -32.86 38.16
C THR B 296 -6.77 -32.11 37.47
N GLU B 297 -6.80 -32.04 36.14
CA GLU B 297 -5.73 -31.37 35.39
C GLU B 297 -5.95 -29.87 35.36
N LEU B 298 -4.91 -29.12 35.69
CA LEU B 298 -4.89 -27.68 35.54
C LEU B 298 -4.35 -27.31 34.16
N SER B 299 -4.80 -26.14 33.67
CA SER B 299 -4.45 -25.65 32.35
C SER B 299 -3.92 -24.24 32.45
N PHE B 300 -2.86 -23.95 31.70
CA PHE B 300 -2.25 -22.62 31.70
C PHE B 300 -1.88 -22.22 30.29
N THR B 301 -2.14 -20.96 29.95
CA THR B 301 -1.79 -20.40 28.65
C THR B 301 -0.62 -19.45 28.80
N ILE B 302 0.38 -19.64 27.95
CA ILE B 302 1.55 -18.77 27.86
C ILE B 302 1.44 -17.97 26.57
N THR B 303 1.48 -16.64 26.71
CA THR B 303 1.41 -15.73 25.56
C THR B 303 2.83 -15.32 25.20
N GLY B 304 3.51 -16.18 24.46
CA GLY B 304 4.96 -16.08 24.30
C GLY B 304 5.37 -15.35 23.04
N ASP B 305 6.40 -14.53 23.18
CA ASP B 305 7.10 -13.90 22.07
C ASP B 305 8.56 -14.33 22.11
N ASN B 306 9.15 -14.53 20.93
CA ASN B 306 10.51 -15.01 20.82
C ASN B 306 11.45 -13.84 20.57
N THR B 307 12.44 -13.67 21.45
CA THR B 307 13.40 -12.60 21.31
C THR B 307 14.47 -12.98 20.30
N LYS B 308 14.75 -12.06 19.38
CA LYS B 308 15.77 -12.26 18.35
C LYS B 308 15.51 -13.55 17.57
N TRP B 309 14.29 -13.62 17.03
CA TRP B 309 13.87 -14.83 16.32
C TRP B 309 14.73 -15.08 15.10
N ASN B 310 14.90 -14.07 14.25
CA ASN B 310 15.60 -14.27 12.98
C ASN B 310 17.11 -14.37 13.18
N GLU B 311 17.65 -13.68 14.19
CA GLU B 311 19.10 -13.66 14.37
C GLU B 311 19.65 -14.98 14.89
N ASN B 312 18.80 -15.87 15.41
CA ASN B 312 19.24 -17.11 16.02
C ASN B 312 18.89 -18.34 15.18
N GLN B 313 18.41 -18.15 13.95
CA GLN B 313 18.05 -19.26 13.07
C GLN B 313 19.16 -19.43 12.05
N ASN B 314 19.92 -20.51 12.17
CA ASN B 314 21.08 -20.73 11.31
C ASN B 314 20.65 -21.37 9.99
N PRO B 315 21.06 -20.83 8.84
CA PRO B 315 20.66 -21.45 7.56
C PRO B 315 21.10 -22.89 7.41
N ARG B 316 22.22 -23.27 8.02
CA ARG B 316 22.65 -24.66 7.94
C ARG B 316 21.60 -25.60 8.51
N MET B 317 20.89 -25.16 9.54
CA MET B 317 19.86 -26.00 10.13
C MET B 317 18.67 -26.12 9.19
N PHE B 318 18.34 -25.06 8.47
CA PHE B 318 17.31 -25.17 7.43
C PHE B 318 17.75 -26.12 6.33
N LEU B 319 19.04 -26.11 5.97
CA LEU B 319 19.55 -27.09 5.03
C LEU B 319 19.33 -28.50 5.54
N ALA B 320 19.63 -28.74 6.82
CA ALA B 320 19.42 -30.05 7.40
C ALA B 320 17.96 -30.45 7.35
N MET B 321 17.06 -29.52 7.71
CA MET B 321 15.63 -29.83 7.70
C MET B 321 15.15 -30.17 6.29
N ILE B 322 15.59 -29.41 5.28
CA ILE B 322 15.11 -29.70 3.93
C ILE B 322 15.70 -31.01 3.40
N THR B 323 16.97 -31.29 3.69
CA THR B 323 17.55 -32.55 3.21
C THR B 323 16.93 -33.75 3.91
N TYR B 324 16.45 -33.58 5.15
CA TYR B 324 15.67 -34.64 5.78
C TYR B 324 14.29 -34.74 5.14
N ILE B 325 13.70 -33.60 4.80
CA ILE B 325 12.37 -33.60 4.17
C ILE B 325 12.43 -34.28 2.81
N THR B 326 13.48 -33.99 2.03
CA THR B 326 13.59 -34.48 0.65
C THR B 326 14.33 -35.81 0.56
N ARG B 327 14.29 -36.62 1.61
CA ARG B 327 14.87 -37.96 1.54
C ARG B 327 14.06 -38.85 0.62
N ASN B 328 14.75 -39.76 -0.06
CA ASN B 328 14.11 -40.69 -1.00
C ASN B 328 13.35 -39.93 -2.08
N GLN B 329 14.01 -38.93 -2.65
CA GLN B 329 13.48 -38.12 -3.74
C GLN B 329 14.54 -37.99 -4.82
N PRO B 330 14.15 -37.61 -6.03
CA PRO B 330 15.15 -37.44 -7.10
C PRO B 330 16.25 -36.47 -6.67
N GLU B 331 17.49 -36.82 -7.02
CA GLU B 331 18.63 -36.05 -6.54
C GLU B 331 18.60 -34.62 -7.07
N TRP B 332 18.06 -34.40 -8.27
CA TRP B 332 17.99 -33.05 -8.81
C TRP B 332 17.06 -32.18 -7.97
N PHE B 333 15.93 -32.74 -7.51
CA PHE B 333 15.04 -32.00 -6.63
C PHE B 333 15.74 -31.63 -5.33
N ARG B 334 16.47 -32.57 -4.75
CA ARG B 334 17.20 -32.28 -3.51
C ARG B 334 18.22 -31.17 -3.74
N ASN B 335 18.95 -31.24 -4.86
CA ASN B 335 19.96 -30.22 -5.13
C ASN B 335 19.33 -28.85 -5.30
N VAL B 336 18.25 -28.76 -6.08
CA VAL B 336 17.66 -27.45 -6.35
C VAL B 336 17.05 -26.87 -5.09
N LEU B 337 16.48 -27.71 -4.22
CA LEU B 337 15.96 -27.21 -2.95
C LEU B 337 17.06 -26.93 -1.93
N SER B 338 18.24 -27.53 -2.08
CA SER B 338 19.34 -27.29 -1.15
C SER B 338 20.19 -26.10 -1.53
N ILE B 339 20.11 -25.66 -2.78
CA ILE B 339 20.95 -24.53 -3.20
C ILE B 339 20.67 -23.29 -2.35
N ALA B 340 19.40 -23.05 -2.01
CA ALA B 340 19.06 -21.82 -1.29
C ALA B 340 19.74 -21.73 0.08
N PRO B 341 19.53 -22.66 1.01
CA PRO B 341 20.24 -22.53 2.29
C PRO B 341 21.75 -22.54 2.15
N ILE B 342 22.28 -23.18 1.11
CA ILE B 342 23.72 -23.14 0.89
C ILE B 342 24.18 -21.71 0.64
N MET B 343 23.40 -20.94 -0.12
CA MET B 343 23.74 -19.54 -0.36
C MET B 343 23.47 -18.66 0.86
N PHE B 344 22.40 -18.94 1.60
CA PHE B 344 22.16 -18.17 2.82
C PHE B 344 23.26 -18.40 3.86
N SER B 345 23.80 -19.61 3.94
CA SER B 345 24.87 -19.86 4.90
C SER B 345 26.10 -19.02 4.60
N ASN B 346 26.29 -18.62 3.35
CA ASN B 346 27.39 -17.76 2.93
C ASN B 346 26.91 -16.35 2.59
N LYS B 347 25.71 -15.98 3.02
CA LYS B 347 25.15 -14.70 2.63
C LYS B 347 25.98 -13.55 3.19
N MET B 348 26.06 -12.47 2.41
CA MET B 348 26.66 -11.22 2.82
C MET B 348 25.60 -10.15 2.87
N ALA B 349 25.84 -9.12 3.69
CA ALA B 349 24.91 -8.01 3.86
C ALA B 349 25.63 -6.71 3.56
N ARG B 350 25.03 -5.89 2.71
CA ARG B 350 25.53 -4.55 2.49
C ARG B 350 25.24 -3.69 3.70
N LEU B 351 26.24 -2.93 4.15
CA LEU B 351 26.10 -2.19 5.40
C LEU B 351 24.95 -1.19 5.31
N GLY B 352 24.83 -0.47 4.19
CA GLY B 352 23.72 0.43 4.01
C GLY B 352 24.05 1.69 3.23
N LYS B 353 23.24 2.73 3.42
CA LYS B 353 23.43 3.96 2.67
C LYS B 353 24.77 4.62 3.02
N GLY B 354 25.11 4.64 4.31
CA GLY B 354 26.35 5.25 4.75
C GLY B 354 26.16 6.07 6.02
N TYR B 355 26.94 7.14 6.16
CA TYR B 355 26.83 8.01 7.33
C TYR B 355 27.01 9.46 6.90
N MET B 356 26.20 10.34 7.47
CA MET B 356 26.27 11.76 7.17
C MET B 356 26.87 12.50 8.36
N PHE B 357 27.87 13.34 8.08
CA PHE B 357 28.56 14.13 9.08
C PHE B 357 28.22 15.60 8.90
N GLU B 358 28.28 16.35 9.99
CA GLU B 358 28.06 17.79 9.97
C GLU B 358 29.19 18.49 10.70
N SER B 359 29.64 19.61 10.16
CA SER B 359 30.64 20.47 10.77
C SER B 359 30.02 21.84 11.00
N LYS B 360 29.72 22.16 12.25
CA LYS B 360 29.10 23.45 12.57
C LYS B 360 30.10 24.59 12.52
N SER B 361 31.36 24.33 12.85
CA SER B 361 32.38 25.39 12.80
C SER B 361 32.51 25.92 11.38
N MET B 362 32.60 25.03 10.39
CA MET B 362 32.65 25.42 8.99
C MET B 362 31.27 25.40 8.33
N LYS B 363 30.24 24.95 9.04
CA LYS B 363 28.86 25.02 8.55
C LYS B 363 28.72 24.28 7.22
N LEU B 364 28.93 22.96 7.27
CA LEU B 364 28.80 22.13 6.07
C LEU B 364 28.36 20.74 6.50
N ARG B 365 27.97 19.94 5.51
CA ARG B 365 27.60 18.55 5.73
C ARG B 365 28.21 17.68 4.64
N THR B 366 28.36 16.40 4.96
CA THR B 366 29.01 15.44 4.07
C THR B 366 28.31 14.10 4.21
N GLN B 367 28.39 13.29 3.16
CA GLN B 367 27.77 11.97 3.14
C GLN B 367 28.81 10.96 2.65
N ILE B 368 29.28 10.11 3.56
CA ILE B 368 30.27 9.09 3.22
C ILE B 368 29.52 7.77 2.99
N PRO B 369 29.79 7.05 1.90
CA PRO B 369 29.15 5.75 1.69
C PRO B 369 29.62 4.73 2.71
N ALA B 370 28.79 3.72 2.92
CA ALA B 370 29.10 2.69 3.91
C ALA B 370 30.34 1.89 3.52
N GLU B 371 30.64 1.81 2.22
CA GLU B 371 31.78 0.99 1.78
C GLU B 371 33.10 1.52 2.32
N MET B 372 33.15 2.76 2.78
CA MET B 372 34.36 3.31 3.36
C MET B 372 34.56 2.93 4.82
N LEU B 373 33.58 2.28 5.44
CA LEU B 373 33.70 1.94 6.86
C LEU B 373 34.88 1.01 7.12
N ALA B 374 35.33 0.26 6.12
CA ALA B 374 36.44 -0.66 6.33
C ALA B 374 37.74 0.09 6.56
N SER B 375 37.95 1.20 5.85
CA SER B 375 39.21 1.93 5.89
C SER B 375 39.11 3.30 6.54
N ILE B 376 37.94 3.90 6.59
CA ILE B 376 37.81 5.25 7.13
C ILE B 376 38.24 5.26 8.59
N ASP B 377 38.96 6.31 8.98
CA ASP B 377 39.36 6.47 10.36
C ASP B 377 38.13 6.58 11.25
N LEU B 378 38.33 6.34 12.55
CA LEU B 378 37.24 6.30 13.52
C LEU B 378 37.12 7.58 14.33
N LYS B 379 37.79 8.66 13.91
CA LYS B 379 37.71 9.91 14.65
C LYS B 379 36.35 10.60 14.51
N TYR B 380 35.63 10.33 13.42
CA TYR B 380 34.36 11.00 13.17
C TYR B 380 33.19 10.34 13.88
N PHE B 381 33.34 9.11 14.38
CA PHE B 381 32.24 8.34 14.92
C PHE B 381 32.20 8.46 16.44
N ASN B 382 30.98 8.42 16.98
CA ASN B 382 30.81 8.46 18.42
C ASN B 382 31.26 7.14 19.03
N ASP B 383 31.20 7.06 20.37
CA ASP B 383 31.71 5.87 21.06
C ASP B 383 30.95 4.62 20.64
N SER B 384 29.62 4.69 20.60
CA SER B 384 28.82 3.52 20.25
C SER B 384 29.11 3.07 18.83
N THR B 385 29.02 3.99 17.87
CA THR B 385 29.30 3.64 16.48
C THR B 385 30.75 3.24 16.30
N ARG B 386 31.66 3.91 17.01
CA ARG B 386 33.07 3.53 16.94
C ARG B 386 33.26 2.06 17.33
N LYS B 387 32.66 1.66 18.45
CA LYS B 387 32.81 0.28 18.90
C LYS B 387 32.11 -0.69 17.94
N LYS B 388 30.95 -0.31 17.42
CA LYS B 388 30.26 -1.19 16.46
C LYS B 388 31.12 -1.42 15.23
N ILE B 389 31.73 -0.35 14.70
CA ILE B 389 32.58 -0.49 13.52
C ILE B 389 33.81 -1.32 13.86
N GLU B 390 34.42 -1.08 15.03
CA GLU B 390 35.59 -1.86 15.42
C GLU B 390 35.25 -3.34 15.50
N LYS B 391 34.06 -3.68 16.00
CA LYS B 391 33.69 -5.07 16.14
C LYS B 391 33.30 -5.71 14.81
N ILE B 392 32.73 -4.94 13.89
CA ILE B 392 32.28 -5.51 12.62
C ILE B 392 33.34 -5.48 11.53
N ARG B 393 34.41 -4.71 11.70
CA ARG B 393 35.42 -4.61 10.66
C ARG B 393 36.01 -5.95 10.25
N PRO B 394 36.33 -6.87 11.16
CA PRO B 394 36.94 -8.14 10.75
C PRO B 394 36.10 -8.90 9.74
N LEU B 395 34.79 -8.70 9.76
CA LEU B 395 33.88 -9.38 8.85
C LEU B 395 33.64 -8.63 7.55
N LEU B 396 34.27 -7.48 7.36
CA LEU B 396 34.05 -6.68 6.15
C LEU B 396 34.87 -7.25 5.00
N ILE B 397 34.19 -7.59 3.91
CA ILE B 397 34.84 -8.09 2.70
C ILE B 397 34.22 -7.35 1.52
N ASP B 398 34.97 -6.45 0.91
CA ASP B 398 34.53 -5.72 -0.27
C ASP B 398 33.28 -4.90 0.03
N GLY B 399 33.32 -4.17 1.14
CA GLY B 399 32.23 -3.27 1.49
C GLY B 399 30.98 -3.94 2.00
N THR B 400 31.01 -5.24 2.27
CA THR B 400 29.86 -5.96 2.79
C THR B 400 30.33 -6.92 3.87
N ALA B 401 29.46 -7.16 4.84
CA ALA B 401 29.78 -7.96 6.01
C ALA B 401 29.18 -9.35 5.90
N SER B 402 29.99 -10.37 6.20
CA SER B 402 29.49 -11.74 6.18
C SER B 402 28.52 -11.96 7.35
N LEU B 403 27.37 -12.56 7.04
CA LEU B 403 26.31 -12.78 8.02
C LEU B 403 25.89 -14.25 8.01
N SER B 404 26.87 -15.14 8.04
CA SER B 404 26.57 -16.57 8.04
C SER B 404 25.73 -17.03 9.22
N PRO B 405 25.96 -16.58 10.46
CA PRO B 405 25.36 -17.28 11.61
C PRO B 405 23.86 -17.43 11.55
N GLY B 406 23.12 -16.45 11.07
CA GLY B 406 21.67 -16.54 11.13
C GLY B 406 20.98 -15.66 10.11
N MET B 407 19.68 -15.90 9.95
CA MET B 407 18.88 -15.15 9.01
C MET B 407 18.79 -13.68 9.43
N MET B 408 18.55 -12.81 8.45
CA MET B 408 18.51 -11.37 8.69
C MET B 408 17.10 -10.88 8.99
N MET B 409 16.15 -11.09 8.07
CA MET B 409 14.77 -10.65 8.30
C MET B 409 13.83 -11.64 7.61
N GLY B 410 13.39 -12.62 8.37
CA GLY B 410 12.28 -13.48 7.99
C GLY B 410 12.16 -13.83 6.52
N MET B 411 13.28 -14.16 5.87
CA MET B 411 13.17 -14.66 4.50
C MET B 411 12.59 -16.07 4.48
N PHE B 412 13.02 -16.92 5.39
CA PHE B 412 12.42 -18.24 5.57
C PHE B 412 11.42 -18.19 6.72
N ASN B 413 10.31 -17.49 6.47
CA ASN B 413 9.23 -17.47 7.45
C ASN B 413 8.60 -18.85 7.61
N MET B 414 8.34 -19.51 6.49
CA MET B 414 7.57 -20.75 6.53
C MET B 414 8.38 -21.90 7.14
N LEU B 415 9.68 -21.95 6.86
CA LEU B 415 10.52 -22.98 7.48
C LEU B 415 10.66 -22.75 8.98
N SER B 416 10.76 -21.49 9.39
CA SER B 416 10.77 -21.18 10.83
C SER B 416 9.47 -21.62 11.48
N THR B 417 8.34 -21.38 10.80
CA THR B 417 7.06 -21.86 11.33
C THR B 417 7.04 -23.37 11.39
N VAL B 418 7.65 -24.05 10.42
CA VAL B 418 7.73 -25.51 10.45
C VAL B 418 8.50 -25.98 11.68
N LEU B 419 9.64 -25.34 11.96
CA LEU B 419 10.42 -25.71 13.14
C LEU B 419 9.63 -25.48 14.42
N GLY B 420 8.95 -24.34 14.50
CA GLY B 420 8.13 -24.08 15.68
C GLY B 420 6.99 -25.07 15.85
N VAL B 421 6.38 -25.47 14.74
CA VAL B 421 5.31 -26.47 14.79
C VAL B 421 5.87 -27.82 15.21
N SER B 422 7.09 -28.15 14.78
CA SER B 422 7.73 -29.38 15.25
C SER B 422 7.92 -29.34 16.76
N ILE B 423 8.37 -28.19 17.28
CA ILE B 423 8.51 -28.06 18.72
C ILE B 423 7.17 -28.23 19.42
N LEU B 424 6.13 -27.59 18.87
CA LEU B 424 4.81 -27.69 19.49
C LEU B 424 4.31 -29.13 19.51
N ASN B 425 4.51 -29.85 18.41
CA ASN B 425 4.03 -31.22 18.31
C ASN B 425 4.87 -32.18 19.15
N LEU B 426 6.12 -31.82 19.45
CA LEU B 426 6.97 -32.68 20.25
C LEU B 426 6.47 -32.88 21.67
N GLY B 427 5.35 -32.26 22.05
CA GLY B 427 4.79 -32.44 23.37
C GLY B 427 3.37 -32.98 23.34
N GLN B 428 3.12 -33.93 22.44
CA GLN B 428 1.79 -34.50 22.25
C GLN B 428 1.41 -35.52 23.31
N LYS B 429 2.17 -35.61 24.41
CA LYS B 429 2.02 -36.55 25.51
C LYS B 429 2.51 -37.94 25.12
N ARG B 430 2.87 -38.18 23.85
CA ARG B 430 3.52 -39.43 23.47
C ARG B 430 5.03 -39.33 23.55
N TYR B 431 5.58 -38.13 23.40
CA TYR B 431 7.01 -37.90 23.55
C TYR B 431 7.38 -37.30 24.90
N THR B 432 6.43 -36.66 25.58
CA THR B 432 6.72 -36.09 26.90
C THR B 432 7.04 -37.19 27.91
N LYS B 433 6.33 -38.31 27.84
CA LYS B 433 6.51 -39.42 28.77
C LYS B 433 6.26 -38.98 30.21
N THR B 434 5.31 -38.07 30.41
CA THR B 434 4.99 -37.57 31.73
C THR B 434 3.55 -37.08 31.74
N THR B 435 3.01 -36.87 32.94
CA THR B 435 1.62 -36.45 33.06
C THR B 435 1.36 -35.14 32.32
N TYR B 436 2.29 -34.19 32.42
CA TYR B 436 2.11 -32.90 31.77
C TYR B 436 2.22 -33.05 30.25
N TRP B 437 1.60 -32.11 29.55
CA TRP B 437 1.68 -32.06 28.09
C TRP B 437 1.31 -30.66 27.66
N TRP B 438 1.57 -30.36 26.39
CA TRP B 438 1.33 -29.02 25.87
C TRP B 438 0.96 -29.09 24.39
N ASP B 439 0.31 -28.02 23.94
CA ASP B 439 0.02 -27.80 22.53
C ASP B 439 -0.06 -26.29 22.32
N GLY B 440 -0.50 -25.87 21.15
CA GLY B 440 -0.70 -24.46 20.92
C GLY B 440 -0.56 -24.11 19.45
N LEU B 441 -0.31 -22.82 19.21
CA LEU B 441 -0.20 -22.32 17.84
C LEU B 441 1.04 -21.44 17.74
N GLN B 442 1.76 -21.61 16.63
CA GLN B 442 3.00 -20.90 16.35
C GLN B 442 2.85 -20.13 15.05
N SER B 443 3.16 -18.84 15.08
CA SER B 443 3.34 -18.06 13.87
C SER B 443 4.61 -17.23 14.07
N SER B 444 5.55 -17.34 13.14
CA SER B 444 6.94 -16.94 13.38
C SER B 444 7.02 -15.71 14.27
N ASP B 445 7.84 -15.82 15.33
CA ASP B 445 8.14 -14.77 16.30
C ASP B 445 7.05 -14.59 17.35
N ASP B 446 6.00 -15.41 17.32
CA ASP B 446 4.87 -15.28 18.22
C ASP B 446 4.24 -16.65 18.41
N PHE B 447 3.76 -16.92 19.63
CA PHE B 447 3.10 -18.20 19.85
C PHE B 447 2.21 -18.12 21.08
N ALA B 448 1.21 -19.01 21.09
CA ALA B 448 0.38 -19.25 22.25
C ALA B 448 0.52 -20.72 22.62
N LEU B 449 0.84 -20.99 23.88
CA LEU B 449 1.13 -22.34 24.34
C LEU B 449 0.21 -22.71 25.48
N ILE B 450 -0.67 -23.69 25.25
CA ILE B 450 -1.57 -24.19 26.28
C ILE B 450 -0.95 -25.47 26.84
N VAL B 451 -0.62 -25.44 28.13
CA VAL B 451 0.04 -26.56 28.79
C VAL B 451 -0.87 -27.04 29.92
N ASN B 452 -1.11 -28.34 29.97
CA ASN B 452 -1.94 -28.95 31.00
C ASN B 452 -1.11 -29.93 31.81
N ALA B 453 -1.38 -29.98 33.11
CA ALA B 453 -0.67 -30.86 34.01
C ALA B 453 -1.48 -31.00 35.29
N PRO B 454 -1.37 -32.14 35.98
CA PRO B 454 -2.22 -32.38 37.15
C PRO B 454 -2.01 -31.39 38.30
N ASN B 455 -0.86 -30.73 38.37
CA ASN B 455 -0.57 -29.83 39.47
C ASN B 455 0.36 -28.72 38.99
N HIS B 456 0.44 -27.66 39.79
CA HIS B 456 1.29 -26.53 39.43
C HIS B 456 2.73 -26.98 39.18
N GLU B 457 3.20 -27.97 39.93
CA GLU B 457 4.53 -28.52 39.69
C GLU B 457 4.61 -29.11 38.29
N GLY B 458 3.56 -29.82 37.87
CA GLY B 458 3.55 -30.36 36.52
C GLY B 458 3.59 -29.29 35.45
N ILE B 459 2.82 -28.21 35.65
CA ILE B 459 2.85 -27.11 34.69
C ILE B 459 4.24 -26.49 34.63
N GLN B 460 4.86 -26.28 35.79
CA GLN B 460 6.19 -25.70 35.83
C GLN B 460 7.19 -26.59 35.09
N ALA B 461 7.13 -27.90 35.35
CA ALA B 461 8.04 -28.83 34.67
C ALA B 461 7.80 -28.83 33.17
N GLY B 462 6.53 -28.80 32.75
CA GLY B 462 6.24 -28.79 31.33
C GLY B 462 6.76 -27.55 30.63
N VAL B 463 6.53 -26.38 31.22
CA VAL B 463 7.01 -25.15 30.61
C VAL B 463 8.54 -25.12 30.61
N ASP B 464 9.16 -25.61 31.68
CA ASP B 464 10.62 -25.64 31.74
C ASP B 464 11.19 -26.53 30.63
N ARG B 465 10.59 -27.71 30.45
CA ARG B 465 11.09 -28.61 29.40
C ARG B 465 10.84 -28.04 28.02
N PHE B 466 9.69 -27.38 27.81
CA PHE B 466 9.43 -26.75 26.52
C PHE B 466 10.48 -25.67 26.23
N TYR B 467 10.78 -24.84 27.23
CA TYR B 467 11.80 -23.82 27.06
C TYR B 467 13.16 -24.44 26.75
N ARG B 468 13.52 -25.50 27.48
CA ARG B 468 14.80 -26.15 27.26
C ARG B 468 14.90 -26.73 25.85
N THR B 469 13.83 -27.39 25.40
CA THR B 469 13.83 -27.95 24.05
C THR B 469 13.93 -26.84 23.01
N CYS B 470 13.25 -25.71 23.26
CA CYS B 470 13.37 -24.58 22.33
C CYS B 470 14.80 -24.09 22.25
N LYS B 471 15.49 -24.02 23.39
CA LYS B 471 16.88 -23.58 23.38
C LYS B 471 17.81 -24.56 22.66
N LEU B 472 17.40 -25.81 22.50
CA LEU B 472 18.20 -26.77 21.76
C LEU B 472 18.02 -26.64 20.25
N LEU B 473 17.04 -25.86 19.79
CA LEU B 473 16.78 -25.66 18.38
C LEU B 473 17.12 -24.24 17.92
N GLY B 474 17.85 -23.48 18.75
CA GLY B 474 18.19 -22.13 18.39
C GLY B 474 17.06 -21.15 18.51
N ILE B 475 15.98 -21.51 19.20
CA ILE B 475 14.82 -20.64 19.38
C ILE B 475 14.80 -20.19 20.83
N ASN B 476 14.63 -18.89 21.04
CA ASN B 476 14.64 -18.30 22.36
C ASN B 476 13.27 -17.71 22.67
N MET B 477 12.86 -17.81 23.92
CA MET B 477 11.59 -17.26 24.39
C MET B 477 11.85 -15.95 25.12
N SER B 478 11.17 -14.89 24.72
CA SER B 478 11.35 -13.58 25.33
C SER B 478 10.64 -13.56 26.67
N LYS B 479 11.41 -13.65 27.75
CA LYS B 479 10.84 -13.63 29.09
C LYS B 479 10.22 -12.28 29.44
N LYS B 480 10.72 -11.20 28.84
CA LYS B 480 10.20 -9.87 29.17
C LYS B 480 8.85 -9.60 28.52
N LYS B 481 8.61 -10.15 27.33
CA LYS B 481 7.36 -9.91 26.60
C LYS B 481 6.41 -11.10 26.69
N SER B 482 6.60 -11.99 27.66
CA SER B 482 5.78 -13.19 27.79
C SER B 482 5.24 -13.30 29.20
N TYR B 483 4.05 -13.88 29.31
CA TYR B 483 3.44 -14.13 30.61
C TYR B 483 2.50 -15.32 30.50
N ILE B 484 2.25 -15.96 31.64
CA ILE B 484 1.44 -17.17 31.73
C ILE B 484 0.31 -16.93 32.71
N ASN B 485 -0.90 -17.33 32.32
CA ASN B 485 -2.07 -17.22 33.19
C ASN B 485 -2.89 -18.50 33.01
N ARG B 486 -4.07 -18.54 33.63
CA ARG B 486 -4.98 -19.65 33.39
C ARG B 486 -5.64 -19.49 32.02
N THR B 487 -5.95 -20.63 31.41
CA THR B 487 -6.53 -20.63 30.08
C THR B 487 -7.89 -19.95 30.09
N GLY B 488 -8.21 -19.25 29.00
CA GLY B 488 -9.42 -18.49 28.90
C GLY B 488 -9.16 -17.04 28.54
N THR B 489 -7.92 -16.60 28.76
CA THR B 489 -7.51 -15.23 28.46
C THR B 489 -6.08 -15.27 27.95
N PHE B 490 -5.86 -14.72 26.76
CA PHE B 490 -4.51 -14.66 26.19
C PHE B 490 -4.51 -13.69 25.01
N GLU B 491 -3.36 -13.59 24.35
CA GLU B 491 -3.18 -12.72 23.21
C GLU B 491 -2.38 -13.46 22.14
N PHE B 492 -2.61 -13.07 20.89
CA PHE B 492 -1.87 -13.65 19.76
C PHE B 492 -1.94 -12.67 18.60
N THR B 493 -0.81 -12.06 18.24
CA THR B 493 -0.72 -11.16 17.10
C THR B 493 -1.83 -10.12 17.14
N SER B 494 -1.86 -9.38 18.24
CA SER B 494 -2.82 -8.28 18.45
C SER B 494 -4.27 -8.77 18.44
N PHE B 495 -4.49 -10.07 18.60
CA PHE B 495 -5.83 -10.64 18.76
C PHE B 495 -5.95 -11.05 20.21
N PHE B 496 -6.86 -10.41 20.93
CA PHE B 496 -7.03 -10.63 22.38
C PHE B 496 -8.21 -11.58 22.57
N TYR B 497 -7.93 -12.76 23.11
CA TYR B 497 -8.95 -13.77 23.38
C TYR B 497 -9.31 -13.71 24.85
N ARG B 498 -10.60 -13.50 25.14
CA ARG B 498 -11.13 -13.50 26.51
C ARG B 498 -12.46 -14.25 26.45
N TYR B 499 -12.40 -15.57 26.64
CA TYR B 499 -13.57 -16.42 26.49
C TYR B 499 -14.24 -16.18 25.13
N GLY B 500 -13.41 -15.94 24.11
CA GLY B 500 -13.90 -15.55 22.81
C GLY B 500 -13.20 -14.30 22.33
N PHE B 501 -12.83 -14.26 21.05
CA PHE B 501 -12.07 -13.14 20.52
C PHE B 501 -12.89 -11.86 20.60
N VAL B 502 -12.21 -10.76 20.92
CA VAL B 502 -12.84 -9.45 21.05
C VAL B 502 -12.31 -8.56 19.95
N ALA B 503 -13.21 -7.81 19.32
CA ALA B 503 -12.83 -6.89 18.26
C ALA B 503 -11.99 -5.75 18.80
N ASN B 504 -11.08 -5.26 17.97
CA ASN B 504 -10.19 -4.16 18.33
C ASN B 504 -10.53 -2.89 17.56
N PHE B 505 -10.52 -2.95 16.23
CA PHE B 505 -10.91 -1.84 15.36
C PHE B 505 -9.88 -0.71 15.37
N SER B 506 -8.90 -0.78 16.26
CA SER B 506 -7.84 0.22 16.29
C SER B 506 -6.68 -0.14 15.37
N MET B 507 -6.58 -1.42 14.97
CA MET B 507 -5.58 -1.82 14.00
C MET B 507 -5.95 -1.41 12.57
N GLU B 508 -7.24 -1.29 12.29
CA GLU B 508 -7.72 -0.96 10.95
C GLU B 508 -8.07 0.52 10.80
N LEU B 509 -7.90 1.31 11.86
CA LEU B 509 -8.23 2.73 11.83
C LEU B 509 -7.44 3.45 10.74
N PRO B 510 -6.14 3.18 10.58
CA PRO B 510 -5.36 3.88 9.55
C PRO B 510 -5.87 3.63 8.13
N SER B 511 -6.71 2.62 7.92
CA SER B 511 -7.19 2.27 6.58
C SER B 511 -8.54 2.89 6.28
N PHE B 512 -8.99 3.87 7.07
CA PHE B 512 -10.30 4.48 6.91
C PHE B 512 -10.27 5.75 6.07
N GLY B 513 -9.09 6.15 5.59
CA GLY B 513 -8.95 7.34 4.77
C GLY B 513 -8.96 7.01 3.28
N VAL B 514 -8.67 8.03 2.48
CA VAL B 514 -8.55 7.84 1.04
C VAL B 514 -7.29 7.02 0.78
N SER B 515 -7.45 5.89 0.08
CA SER B 515 -6.33 4.99 -0.14
C SER B 515 -5.22 5.67 -0.92
N GLY B 516 -5.58 6.37 -1.98
CA GLY B 516 -4.61 7.09 -2.79
C GLY B 516 -4.34 6.45 -4.13
N ILE B 517 -5.30 5.67 -4.63
CA ILE B 517 -5.17 5.01 -5.93
C ILE B 517 -5.71 5.95 -7.00
N ASN B 518 -7.00 6.26 -6.90
CA ASN B 518 -7.65 7.22 -7.79
C ASN B 518 -9.04 7.48 -7.19
N GLU B 519 -9.84 8.28 -7.90
CA GLU B 519 -11.12 8.71 -7.34
C GLU B 519 -12.07 7.53 -7.16
N SER B 520 -12.40 6.84 -8.26
CA SER B 520 -13.30 5.70 -8.17
C SER B 520 -12.72 4.60 -7.29
N ALA B 521 -11.43 4.32 -7.46
CA ALA B 521 -10.80 3.29 -6.65
C ALA B 521 -10.84 3.67 -5.17
N ASP B 522 -10.55 4.92 -4.84
CA ASP B 522 -10.58 5.34 -3.44
C ASP B 522 -11.98 5.22 -2.86
N MET B 523 -13.00 5.65 -3.61
CA MET B 523 -14.36 5.54 -3.12
C MET B 523 -14.73 4.08 -2.84
N SER B 524 -14.49 3.21 -3.81
CA SER B 524 -14.84 1.81 -3.66
C SER B 524 -14.06 1.18 -2.51
N ILE B 525 -12.77 1.49 -2.40
CA ILE B 525 -11.95 0.90 -1.35
C ILE B 525 -12.43 1.37 0.02
N GLY B 526 -12.78 2.64 0.15
CA GLY B 526 -13.26 3.12 1.44
C GLY B 526 -14.55 2.46 1.85
N VAL B 527 -15.52 2.39 0.94
CA VAL B 527 -16.79 1.76 1.29
C VAL B 527 -16.59 0.28 1.59
N THR B 528 -15.74 -0.40 0.81
CA THR B 528 -15.50 -1.82 1.04
C THR B 528 -14.78 -2.05 2.37
N VAL B 529 -13.84 -1.17 2.74
CA VAL B 529 -13.17 -1.30 4.02
C VAL B 529 -14.15 -1.12 5.17
N ILE B 530 -15.04 -0.12 5.05
CA ILE B 530 -16.07 0.05 6.08
C ILE B 530 -16.91 -1.22 6.19
N LYS B 531 -17.32 -1.78 5.05
CA LYS B 531 -18.13 -3.00 5.05
C LYS B 531 -17.39 -4.14 5.73
N ASN B 532 -16.13 -4.37 5.34
CA ASN B 532 -15.37 -5.49 5.88
C ASN B 532 -15.17 -5.35 7.38
N ASN B 533 -14.77 -4.16 7.83
CA ASN B 533 -14.59 -3.94 9.26
C ASN B 533 -15.89 -4.04 10.02
N MET B 534 -17.04 -3.79 9.36
CA MET B 534 -18.32 -4.11 9.97
C MET B 534 -18.53 -5.62 10.07
N ILE B 535 -18.09 -6.38 9.07
CA ILE B 535 -18.31 -7.82 9.09
C ILE B 535 -17.37 -8.50 10.08
N ASN B 536 -16.09 -8.14 10.04
CA ASN B 536 -15.07 -8.85 10.82
C ASN B 536 -14.82 -8.20 12.17
N ASN B 537 -14.43 -6.92 12.17
CA ASN B 537 -14.02 -6.24 13.39
C ASN B 537 -15.18 -5.65 14.19
N ASP B 538 -16.40 -6.13 13.96
CA ASP B 538 -17.54 -5.80 14.78
C ASP B 538 -17.73 -4.28 14.90
N LEU B 539 -17.60 -3.59 13.77
CA LEU B 539 -17.87 -2.16 13.74
C LEU B 539 -19.36 -1.90 13.82
N GLY B 540 -19.74 -0.95 14.67
CA GLY B 540 -21.13 -0.69 14.93
C GLY B 540 -21.83 0.02 13.78
N PRO B 541 -23.16 -0.08 13.73
CA PRO B 541 -23.89 0.62 12.66
C PRO B 541 -23.70 2.13 12.68
N ALA B 542 -23.96 2.76 13.83
CA ALA B 542 -23.81 4.21 13.92
C ALA B 542 -22.36 4.62 13.68
N THR B 543 -21.42 3.84 14.21
CA THR B 543 -20.01 4.11 13.95
C THR B 543 -19.70 4.00 12.47
N ALA B 544 -20.28 3.01 11.79
CA ALA B 544 -20.06 2.87 10.36
C ALA B 544 -20.63 4.06 9.60
N GLN B 545 -21.81 4.55 10.00
CA GLN B 545 -22.37 5.73 9.35
C GLN B 545 -21.47 6.94 9.56
N MET B 546 -20.97 7.12 10.79
CA MET B 546 -20.04 8.21 11.04
C MET B 546 -18.78 8.08 10.20
N ALA B 547 -18.27 6.85 10.06
CA ALA B 547 -17.09 6.63 9.23
C ALA B 547 -17.37 6.98 7.79
N LEU B 548 -18.55 6.62 7.29
CA LEU B 548 -18.93 6.96 5.92
C LEU B 548 -18.97 8.48 5.74
N GLN B 549 -19.58 9.18 6.70
CA GLN B 549 -19.66 10.64 6.60
C GLN B 549 -18.27 11.27 6.59
N LEU B 550 -17.41 10.85 7.52
CA LEU B 550 -16.08 11.42 7.60
C LEU B 550 -15.26 11.09 6.36
N PHE B 551 -15.38 9.86 5.85
CA PHE B 551 -14.66 9.48 4.65
C PHE B 551 -15.12 10.30 3.46
N ILE B 552 -16.43 10.54 3.35
CA ILE B 552 -16.93 11.36 2.24
C ILE B 552 -16.40 12.78 2.36
N LYS B 553 -16.39 13.33 3.58
CA LYS B 553 -15.86 14.68 3.77
C LYS B 553 -14.40 14.76 3.34
N ASP B 554 -13.58 13.82 3.82
CA ASP B 554 -12.17 13.82 3.48
C ASP B 554 -11.96 13.59 1.98
N TYR B 555 -12.77 12.73 1.37
CA TYR B 555 -12.67 12.47 -0.05
C TYR B 555 -12.96 13.72 -0.86
N ARG B 556 -14.03 14.43 -0.50
CA ARG B 556 -14.35 15.67 -1.21
C ARG B 556 -13.28 16.73 -1.01
N TYR B 557 -12.73 16.81 0.21
CA TYR B 557 -11.70 17.81 0.48
C TYR B 557 -10.36 17.45 -0.12
N THR B 558 -10.14 16.19 -0.47
CA THR B 558 -8.87 15.75 -1.04
C THR B 558 -8.86 15.89 -2.55
N TYR B 559 -9.95 15.51 -3.22
CA TYR B 559 -10.05 15.56 -4.66
C TYR B 559 -10.70 16.84 -5.17
N ARG B 560 -10.94 17.81 -4.29
CA ARG B 560 -11.48 19.10 -4.69
C ARG B 560 -12.83 18.95 -5.38
N CYS B 561 -13.59 17.94 -4.98
CA CYS B 561 -14.90 17.64 -5.56
C CYS B 561 -15.95 17.86 -4.47
N HIS B 562 -16.42 19.10 -4.35
CA HIS B 562 -17.41 19.44 -3.35
C HIS B 562 -18.82 19.32 -3.92
N ARG B 563 -19.81 19.40 -3.03
CA ARG B 563 -21.19 19.05 -3.40
C ARG B 563 -21.67 19.79 -4.65
N GLY B 564 -21.06 20.91 -5.00
CA GLY B 564 -21.44 21.67 -6.18
C GLY B 564 -22.44 22.76 -5.92
N ASP B 565 -23.35 22.55 -4.97
CA ASP B 565 -24.30 23.57 -4.56
C ASP B 565 -23.72 24.51 -3.51
N THR B 566 -22.47 24.31 -3.11
CA THR B 566 -21.79 25.17 -2.15
C THR B 566 -20.98 26.23 -2.88
N GLN B 567 -20.48 27.19 -2.11
CA GLN B 567 -19.64 28.27 -2.63
C GLN B 567 -18.20 28.12 -2.15
N ILE B 568 -17.71 26.89 -2.11
CA ILE B 568 -16.33 26.61 -1.72
C ILE B 568 -15.49 26.74 -2.99
N GLN B 569 -14.77 27.85 -3.11
CA GLN B 569 -13.93 28.07 -4.28
C GLN B 569 -12.67 27.20 -4.21
N THR B 570 -12.45 26.41 -5.25
CA THR B 570 -11.27 25.58 -5.37
C THR B 570 -10.76 25.67 -6.82
N ARG B 571 -9.70 24.93 -7.11
CA ARG B 571 -9.19 24.86 -8.47
C ARG B 571 -10.11 24.07 -9.39
N ARG B 572 -11.12 23.39 -8.85
CA ARG B 572 -12.02 22.54 -9.63
C ARG B 572 -13.49 22.88 -9.38
N SER B 573 -13.77 23.99 -8.70
CA SER B 573 -15.14 24.32 -8.33
C SER B 573 -15.93 24.97 -9.47
N PHE B 574 -15.27 25.39 -10.54
CA PHE B 574 -15.98 26.06 -11.62
C PHE B 574 -16.59 25.04 -12.58
N GLU B 575 -15.77 24.13 -13.10
CA GLU B 575 -16.27 23.10 -14.00
C GLU B 575 -17.32 22.25 -13.29
N ILE B 576 -17.09 21.94 -12.01
CA ILE B 576 -18.06 21.17 -11.25
C ILE B 576 -19.38 21.91 -11.17
N LYS B 577 -19.32 23.21 -10.92
CA LYS B 577 -20.57 23.98 -10.80
C LYS B 577 -21.31 24.07 -12.13
N LYS B 578 -20.59 24.23 -13.24
CA LYS B 578 -21.29 24.25 -14.53
C LYS B 578 -21.87 22.89 -14.86
N LEU B 579 -21.18 21.80 -14.53
CA LEU B 579 -21.75 20.48 -14.71
C LEU B 579 -23.00 20.31 -13.85
N TRP B 580 -22.96 20.86 -12.63
CA TRP B 580 -24.12 20.79 -11.75
C TRP B 580 -25.31 21.53 -12.36
N GLU B 581 -25.10 22.77 -12.80
CA GLU B 581 -26.18 23.55 -13.38
C GLU B 581 -26.65 22.99 -14.71
N GLN B 582 -25.79 22.28 -15.43
CA GLN B 582 -26.18 21.67 -16.71
C GLN B 582 -27.06 20.45 -16.49
N THR B 583 -26.76 19.65 -15.48
CA THR B 583 -27.49 18.42 -15.25
C THR B 583 -28.90 18.70 -14.76
N ARG B 584 -29.85 17.88 -15.20
CA ARG B 584 -31.25 18.01 -14.77
C ARG B 584 -31.52 17.15 -13.54
N SER B 585 -31.18 15.86 -13.60
CA SER B 585 -31.31 14.96 -12.45
C SER B 585 -29.98 14.96 -11.73
N LYS B 586 -29.81 15.93 -10.83
CA LYS B 586 -28.53 16.11 -10.14
C LYS B 586 -28.26 15.02 -9.10
N ALA B 587 -29.25 14.20 -8.78
CA ALA B 587 -29.03 13.12 -7.82
C ALA B 587 -28.18 11.98 -8.39
N GLY B 588 -27.95 11.97 -9.70
CA GLY B 588 -27.18 10.90 -10.32
C GLY B 588 -25.71 11.22 -10.48
N LEU B 589 -25.33 12.47 -10.17
CA LEU B 589 -23.93 12.86 -10.28
C LEU B 589 -23.10 12.14 -9.22
N LEU B 590 -21.92 11.69 -9.63
CA LEU B 590 -21.01 11.03 -8.71
C LEU B 590 -20.38 12.05 -7.76
N VAL B 591 -20.00 11.57 -6.57
CA VAL B 591 -19.35 12.45 -5.60
C VAL B 591 -18.07 13.02 -6.18
N SER B 592 -17.42 12.28 -7.08
CA SER B 592 -16.24 12.79 -7.75
C SER B 592 -16.54 14.00 -8.63
N ASP B 593 -17.78 14.11 -9.13
CA ASP B 593 -18.18 15.21 -9.99
C ASP B 593 -19.03 16.23 -9.24
N GLY B 594 -19.05 16.16 -7.91
CA GLY B 594 -19.80 17.12 -7.12
C GLY B 594 -21.28 16.79 -7.04
N GLY B 595 -21.61 15.56 -6.66
CA GLY B 595 -22.98 15.14 -6.51
C GLY B 595 -23.27 14.66 -5.10
N PRO B 596 -24.54 14.48 -4.78
CA PRO B 596 -24.90 14.01 -3.44
C PRO B 596 -24.46 12.57 -3.23
N ASN B 597 -24.29 12.23 -1.95
CA ASN B 597 -23.86 10.90 -1.54
C ASN B 597 -25.09 10.10 -1.11
N LEU B 598 -25.35 9.00 -1.82
CA LEU B 598 -26.48 8.13 -1.53
C LEU B 598 -26.08 6.88 -0.75
N TYR B 599 -24.84 6.80 -0.30
CA TYR B 599 -24.36 5.60 0.38
C TYR B 599 -24.97 5.50 1.78
N ASN B 600 -25.11 4.27 2.24
CA ASN B 600 -25.61 3.99 3.59
C ASN B 600 -25.21 2.56 3.94
N ILE B 601 -25.58 2.13 5.15
CA ILE B 601 -25.19 0.80 5.61
C ILE B 601 -25.67 -0.27 4.65
N ARG B 602 -26.80 -0.04 3.99
CA ARG B 602 -27.33 -1.02 3.05
C ARG B 602 -26.64 -0.98 1.69
N ASN B 603 -25.94 0.11 1.37
CA ASN B 603 -25.36 0.31 0.04
C ASN B 603 -23.83 0.23 0.05
N LEU B 604 -23.23 -0.32 1.10
CA LEU B 604 -21.78 -0.36 1.19
C LEU B 604 -21.14 -1.38 0.27
N HIS B 605 -21.92 -2.28 -0.33
CA HIS B 605 -21.39 -3.33 -1.18
C HIS B 605 -21.71 -3.09 -2.66
N ILE B 606 -22.05 -1.87 -3.03
CA ILE B 606 -22.45 -1.53 -4.39
C ILE B 606 -21.49 -0.45 -4.90
N PRO B 607 -20.93 -0.58 -6.10
CA PRO B 607 -20.12 0.53 -6.65
C PRO B 607 -20.96 1.77 -6.84
N GLU B 608 -20.28 2.93 -6.76
CA GLU B 608 -20.98 4.20 -6.85
C GLU B 608 -21.65 4.36 -8.21
N VAL B 609 -20.97 3.94 -9.29
CA VAL B 609 -21.53 4.13 -10.63
C VAL B 609 -22.84 3.38 -10.78
N CYS B 610 -22.90 2.14 -10.30
CA CYS B 610 -24.10 1.34 -10.44
C CYS B 610 -25.21 1.78 -9.50
N LEU B 611 -24.86 2.34 -8.34
CA LEU B 611 -25.88 2.84 -7.42
C LEU B 611 -26.58 4.07 -7.97
N LYS B 612 -25.88 4.87 -8.78
CA LYS B 612 -26.44 6.09 -9.35
C LYS B 612 -26.75 5.94 -10.83
N TRP B 613 -26.74 4.72 -11.35
CA TRP B 613 -26.90 4.51 -12.79
C TRP B 613 -28.26 5.01 -13.27
N GLU B 614 -29.33 4.64 -12.56
CA GLU B 614 -30.68 4.99 -13.01
C GLU B 614 -31.00 6.46 -12.81
N LEU B 615 -30.21 7.20 -12.04
CA LEU B 615 -30.46 8.62 -11.81
C LEU B 615 -29.66 9.52 -12.74
N MET B 616 -28.63 9.00 -13.41
CA MET B 616 -27.81 9.82 -14.28
C MET B 616 -28.57 10.18 -15.56
N ASP B 617 -28.29 11.39 -16.05
CA ASP B 617 -28.77 11.78 -17.38
C ASP B 617 -27.95 11.06 -18.45
N GLU B 618 -28.62 10.70 -19.54
CA GLU B 618 -27.96 9.89 -20.56
C GLU B 618 -26.74 10.61 -21.13
N ASP B 619 -26.79 11.93 -21.26
CA ASP B 619 -25.63 12.66 -21.76
C ASP B 619 -24.44 12.53 -20.81
N TYR B 620 -24.68 12.81 -19.52
CA TYR B 620 -23.60 12.69 -18.54
C TYR B 620 -23.17 11.24 -18.39
N GLN B 621 -24.12 10.31 -18.44
CA GLN B 621 -23.76 8.90 -18.34
C GLN B 621 -22.85 8.47 -19.49
N GLY B 622 -23.18 8.88 -20.71
CA GLY B 622 -22.34 8.55 -21.85
C GLY B 622 -20.98 9.22 -21.80
N ARG B 623 -20.94 10.49 -21.40
CA ARG B 623 -19.66 11.17 -21.29
C ARG B 623 -18.77 10.52 -20.23
N LEU B 624 -19.37 10.09 -19.11
CA LEU B 624 -18.60 9.49 -18.03
C LEU B 624 -18.00 8.16 -18.46
N CYS B 625 -18.85 7.22 -18.85
CA CYS B 625 -18.41 5.86 -19.17
C CYS B 625 -18.21 5.71 -20.68
N ASN B 626 -17.21 6.42 -21.19
CA ASN B 626 -16.88 6.39 -22.60
C ASN B 626 -15.59 5.60 -22.81
N PRO B 627 -15.61 4.50 -23.55
CA PRO B 627 -14.36 3.74 -23.73
C PRO B 627 -13.22 4.56 -24.32
N LEU B 628 -13.53 5.49 -25.22
CA LEU B 628 -12.52 6.31 -25.86
C LEU B 628 -11.93 7.36 -24.95
N ASN B 629 -12.25 7.39 -23.66
CA ASN B 629 -11.69 8.41 -22.78
C ASN B 629 -10.17 8.28 -22.74
N PRO B 630 -9.43 9.39 -22.75
CA PRO B 630 -7.96 9.31 -22.71
C PRO B 630 -7.37 9.10 -21.32
N PHE B 631 -8.20 8.91 -20.30
CA PHE B 631 -7.73 8.77 -18.92
C PHE B 631 -7.57 7.33 -18.48
N VAL B 632 -8.53 6.46 -18.83
CA VAL B 632 -8.48 5.07 -18.39
C VAL B 632 -7.32 4.36 -19.08
N SER B 633 -6.52 3.65 -18.30
CA SER B 633 -5.41 2.85 -18.82
C SER B 633 -5.36 1.54 -18.06
N HIS B 634 -5.41 0.44 -18.79
CA HIS B 634 -5.34 -0.90 -18.22
C HIS B 634 -4.13 -1.63 -18.79
N LYS B 635 -3.30 -2.18 -17.91
CA LYS B 635 -2.05 -2.81 -18.33
C LYS B 635 -2.17 -4.33 -18.41
N GLU B 636 -2.58 -4.98 -17.31
CA GLU B 636 -2.64 -6.42 -17.26
C GLU B 636 -3.85 -6.86 -16.44
N ILE B 637 -4.18 -8.14 -16.56
CA ILE B 637 -5.30 -8.70 -15.81
C ILE B 637 -5.03 -8.61 -14.31
N GLU B 638 -3.77 -8.65 -13.91
CA GLU B 638 -3.44 -8.62 -12.48
C GLU B 638 -3.71 -7.26 -11.87
N SER B 639 -3.52 -6.18 -12.63
CA SER B 639 -3.63 -4.82 -12.11
C SER B 639 -4.93 -4.13 -12.55
N VAL B 640 -6.01 -4.89 -12.74
CA VAL B 640 -7.27 -4.30 -13.17
C VAL B 640 -7.96 -3.62 -12.00
N ASN B 641 -8.30 -4.40 -10.97
CA ASN B 641 -9.00 -3.87 -9.80
C ASN B 641 -8.36 -4.43 -8.52
N ASN B 642 -7.04 -4.45 -8.51
CA ASN B 642 -6.27 -4.88 -7.34
C ASN B 642 -5.47 -3.70 -6.83
N ALA B 643 -5.62 -3.39 -5.54
CA ALA B 643 -4.92 -2.29 -4.91
C ALA B 643 -4.06 -2.83 -3.77
N VAL B 644 -2.79 -2.41 -3.74
CA VAL B 644 -1.84 -2.87 -2.74
C VAL B 644 -1.85 -1.87 -1.60
N MET B 645 -2.49 -2.23 -0.50
CA MET B 645 -2.53 -1.40 0.70
C MET B 645 -1.72 -2.08 1.80
N MET B 646 -0.63 -1.46 2.18
CA MET B 646 0.19 -1.98 3.26
C MET B 646 -0.52 -1.79 4.59
N PRO B 647 -1.09 -2.83 5.19
CA PRO B 647 -1.83 -2.64 6.45
C PRO B 647 -0.91 -2.31 7.60
N ALA B 648 -1.45 -1.56 8.55
CA ALA B 648 -0.70 -1.25 9.76
C ALA B 648 -0.46 -2.51 10.58
N HIS B 649 0.76 -2.68 11.06
CA HIS B 649 1.13 -3.84 11.86
C HIS B 649 0.94 -5.13 11.09
N GLY B 650 1.47 -5.17 9.86
CA GLY B 650 1.39 -6.36 9.05
C GLY B 650 2.13 -6.21 7.73
N PRO B 651 2.29 -7.31 7.01
CA PRO B 651 2.96 -7.26 5.70
C PRO B 651 2.05 -6.70 4.62
N ALA B 652 2.67 -6.25 3.54
CA ALA B 652 1.93 -5.66 2.42
C ALA B 652 0.89 -6.64 1.91
N LYS B 653 -0.32 -6.14 1.66
CA LYS B 653 -1.44 -6.96 1.24
C LYS B 653 -2.13 -6.31 0.05
N ASN B 654 -2.82 -7.15 -0.72
CA ASN B 654 -3.57 -6.72 -1.90
C ASN B 654 -5.06 -6.95 -1.68
N MET B 655 -5.87 -6.05 -2.21
CA MET B 655 -7.32 -6.14 -2.07
C MET B 655 -8.00 -6.00 -3.43
N GLU B 656 -9.01 -6.84 -3.63
CA GLU B 656 -9.93 -6.71 -4.75
C GLU B 656 -10.99 -5.67 -4.40
N TYR B 657 -11.09 -4.61 -5.19
CA TYR B 657 -12.09 -3.58 -4.99
C TYR B 657 -13.01 -3.52 -6.20
N ASP B 658 -14.32 -3.48 -5.95
CA ASP B 658 -15.30 -3.43 -7.02
C ASP B 658 -15.42 -2.00 -7.54
N ALA B 659 -15.19 -1.81 -8.83
CA ALA B 659 -15.27 -0.49 -9.43
C ALA B 659 -15.59 -0.63 -10.91
N VAL B 660 -16.27 0.38 -11.44
CA VAL B 660 -16.60 0.45 -12.86
C VAL B 660 -15.62 1.38 -13.54
N ALA B 661 -15.11 0.96 -14.69
CA ALA B 661 -14.12 1.74 -15.41
C ALA B 661 -14.78 3.01 -15.94
N THR B 662 -14.52 4.12 -15.26
CA THR B 662 -15.05 5.43 -15.65
C THR B 662 -13.90 6.35 -16.02
N THR B 663 -14.26 7.57 -16.42
CA THR B 663 -13.25 8.58 -16.71
C THR B 663 -12.46 8.97 -15.48
N HIS B 664 -12.93 8.61 -14.28
CA HIS B 664 -12.25 8.92 -13.03
C HIS B 664 -11.21 7.87 -12.66
N SER B 665 -11.03 6.82 -13.46
CA SER B 665 -10.10 5.75 -13.16
C SER B 665 -8.68 6.05 -13.64
N TRP B 666 -8.35 7.33 -13.82
CA TRP B 666 -7.01 7.71 -14.24
C TRP B 666 -5.96 7.16 -13.28
N ILE B 667 -4.72 7.12 -13.75
CA ILE B 667 -3.58 6.75 -12.91
C ILE B 667 -2.76 8.00 -12.65
N PRO B 668 -2.22 8.18 -11.47
CA PRO B 668 -1.58 9.45 -11.11
C PRO B 668 -0.20 9.59 -11.77
N LYS B 669 0.37 10.78 -11.58
CA LYS B 669 1.68 11.11 -12.13
C LYS B 669 2.77 10.26 -11.47
N ARG B 670 3.84 10.02 -12.22
CA ARG B 670 4.98 9.27 -11.71
C ARG B 670 6.00 10.22 -11.08
N ASN B 671 7.09 9.65 -10.57
CA ASN B 671 8.01 10.42 -9.76
C ASN B 671 8.65 11.56 -10.55
N ARG B 672 9.22 11.25 -11.72
CA ARG B 672 9.83 12.21 -12.65
C ARG B 672 11.19 12.71 -12.19
N SER B 673 11.76 12.18 -11.12
CA SER B 673 13.07 12.63 -10.67
C SER B 673 14.22 11.89 -11.35
N ILE B 674 13.92 10.89 -12.18
CA ILE B 674 14.98 10.20 -12.91
C ILE B 674 15.70 11.11 -13.89
N LEU B 675 15.10 12.23 -14.26
CA LEU B 675 15.68 13.09 -15.29
C LEU B 675 16.98 13.74 -14.84
N ASN B 676 17.22 13.84 -13.53
CA ASN B 676 18.42 14.48 -13.00
C ASN B 676 19.51 13.48 -12.63
N THR B 677 19.33 12.21 -12.95
CA THR B 677 20.27 11.17 -12.58
C THR B 677 20.96 10.60 -13.81
N SER B 678 22.15 10.04 -13.61
CA SER B 678 22.87 9.40 -14.70
C SER B 678 22.09 8.22 -15.25
N GLN B 679 21.17 7.65 -14.47
CA GLN B 679 20.31 6.57 -14.96
C GLN B 679 19.11 7.17 -15.69
N ARG B 680 19.38 8.05 -16.66
CA ARG B 680 18.33 8.70 -17.41
C ARG B 680 17.91 7.90 -18.64
N GLY B 681 18.81 7.07 -19.18
CA GLY B 681 18.46 6.23 -20.31
C GLY B 681 17.44 5.16 -20.02
N ILE B 682 17.19 4.86 -18.74
CA ILE B 682 16.18 3.87 -18.40
C ILE B 682 14.80 4.32 -18.87
N LEU B 683 14.56 5.63 -18.90
CA LEU B 683 13.25 6.12 -19.35
C LEU B 683 13.08 5.92 -20.84
N GLU B 684 14.13 6.15 -21.63
CA GLU B 684 14.04 5.89 -23.07
C GLU B 684 13.80 4.41 -23.34
N ASP B 685 14.49 3.53 -22.61
CA ASP B 685 14.26 2.10 -22.75
C ASP B 685 12.84 1.75 -22.35
N GLU B 686 12.33 2.37 -21.28
CA GLU B 686 10.94 2.16 -20.88
C GLU B 686 9.99 2.53 -22.01
N GLN B 687 10.19 3.72 -22.60
CA GLN B 687 9.30 4.17 -23.66
C GLN B 687 9.35 3.22 -24.86
N MET B 688 10.55 2.81 -25.27
CA MET B 688 10.66 1.94 -26.42
C MET B 688 10.04 0.57 -26.14
N TYR B 689 10.30 0.01 -24.96
CA TYR B 689 9.70 -1.27 -24.60
C TYR B 689 8.18 -1.16 -24.57
N GLN B 690 7.65 -0.07 -24.05
CA GLN B 690 6.19 0.09 -24.01
C GLN B 690 5.61 0.25 -25.40
N LYS B 691 6.30 0.96 -26.29
CA LYS B 691 5.83 1.08 -27.67
C LYS B 691 5.79 -0.30 -28.33
N CYS B 692 6.86 -1.08 -28.17
CA CYS B 692 6.88 -2.42 -28.75
C CYS B 692 5.79 -3.31 -28.15
N CYS B 693 5.58 -3.20 -26.83
CA CYS B 693 4.55 -4.01 -26.18
C CYS B 693 3.17 -3.63 -26.66
N ASN B 694 2.91 -2.33 -26.83
CA ASN B 694 1.61 -1.90 -27.35
C ASN B 694 1.41 -2.40 -28.78
N LEU B 695 2.45 -2.33 -29.60
CA LEU B 695 2.34 -2.86 -30.96
C LEU B 695 2.03 -4.36 -30.93
N PHE B 696 2.73 -5.10 -30.08
CA PHE B 696 2.48 -6.54 -29.99
C PHE B 696 1.06 -6.81 -29.52
N GLU B 697 0.58 -6.06 -28.53
CA GLU B 697 -0.78 -6.25 -28.04
C GLU B 697 -1.79 -5.99 -29.14
N LYS B 698 -1.59 -4.91 -29.92
CA LYS B 698 -2.47 -4.68 -31.06
C LYS B 698 -2.36 -5.81 -32.07
N PHE B 699 -1.19 -6.45 -32.15
CA PHE B 699 -1.03 -7.62 -33.00
C PHE B 699 -1.57 -8.88 -32.31
N PHE B 700 -1.36 -9.00 -31.00
CA PHE B 700 -1.79 -10.15 -30.21
C PHE B 700 -2.68 -9.63 -29.08
N PRO B 701 -4.00 -9.54 -29.31
CA PRO B 701 -4.87 -8.95 -28.28
C PRO B 701 -4.82 -9.65 -26.94
N SER B 702 -4.53 -10.95 -26.90
CA SER B 702 -4.50 -11.70 -25.65
C SER B 702 -3.20 -11.53 -24.88
N SER B 703 -2.33 -10.60 -25.30
CA SER B 703 -1.03 -10.46 -24.65
C SER B 703 -1.19 -10.14 -23.17
N SER B 704 -2.17 -9.33 -22.81
CA SER B 704 -2.33 -8.92 -21.42
C SER B 704 -2.98 -10.02 -20.59
N TYR B 705 -4.13 -10.54 -21.04
CA TYR B 705 -4.88 -11.48 -20.22
C TYR B 705 -4.08 -12.76 -19.97
N ARG B 706 -3.59 -13.39 -21.04
CA ARG B 706 -2.69 -14.52 -20.96
C ARG B 706 -1.34 -14.14 -21.55
N ARG B 707 -0.30 -14.18 -20.73
CA ARG B 707 1.03 -13.82 -21.18
C ARG B 707 1.47 -14.77 -22.29
N PRO B 708 1.88 -14.27 -23.46
CA PRO B 708 2.26 -15.18 -24.54
C PRO B 708 3.47 -16.02 -24.18
N VAL B 709 3.54 -17.21 -24.78
CA VAL B 709 4.64 -18.13 -24.58
C VAL B 709 5.16 -18.57 -25.94
N GLY B 710 6.42 -19.00 -25.96
CA GLY B 710 7.04 -19.44 -27.19
C GLY B 710 8.53 -19.16 -27.15
N ILE B 711 9.18 -19.47 -28.27
CA ILE B 711 10.62 -19.26 -28.42
C ILE B 711 10.96 -18.43 -29.66
N SER B 712 9.97 -17.97 -30.42
CA SER B 712 10.23 -17.11 -31.55
C SER B 712 10.44 -15.67 -31.10
N SER B 713 10.82 -14.82 -32.03
CA SER B 713 11.05 -13.40 -31.77
C SER B 713 9.84 -12.57 -32.20
N MET B 714 9.84 -11.31 -31.77
CA MET B 714 8.68 -10.44 -31.98
C MET B 714 8.31 -10.36 -33.45
N VAL B 715 9.24 -9.85 -34.26
CA VAL B 715 8.90 -9.44 -35.61
C VAL B 715 8.39 -10.62 -36.42
N GLU B 716 8.89 -11.83 -36.16
CA GLU B 716 8.39 -13.01 -36.87
C GLU B 716 6.88 -13.16 -36.66
N ALA B 717 6.46 -13.18 -35.39
CA ALA B 717 5.04 -13.34 -35.10
C ALA B 717 4.23 -12.18 -35.66
N MET B 718 4.72 -10.95 -35.46
CA MET B 718 3.95 -9.80 -35.91
C MET B 718 3.78 -9.78 -37.42
N VAL B 719 4.85 -10.01 -38.17
CA VAL B 719 4.76 -9.99 -39.64
C VAL B 719 3.90 -11.14 -40.14
N SER B 720 4.06 -12.33 -39.56
CA SER B 720 3.30 -13.47 -40.06
C SER B 720 1.82 -13.29 -39.77
N ARG B 721 1.48 -12.79 -38.58
CA ARG B 721 0.08 -12.51 -38.30
C ARG B 721 -0.45 -11.39 -39.17
N ALA B 722 0.39 -10.42 -39.54
CA ALA B 722 -0.04 -9.42 -40.50
C ALA B 722 -0.43 -10.08 -41.83
N ARG B 723 0.43 -10.96 -42.34
CA ARG B 723 0.11 -11.74 -43.52
C ARG B 723 -1.29 -12.32 -43.39
N ILE B 724 -1.48 -13.16 -42.37
CA ILE B 724 -2.69 -13.95 -42.29
C ILE B 724 -3.92 -13.07 -42.05
N ASP B 725 -3.80 -12.07 -41.19
CA ASP B 725 -4.97 -11.25 -40.87
C ASP B 725 -5.39 -10.41 -42.06
N ALA B 726 -4.43 -9.86 -42.82
CA ALA B 726 -4.78 -9.18 -44.05
C ALA B 726 -5.52 -10.13 -44.99
N ARG B 727 -4.96 -11.32 -45.21
CA ARG B 727 -5.63 -12.33 -46.01
C ARG B 727 -7.09 -12.49 -45.61
N ILE B 728 -7.32 -12.92 -44.37
CA ILE B 728 -8.64 -13.36 -43.96
C ILE B 728 -9.60 -12.18 -43.87
N ASP B 729 -9.11 -11.03 -43.42
CA ASP B 729 -9.96 -9.86 -43.32
C ASP B 729 -10.35 -9.34 -44.70
N PHE B 730 -9.56 -9.63 -45.74
CA PHE B 730 -10.14 -9.57 -47.08
C PHE B 730 -11.17 -10.64 -47.35
N GLU B 731 -10.86 -11.91 -47.08
CA GLU B 731 -11.83 -12.93 -47.41
C GLU B 731 -13.22 -12.58 -46.87
N SER B 732 -13.26 -11.70 -45.86
CA SER B 732 -14.47 -10.94 -45.54
C SER B 732 -14.09 -9.75 -44.67
N GLY B 733 -14.20 -8.54 -45.20
CA GLY B 733 -13.93 -7.36 -44.42
C GLY B 733 -13.49 -6.18 -45.27
N ARG B 734 -12.98 -5.16 -44.57
CA ARG B 734 -12.67 -3.88 -45.19
C ARG B 734 -11.53 -3.97 -46.20
N ILE B 735 -10.54 -4.84 -45.97
CA ILE B 735 -9.35 -4.87 -46.81
C ILE B 735 -9.77 -4.96 -48.28
N LYS B 736 -8.88 -4.54 -49.18
CA LYS B 736 -9.07 -4.74 -50.61
C LYS B 736 -7.78 -5.31 -51.21
N LYS B 737 -7.92 -5.92 -52.41
CA LYS B 737 -6.74 -6.48 -53.09
C LYS B 737 -5.57 -5.50 -53.08
N GLU B 738 -5.84 -4.24 -53.41
CA GLU B 738 -4.79 -3.23 -53.39
C GLU B 738 -4.12 -3.19 -52.02
N GLU B 739 -4.92 -3.05 -50.97
CA GLU B 739 -4.39 -3.00 -49.62
C GLU B 739 -3.77 -4.33 -49.19
N PHE B 740 -4.37 -5.46 -49.57
CA PHE B 740 -3.81 -6.75 -49.17
C PHE B 740 -2.43 -6.95 -49.76
N ALA B 741 -2.27 -6.66 -51.06
CA ALA B 741 -0.96 -6.78 -51.69
C ALA B 741 0.02 -5.76 -51.11
N GLU B 742 -0.46 -4.56 -50.80
CA GLU B 742 0.40 -3.57 -50.16
C GLU B 742 0.93 -4.09 -48.84
N ILE B 743 0.06 -4.71 -48.03
CA ILE B 743 0.50 -5.31 -46.77
C ILE B 743 1.47 -6.45 -47.00
N MET B 744 1.21 -7.30 -48.00
CA MET B 744 2.10 -8.43 -48.25
C MET B 744 3.51 -7.93 -48.59
N LYS B 745 3.60 -6.95 -49.49
CA LYS B 745 4.91 -6.46 -49.88
C LYS B 745 5.54 -5.59 -48.81
N ILE B 746 4.74 -4.96 -47.94
CA ILE B 746 5.31 -4.25 -46.79
C ILE B 746 5.88 -5.25 -45.80
N CYS B 747 5.21 -6.39 -45.63
CA CYS B 747 5.76 -7.46 -44.81
C CYS B 747 7.09 -7.94 -45.38
N SER B 748 7.16 -8.10 -46.70
CA SER B 748 8.43 -8.46 -47.33
C SER B 748 9.48 -7.38 -47.08
N THR B 749 9.07 -6.11 -47.13
CA THR B 749 10.01 -5.01 -46.89
C THR B 749 10.59 -5.08 -45.48
N ILE B 750 9.74 -5.27 -44.48
CA ILE B 750 10.25 -5.35 -43.11
C ILE B 750 11.08 -6.62 -42.94
N GLU B 751 10.75 -7.68 -43.68
CA GLU B 751 11.57 -8.88 -43.67
C GLU B 751 12.99 -8.57 -44.12
N GLU B 752 13.12 -7.94 -45.29
CA GLU B 752 14.46 -7.63 -45.80
C GLU B 752 15.14 -6.58 -44.93
N LEU B 753 14.37 -5.74 -44.25
CA LEU B 753 14.97 -4.80 -43.30
C LEU B 753 15.57 -5.52 -42.11
N ARG B 754 14.85 -6.51 -41.57
CA ARG B 754 15.39 -7.31 -40.47
C ARG B 754 16.59 -8.13 -40.92
N ARG B 755 16.59 -8.57 -42.18
CA ARG B 755 17.80 -9.16 -42.75
C ARG B 755 19.00 -8.24 -42.59
N GLN B 756 18.80 -6.95 -42.83
CA GLN B 756 19.89 -5.98 -42.71
C GLN B 756 19.46 -4.78 -41.85
N MET C 1 -3.84 -2.03 -41.93
CA MET C 1 -2.92 -1.07 -42.62
C MET C 1 -2.01 -0.37 -41.62
N GLU C 2 -2.62 0.42 -40.74
CA GLU C 2 -1.85 1.22 -39.79
C GLU C 2 -0.88 0.35 -38.99
N ARG C 3 -1.38 -0.75 -38.42
CA ARG C 3 -0.59 -1.51 -37.45
C ARG C 3 0.78 -1.89 -38.01
N ILE C 4 0.80 -2.51 -39.18
CA ILE C 4 2.06 -2.87 -39.79
C ILE C 4 2.86 -1.61 -40.13
N LYS C 5 2.18 -0.48 -40.31
CA LYS C 5 2.91 0.73 -40.65
C LYS C 5 3.71 1.27 -39.47
N GLU C 6 3.12 1.34 -38.27
CA GLU C 6 3.97 1.72 -37.14
C GLU C 6 4.97 0.62 -36.83
N LEU C 7 4.65 -0.63 -37.17
CA LEU C 7 5.65 -1.68 -37.05
C LEU C 7 6.89 -1.36 -37.90
N ARG C 8 6.67 -1.01 -39.16
CA ARG C 8 7.77 -0.66 -40.05
C ARG C 8 8.49 0.59 -39.56
N ASP C 9 7.74 1.59 -39.07
CA ASP C 9 8.37 2.79 -38.54
C ASP C 9 9.25 2.46 -37.34
N LEU C 10 8.79 1.58 -36.45
CA LEU C 10 9.61 1.15 -35.33
C LEU C 10 10.87 0.45 -35.81
N MET C 11 10.73 -0.50 -36.73
CA MET C 11 11.89 -1.21 -37.26
C MET C 11 12.83 -0.29 -38.03
N SER C 12 12.35 0.89 -38.44
CA SER C 12 13.24 1.83 -39.13
C SER C 12 14.37 2.28 -38.23
N GLN C 13 14.07 2.58 -36.97
CA GLN C 13 15.08 3.06 -36.05
C GLN C 13 15.81 1.87 -35.42
N SER C 14 17.14 2.02 -35.29
CA SER C 14 17.98 0.86 -34.99
C SER C 14 17.67 0.26 -33.62
N ARG C 15 17.48 1.10 -32.60
CA ARG C 15 17.31 0.58 -31.25
C ARG C 15 16.04 -0.25 -31.12
N THR C 16 14.92 0.28 -31.60
CA THR C 16 13.68 -0.49 -31.56
C THR C 16 13.77 -1.73 -32.44
N ARG C 17 14.50 -1.64 -33.56
CA ARG C 17 14.69 -2.82 -34.40
C ARG C 17 15.42 -3.91 -33.64
N GLU C 18 16.48 -3.55 -32.92
CA GLU C 18 17.20 -4.53 -32.12
C GLU C 18 16.30 -5.10 -31.02
N ILE C 19 15.53 -4.25 -30.36
CA ILE C 19 14.63 -4.74 -29.32
C ILE C 19 13.64 -5.74 -29.90
N LEU C 20 13.10 -5.45 -31.08
CA LEU C 20 12.15 -6.36 -31.71
C LEU C 20 12.80 -7.64 -32.16
N THR C 21 14.05 -7.58 -32.60
CA THR C 21 14.71 -8.76 -33.16
C THR C 21 15.19 -9.70 -32.07
N LYS C 22 15.96 -9.20 -31.12
CA LYS C 22 16.60 -10.07 -30.14
C LYS C 22 15.64 -10.56 -29.06
N THR C 23 14.59 -9.79 -28.77
CA THR C 23 13.66 -10.15 -27.71
C THR C 23 12.72 -11.25 -28.19
N THR C 24 12.63 -12.34 -27.42
CA THR C 24 11.73 -13.43 -27.74
C THR C 24 10.37 -13.21 -27.12
N VAL C 25 9.39 -13.99 -27.61
CA VAL C 25 8.00 -13.80 -27.18
C VAL C 25 7.86 -14.07 -25.68
N ASP C 26 8.59 -15.06 -25.16
CA ASP C 26 8.43 -15.41 -23.76
C ASP C 26 8.78 -14.22 -22.86
N HIS C 27 9.84 -13.49 -23.20
CA HIS C 27 10.25 -12.34 -22.40
C HIS C 27 9.27 -11.17 -22.50
N MET C 28 8.23 -11.29 -23.35
CA MET C 28 7.21 -10.25 -23.46
C MET C 28 6.85 -9.64 -22.11
N ALA C 29 6.44 -10.47 -21.16
CA ALA C 29 5.97 -9.94 -19.88
C ALA C 29 7.07 -9.14 -19.20
N ILE C 30 8.28 -9.69 -19.15
CA ILE C 30 9.36 -9.05 -18.39
C ILE C 30 9.55 -7.62 -18.87
N ILE C 31 9.88 -7.45 -20.15
CA ILE C 31 10.13 -6.11 -20.67
C ILE C 31 8.89 -5.22 -20.55
N LYS C 32 7.70 -5.81 -20.55
CA LYS C 32 6.50 -5.00 -20.40
C LYS C 32 6.39 -4.43 -18.99
N LYS C 33 6.84 -5.21 -18.00
CA LYS C 33 6.89 -4.74 -16.62
C LYS C 33 8.20 -4.01 -16.30
N TYR C 34 9.14 -3.98 -17.24
CA TYR C 34 10.39 -3.27 -17.03
C TYR C 34 10.10 -1.78 -16.83
N THR C 35 10.30 -1.28 -15.62
CA THR C 35 10.02 0.12 -15.33
C THR C 35 10.93 0.58 -14.20
N SER C 36 11.21 1.88 -14.19
CA SER C 36 11.95 2.50 -13.09
C SER C 36 11.02 2.98 -11.97
N GLY C 37 9.71 2.93 -12.18
CA GLY C 37 8.78 3.42 -11.19
C GLY C 37 8.63 2.44 -10.04
N ARG C 38 9.04 2.84 -8.84
CA ARG C 38 8.82 2.01 -7.67
C ARG C 38 7.35 2.02 -7.28
N GLN C 39 6.91 0.92 -6.68
CA GLN C 39 5.55 0.85 -6.17
C GLN C 39 5.45 1.67 -4.88
N GLU C 40 4.46 2.53 -4.82
CA GLU C 40 4.37 3.49 -3.71
C GLU C 40 4.16 2.77 -2.39
N LYS C 41 4.87 3.24 -1.36
CA LYS C 41 4.72 2.68 -0.02
C LYS C 41 3.57 3.33 0.74
N ASN C 42 3.37 4.64 0.54
CA ASN C 42 2.32 5.40 1.22
C ASN C 42 1.48 6.11 0.18
N PRO C 43 0.53 5.42 -0.45
CA PRO C 43 -0.23 6.06 -1.53
C PRO C 43 -1.08 7.24 -1.06
N ALA C 44 -1.66 7.16 0.14
CA ALA C 44 -2.56 8.21 0.60
C ALA C 44 -1.82 9.53 0.75
N LEU C 45 -0.61 9.48 1.33
CA LEU C 45 0.13 10.70 1.59
C LEU C 45 0.41 11.45 0.29
N ARG C 46 0.85 10.74 -0.75
CA ARG C 46 1.17 11.38 -2.01
C ARG C 46 -0.06 11.75 -2.82
N MET C 47 -1.14 10.97 -2.74
CA MET C 47 -2.37 11.39 -3.38
C MET C 47 -2.90 12.69 -2.78
N LYS C 48 -2.75 12.84 -1.46
CA LYS C 48 -3.12 14.11 -0.83
C LYS C 48 -2.12 15.20 -1.13
N TRP C 49 -0.90 14.84 -1.53
CA TRP C 49 0.15 15.80 -1.83
C TRP C 49 0.19 16.15 -3.32
N MET C 50 -0.06 15.18 -4.19
CA MET C 50 -0.02 15.45 -5.63
C MET C 50 -1.23 16.24 -6.09
N MET C 51 -2.41 15.98 -5.52
CA MET C 51 -3.62 16.69 -5.97
C MET C 51 -3.56 18.18 -5.71
N ALA C 52 -2.63 18.65 -4.89
CA ALA C 52 -2.42 20.07 -4.70
C ALA C 52 -1.56 20.69 -5.79
N MET C 53 -1.05 19.89 -6.72
CA MET C 53 -0.27 20.39 -7.85
C MET C 53 -1.18 20.65 -9.03
N LYS C 54 -0.65 21.39 -10.00
CA LYS C 54 -1.29 21.54 -11.30
C LYS C 54 -0.80 20.44 -12.22
N TYR C 55 -1.73 19.84 -12.97
CA TYR C 55 -1.43 18.69 -13.81
C TYR C 55 -0.97 17.51 -12.95
N PRO C 56 -1.83 16.99 -12.07
CA PRO C 56 -1.44 15.85 -11.24
C PRO C 56 -1.75 14.48 -11.81
N ILE C 57 -2.59 14.38 -12.86
CA ILE C 57 -2.95 13.08 -13.38
C ILE C 57 -2.32 12.91 -14.75
N THR C 58 -2.47 11.73 -15.35
CA THR C 58 -1.88 11.44 -16.65
C THR C 58 -2.96 10.94 -17.61
N ALA C 59 -2.79 11.27 -18.89
CA ALA C 59 -3.75 10.86 -19.90
C ALA C 59 -3.03 10.66 -21.23
N ASP C 60 -3.66 9.90 -22.12
CA ASP C 60 -3.07 9.62 -23.41
C ASP C 60 -2.87 10.91 -24.20
N LYS C 61 -1.98 10.84 -25.19
CA LYS C 61 -1.71 12.02 -26.02
C LYS C 61 -2.96 12.51 -26.72
N ARG C 62 -3.89 11.61 -27.02
CA ARG C 62 -5.07 11.98 -27.81
C ARG C 62 -5.86 13.10 -27.13
N ILE C 63 -5.71 13.25 -25.80
CA ILE C 63 -6.44 14.30 -25.09
C ILE C 63 -6.10 15.66 -25.66
N MET C 64 -4.90 15.84 -26.19
CA MET C 64 -4.50 17.12 -26.75
C MET C 64 -5.32 17.51 -27.97
N GLU C 65 -6.07 16.57 -28.57
CA GLU C 65 -6.86 16.85 -29.75
C GLU C 65 -8.36 16.59 -29.53
N MET C 66 -8.81 16.49 -28.27
CA MET C 66 -10.24 16.40 -28.00
C MET C 66 -10.67 17.47 -27.01
N ILE C 67 -9.78 17.87 -26.11
CA ILE C 67 -10.08 18.82 -25.06
C ILE C 67 -9.22 20.05 -25.28
N PRO C 68 -9.77 21.26 -25.24
CA PRO C 68 -8.94 22.46 -25.43
C PRO C 68 -7.94 22.62 -24.30
N GLU C 69 -6.83 23.29 -24.63
CA GLU C 69 -5.77 23.47 -23.65
C GLU C 69 -6.22 24.28 -22.44
N ARG C 70 -7.25 25.10 -22.58
CA ARG C 70 -7.75 25.92 -21.48
C ARG C 70 -9.26 26.03 -21.56
N ASN C 71 -9.88 26.28 -20.41
CA ASN C 71 -11.31 26.42 -20.29
C ASN C 71 -11.69 27.89 -20.44
N GLU C 72 -12.93 28.23 -20.07
CA GLU C 72 -13.46 29.56 -20.38
C GLU C 72 -12.62 30.66 -19.74
N GLN C 73 -12.28 30.51 -18.46
CA GLN C 73 -11.52 31.55 -17.78
C GLN C 73 -10.02 31.45 -18.03
N GLY C 74 -9.57 30.38 -18.69
CA GLY C 74 -8.16 30.20 -18.94
C GLY C 74 -7.47 29.21 -18.02
N GLN C 75 -8.21 28.50 -17.17
CA GLN C 75 -7.59 27.44 -16.38
C GLN C 75 -7.13 26.33 -17.31
N THR C 76 -5.85 25.99 -17.25
CA THR C 76 -5.30 24.98 -18.14
C THR C 76 -5.86 23.61 -17.79
N LEU C 77 -6.21 22.84 -18.83
CA LEU C 77 -6.76 21.50 -18.66
C LEU C 77 -5.73 20.41 -18.88
N TRP C 78 -4.79 20.60 -19.80
CA TRP C 78 -3.76 19.61 -20.05
C TRP C 78 -2.46 20.31 -20.42
N SER C 79 -1.36 19.59 -20.24
CA SER C 79 -0.03 20.06 -20.61
C SER C 79 0.57 19.12 -21.63
N LYS C 80 1.48 19.64 -22.44
CA LYS C 80 2.11 18.86 -23.49
C LYS C 80 3.38 18.15 -23.02
N THR C 81 3.79 18.35 -21.76
CA THR C 81 4.96 17.67 -21.23
C THR C 81 4.60 16.23 -20.88
N ASN C 82 5.31 15.28 -21.48
CA ASN C 82 4.99 13.88 -21.31
C ASN C 82 5.41 13.38 -19.93
N ASP C 83 4.87 12.22 -19.55
CA ASP C 83 5.22 11.59 -18.29
C ASP C 83 6.68 11.16 -18.30
N ALA C 84 7.13 10.61 -17.18
CA ALA C 84 8.53 10.21 -17.05
C ALA C 84 8.90 9.13 -18.06
N GLY C 85 8.29 7.96 -17.95
CA GLY C 85 8.64 6.84 -18.80
C GLY C 85 7.51 6.39 -19.70
N SER C 86 6.77 7.34 -20.26
CA SER C 86 5.67 7.02 -21.16
C SER C 86 5.43 8.20 -22.08
N ASP C 87 4.69 7.93 -23.16
CA ASP C 87 4.31 8.99 -24.09
C ASP C 87 3.08 9.76 -23.63
N ARG C 88 2.45 9.35 -22.54
CA ARG C 88 1.29 10.06 -22.03
C ARG C 88 1.68 11.41 -21.47
N VAL C 89 0.72 12.33 -21.47
CA VAL C 89 0.95 13.71 -21.03
C VAL C 89 0.23 13.93 -19.70
N MET C 90 0.85 14.74 -18.86
CA MET C 90 0.27 15.10 -17.57
C MET C 90 -0.81 16.16 -17.75
N VAL C 91 -1.97 15.94 -17.13
CA VAL C 91 -3.11 16.81 -17.27
C VAL C 91 -3.73 17.07 -15.90
N SER C 92 -4.52 18.14 -15.84
CA SER C 92 -5.17 18.61 -14.63
C SER C 92 -6.46 17.83 -14.39
N PRO C 93 -6.95 17.76 -13.15
CA PRO C 93 -8.19 17.02 -12.89
C PRO C 93 -9.41 17.65 -13.55
N LEU C 94 -9.36 18.95 -13.85
CA LEU C 94 -10.49 19.59 -14.52
C LEU C 94 -10.76 18.93 -15.86
N ALA C 95 -9.72 18.49 -16.56
CA ALA C 95 -9.91 17.81 -17.83
C ALA C 95 -10.80 16.58 -17.68
N VAL C 96 -10.87 16.01 -16.49
CA VAL C 96 -11.84 14.95 -16.22
C VAL C 96 -13.25 15.53 -16.20
N THR C 97 -13.49 16.51 -15.33
CA THR C 97 -14.83 17.07 -15.21
C THR C 97 -15.29 17.69 -16.52
N TRP C 98 -14.36 18.37 -17.21
CA TRP C 98 -14.70 18.90 -18.53
C TRP C 98 -15.23 17.79 -19.44
N TRP C 99 -14.53 16.66 -19.47
CA TRP C 99 -14.97 15.54 -20.30
C TRP C 99 -16.36 15.07 -19.93
N ASN C 100 -16.80 15.32 -18.70
CA ASN C 100 -18.11 14.89 -18.25
C ASN C 100 -19.20 15.93 -18.48
N ARG C 101 -18.86 17.11 -19.02
CA ARG C 101 -19.85 18.14 -19.30
C ARG C 101 -19.89 18.58 -20.74
N ASN C 102 -18.79 18.45 -21.49
CA ASN C 102 -18.80 18.74 -22.91
C ASN C 102 -18.04 17.74 -23.75
N GLY C 103 -17.51 16.67 -23.15
CA GLY C 103 -16.79 15.68 -23.90
C GLY C 103 -17.70 14.85 -24.78
N PRO C 104 -17.11 14.05 -25.67
CA PRO C 104 -17.93 13.22 -26.56
C PRO C 104 -18.82 12.26 -25.76
N THR C 105 -20.02 12.03 -26.29
CA THR C 105 -20.99 11.13 -25.68
C THR C 105 -21.17 9.89 -26.55
N THR C 106 -21.55 8.80 -25.90
CA THR C 106 -21.72 7.52 -26.56
C THR C 106 -22.99 6.87 -26.02
N SER C 107 -23.22 5.61 -26.39
CA SER C 107 -24.36 4.83 -25.93
C SER C 107 -23.86 3.84 -24.89
N ALA C 108 -24.13 4.13 -23.61
CA ALA C 108 -23.71 3.28 -22.50
C ALA C 108 -24.75 2.23 -22.16
N VAL C 109 -25.61 1.85 -23.11
CA VAL C 109 -26.67 0.89 -22.81
C VAL C 109 -26.09 -0.49 -22.52
N HIS C 110 -24.90 -0.79 -23.05
CA HIS C 110 -24.33 -2.13 -22.91
C HIS C 110 -23.48 -2.31 -21.67
N TYR C 111 -23.14 -1.23 -20.96
CA TYR C 111 -22.43 -1.38 -19.70
C TYR C 111 -23.19 -2.23 -18.70
N PRO C 112 -24.51 -2.07 -18.53
CA PRO C 112 -25.25 -3.00 -17.67
C PRO C 112 -25.06 -4.46 -18.09
N LYS C 113 -24.99 -4.72 -19.40
CA LYS C 113 -24.76 -6.09 -19.86
C LYS C 113 -23.35 -6.57 -19.53
N ILE C 114 -22.36 -5.68 -19.57
CA ILE C 114 -20.99 -6.08 -19.24
C ILE C 114 -20.84 -6.29 -17.74
N TYR C 115 -21.04 -5.23 -16.96
CA TYR C 115 -20.89 -5.30 -15.51
C TYR C 115 -22.11 -6.00 -14.91
N LYS C 116 -22.23 -7.29 -15.24
CA LYS C 116 -23.40 -8.05 -14.82
C LYS C 116 -23.46 -8.18 -13.30
N THR C 117 -22.32 -8.42 -12.64
CA THR C 117 -22.33 -8.68 -11.21
C THR C 117 -22.87 -7.49 -10.43
N TYR C 118 -22.34 -6.29 -10.71
CA TYR C 118 -22.72 -5.12 -9.93
C TYR C 118 -24.18 -4.76 -10.16
N PHE C 119 -24.64 -4.81 -11.42
CA PHE C 119 -26.04 -4.48 -11.68
C PHE C 119 -26.97 -5.53 -11.09
N GLU C 120 -26.55 -6.80 -11.08
CA GLU C 120 -27.34 -7.81 -10.39
C GLU C 120 -27.42 -7.55 -8.90
N LYS C 121 -26.32 -7.10 -8.29
CA LYS C 121 -26.36 -6.70 -6.89
C LYS C 121 -27.37 -5.58 -6.67
N VAL C 122 -27.33 -4.56 -7.54
CA VAL C 122 -28.24 -3.43 -7.39
C VAL C 122 -29.69 -3.90 -7.53
N GLU C 123 -29.97 -4.73 -8.52
CA GLU C 123 -31.33 -5.22 -8.71
C GLU C 123 -31.79 -6.05 -7.52
N ARG C 124 -30.90 -6.89 -7.00
CA ARG C 124 -31.26 -7.72 -5.85
C ARG C 124 -31.59 -6.86 -4.64
N LEU C 125 -30.80 -5.80 -4.39
CA LEU C 125 -31.05 -4.96 -3.24
C LEU C 125 -32.28 -4.08 -3.42
N LYS C 126 -32.54 -3.61 -4.65
CA LYS C 126 -33.64 -2.67 -4.86
C LYS C 126 -34.98 -3.29 -4.50
N HIS C 127 -35.13 -4.59 -4.73
CA HIS C 127 -36.38 -5.29 -4.46
C HIS C 127 -36.36 -6.05 -3.14
N GLY C 128 -35.35 -5.83 -2.31
CA GLY C 128 -35.31 -6.47 -1.01
C GLY C 128 -36.36 -5.92 -0.07
N THR C 129 -36.71 -6.74 0.92
CA THR C 129 -37.70 -6.38 1.93
C THR C 129 -37.08 -6.56 3.31
N PHE C 130 -37.02 -5.50 4.09
CA PHE C 130 -36.44 -5.56 5.42
C PHE C 130 -37.49 -6.03 6.43
N GLY C 131 -37.02 -6.26 7.65
CA GLY C 131 -37.88 -6.70 8.72
C GLY C 131 -37.47 -6.11 10.05
N PRO C 132 -38.13 -6.52 11.13
CA PRO C 132 -37.79 -5.98 12.44
C PRO C 132 -36.39 -6.38 12.88
N VAL C 133 -35.77 -5.52 13.67
CA VAL C 133 -34.45 -5.77 14.24
C VAL C 133 -34.63 -6.44 15.59
N HIS C 134 -34.01 -7.60 15.76
CA HIS C 134 -34.11 -8.37 17.00
C HIS C 134 -32.78 -8.28 17.73
N PHE C 135 -32.83 -7.85 18.99
CA PHE C 135 -31.62 -7.63 19.79
C PHE C 135 -31.40 -8.86 20.68
N ARG C 136 -30.38 -9.64 20.36
CA ARG C 136 -29.98 -10.78 21.17
C ARG C 136 -28.57 -11.17 20.79
N ASN C 137 -27.85 -11.76 21.73
CA ASN C 137 -26.46 -12.13 21.48
C ASN C 137 -26.38 -13.08 20.29
N GLN C 138 -25.47 -12.77 19.37
CA GLN C 138 -25.26 -13.57 18.18
C GLN C 138 -23.99 -14.39 18.34
N VAL C 139 -24.11 -15.70 18.17
CA VAL C 139 -22.96 -16.59 18.26
C VAL C 139 -22.35 -16.67 16.87
N LYS C 140 -21.45 -15.74 16.58
CA LYS C 140 -20.76 -15.72 15.29
C LYS C 140 -19.71 -16.80 15.27
N ILE C 141 -19.87 -17.78 14.38
CA ILE C 141 -18.90 -18.84 14.21
C ILE C 141 -18.30 -18.71 12.82
N ARG C 142 -17.01 -18.97 12.72
CA ARG C 142 -16.25 -18.73 11.51
C ARG C 142 -16.34 -19.92 10.57
N ARG C 143 -16.69 -19.66 9.31
CA ARG C 143 -16.94 -20.70 8.33
C ARG C 143 -16.44 -20.24 6.96
N ARG C 144 -16.12 -21.22 6.12
CA ARG C 144 -15.73 -20.96 4.74
C ARG C 144 -16.99 -20.89 3.87
N VAL C 145 -17.18 -19.75 3.19
CA VAL C 145 -18.37 -19.52 2.39
C VAL C 145 -17.97 -18.89 1.06
N ASP C 146 -18.83 -19.06 0.06
CA ASP C 146 -18.62 -18.50 -1.26
C ASP C 146 -19.23 -17.11 -1.32
N ILE C 147 -18.44 -16.11 -1.73
CA ILE C 147 -18.94 -14.75 -1.75
C ILE C 147 -19.60 -14.42 -3.09
N ASN C 148 -19.07 -14.94 -4.18
CA ASN C 148 -19.59 -14.60 -5.50
C ASN C 148 -20.93 -15.30 -5.71
N PRO C 149 -22.02 -14.56 -5.91
CA PRO C 149 -23.34 -15.21 -6.06
C PRO C 149 -23.69 -15.61 -7.47
N GLY C 150 -22.82 -15.37 -8.45
CA GLY C 150 -23.11 -15.71 -9.83
C GLY C 150 -22.13 -16.70 -10.43
N HIS C 151 -21.29 -17.30 -9.59
CA HIS C 151 -20.31 -18.27 -10.09
C HIS C 151 -21.02 -19.41 -10.81
N ALA C 152 -20.53 -19.74 -12.00
CA ALA C 152 -21.14 -20.75 -12.85
C ALA C 152 -20.59 -22.15 -12.60
N ASP C 153 -20.06 -22.40 -11.40
CA ASP C 153 -19.50 -23.70 -11.05
C ASP C 153 -18.23 -23.98 -11.87
N LEU C 154 -17.39 -22.95 -12.01
CA LEU C 154 -16.13 -23.07 -12.74
C LEU C 154 -15.00 -22.49 -11.89
N SER C 155 -13.82 -23.09 -12.03
CA SER C 155 -12.63 -22.60 -11.37
C SER C 155 -11.98 -21.50 -12.22
N ALA C 156 -10.85 -20.97 -11.73
CA ALA C 156 -10.16 -19.92 -12.46
C ALA C 156 -9.69 -20.43 -13.82
N LYS C 157 -8.84 -21.46 -13.83
CA LYS C 157 -8.35 -22.00 -15.09
C LYS C 157 -9.49 -22.58 -15.91
N GLU C 158 -10.45 -23.24 -15.25
CA GLU C 158 -11.54 -23.87 -15.97
C GLU C 158 -12.33 -22.86 -16.79
N ALA C 159 -12.58 -21.68 -16.26
CA ALA C 159 -13.30 -20.64 -16.97
C ALA C 159 -12.40 -19.73 -17.79
N GLN C 160 -11.08 -19.80 -17.60
CA GLN C 160 -10.18 -18.94 -18.36
C GLN C 160 -10.23 -19.27 -19.84
N ASP C 161 -10.28 -20.57 -20.18
CA ASP C 161 -10.40 -20.96 -21.58
C ASP C 161 -11.72 -20.49 -22.16
N VAL C 162 -12.81 -20.60 -21.39
CA VAL C 162 -14.10 -20.10 -21.83
C VAL C 162 -14.01 -18.60 -22.11
N ILE C 163 -13.36 -17.86 -21.22
CA ILE C 163 -13.25 -16.42 -21.39
C ILE C 163 -12.47 -16.08 -22.64
N MET C 164 -11.35 -16.78 -22.87
CA MET C 164 -10.58 -16.51 -24.09
C MET C 164 -11.42 -16.78 -25.32
N GLU C 165 -12.06 -17.96 -25.39
CA GLU C 165 -12.85 -18.29 -26.56
C GLU C 165 -14.02 -17.32 -26.75
N VAL C 166 -14.50 -16.71 -25.67
CA VAL C 166 -15.56 -15.72 -25.79
C VAL C 166 -15.02 -14.40 -26.32
N VAL C 167 -13.86 -13.99 -25.84
CA VAL C 167 -13.27 -12.69 -26.20
C VAL C 167 -12.19 -12.83 -27.26
N PHE C 168 -11.24 -13.74 -27.04
CA PHE C 168 -10.13 -13.94 -27.96
C PHE C 168 -10.26 -15.31 -28.63
N PRO C 169 -11.17 -15.47 -29.59
CA PRO C 169 -11.42 -16.81 -30.16
C PRO C 169 -10.22 -17.40 -30.88
N ASN C 170 -9.27 -16.58 -31.34
CA ASN C 170 -8.19 -17.08 -32.17
C ASN C 170 -6.97 -17.52 -31.37
N GLU C 171 -6.77 -17.00 -30.17
CA GLU C 171 -5.63 -17.34 -29.34
C GLU C 171 -5.91 -18.52 -28.40
N VAL C 172 -7.03 -19.21 -28.59
CA VAL C 172 -7.36 -20.34 -27.71
C VAL C 172 -6.29 -21.42 -27.79
N GLY C 173 -5.77 -21.69 -28.99
CA GLY C 173 -4.76 -22.72 -29.15
C GLY C 173 -5.34 -24.11 -29.25
N ALA C 174 -4.74 -25.06 -28.52
CA ALA C 174 -5.20 -26.45 -28.59
C ALA C 174 -6.60 -26.60 -28.01
N ARG C 175 -6.89 -25.89 -26.93
CA ARG C 175 -8.09 -26.17 -26.16
C ARG C 175 -9.33 -25.95 -27.00
N ILE C 176 -10.23 -26.94 -26.99
CA ILE C 176 -11.59 -26.80 -27.44
C ILE C 176 -12.49 -27.36 -26.34
N LEU C 177 -13.36 -26.52 -25.80
CA LEU C 177 -13.99 -26.82 -24.52
C LEU C 177 -14.93 -28.00 -24.68
N THR C 178 -14.82 -28.96 -23.77
CA THR C 178 -15.60 -30.19 -23.88
C THR C 178 -16.94 -30.08 -23.15
N SER C 179 -16.93 -29.61 -21.91
CA SER C 179 -18.15 -29.53 -21.12
C SER C 179 -19.19 -28.68 -21.83
N GLU C 180 -20.43 -29.19 -21.88
CA GLU C 180 -21.50 -28.50 -22.58
C GLU C 180 -22.00 -27.27 -21.84
N SER C 181 -21.86 -27.24 -20.51
CA SER C 181 -22.15 -26.01 -19.78
C SER C 181 -21.28 -24.88 -20.30
N GLN C 182 -19.99 -25.16 -20.52
CA GLN C 182 -19.11 -24.16 -21.10
C GLN C 182 -19.56 -23.80 -22.51
N LEU C 183 -20.08 -24.77 -23.27
CA LEU C 183 -20.59 -24.47 -24.60
C LEU C 183 -21.71 -23.44 -24.54
N THR C 184 -22.70 -23.66 -23.67
CA THR C 184 -23.82 -22.74 -23.59
C THR C 184 -23.38 -21.38 -23.06
N ILE C 185 -22.47 -21.36 -22.10
CA ILE C 185 -21.96 -20.08 -21.59
C ILE C 185 -21.26 -19.31 -22.69
N THR C 186 -20.42 -20.00 -23.48
CA THR C 186 -19.75 -19.34 -24.59
C THR C 186 -20.76 -18.78 -25.57
N LYS C 187 -21.77 -19.58 -25.94
CA LYS C 187 -22.77 -19.11 -26.89
C LYS C 187 -23.47 -17.85 -26.38
N GLU C 188 -23.93 -17.89 -25.12
CA GLU C 188 -24.68 -16.78 -24.57
C GLU C 188 -23.84 -15.52 -24.48
N LYS C 189 -22.64 -15.63 -23.87
CA LYS C 189 -21.80 -14.46 -23.70
C LYS C 189 -21.15 -14.02 -25.01
N LYS C 190 -21.20 -14.84 -26.05
CA LYS C 190 -20.72 -14.43 -27.36
C LYS C 190 -21.79 -13.62 -28.07
N GLU C 191 -23.01 -14.14 -28.13
CA GLU C 191 -24.08 -13.40 -28.81
C GLU C 191 -24.46 -12.15 -28.04
N GLU C 192 -24.25 -12.13 -26.72
CA GLU C 192 -24.64 -10.98 -25.92
C GLU C 192 -23.67 -9.82 -26.09
N LEU C 193 -22.37 -10.11 -26.14
CA LEU C 193 -21.33 -9.10 -26.20
C LEU C 193 -20.66 -9.03 -27.58
N GLN C 194 -21.46 -9.18 -28.64
CA GLN C 194 -20.89 -9.41 -29.96
C GLN C 194 -20.19 -8.15 -30.50
N ASP C 195 -20.71 -6.97 -30.19
CA ASP C 195 -20.12 -5.71 -30.67
C ASP C 195 -19.74 -4.76 -29.55
N CYS C 196 -19.76 -5.20 -28.29
CA CYS C 196 -19.39 -4.31 -27.20
C CYS C 196 -17.94 -3.87 -27.35
N LYS C 197 -17.71 -2.58 -27.18
CA LYS C 197 -16.42 -1.95 -27.47
C LYS C 197 -15.83 -1.29 -26.24
N ILE C 198 -16.03 -1.88 -25.06
CA ILE C 198 -15.50 -1.29 -23.83
C ILE C 198 -13.99 -1.53 -23.81
N SER C 199 -13.60 -2.78 -23.68
CA SER C 199 -12.21 -3.20 -23.83
C SER C 199 -12.16 -4.72 -23.75
N PRO C 200 -11.32 -5.39 -24.53
CA PRO C 200 -11.20 -6.85 -24.36
C PRO C 200 -10.74 -7.24 -22.95
N LEU C 201 -9.82 -6.48 -22.38
CA LEU C 201 -9.25 -6.85 -21.09
C LEU C 201 -10.29 -6.73 -19.97
N MET C 202 -11.04 -5.63 -19.94
CA MET C 202 -12.05 -5.48 -18.90
C MET C 202 -13.18 -6.49 -19.08
N VAL C 203 -13.57 -6.77 -20.31
CA VAL C 203 -14.59 -7.78 -20.56
C VAL C 203 -14.12 -9.13 -20.02
N ALA C 204 -12.87 -9.49 -20.31
CA ALA C 204 -12.34 -10.76 -19.82
C ALA C 204 -12.29 -10.76 -18.30
N TYR C 205 -11.87 -9.66 -17.69
CA TYR C 205 -11.77 -9.60 -16.24
C TYR C 205 -13.13 -9.79 -15.58
N MET C 206 -14.14 -9.10 -16.10
CA MET C 206 -15.48 -9.21 -15.52
C MET C 206 -16.10 -10.57 -15.78
N LEU C 207 -15.84 -11.18 -16.94
CA LEU C 207 -16.29 -12.55 -17.15
C LEU C 207 -15.64 -13.50 -16.17
N GLU C 208 -14.34 -13.31 -15.92
CA GLU C 208 -13.65 -14.13 -14.92
C GLU C 208 -14.29 -13.96 -13.55
N ARG C 209 -14.58 -12.71 -13.17
CA ARG C 209 -15.20 -12.47 -11.87
C ARG C 209 -16.57 -13.12 -11.77
N GLU C 210 -17.38 -13.02 -12.84
CA GLU C 210 -18.75 -13.53 -12.79
C GLU C 210 -18.77 -15.06 -12.78
N LEU C 211 -18.01 -15.70 -13.66
CA LEU C 211 -18.11 -17.15 -13.81
C LEU C 211 -17.28 -17.91 -12.79
N VAL C 212 -16.10 -17.42 -12.44
CA VAL C 212 -15.20 -18.15 -11.56
C VAL C 212 -15.74 -18.13 -10.14
N ARG C 213 -15.74 -19.29 -9.50
CA ARG C 213 -16.12 -19.39 -8.10
C ARG C 213 -14.98 -18.94 -7.20
N LYS C 214 -15.32 -18.18 -6.17
CA LYS C 214 -14.33 -17.70 -5.21
C LYS C 214 -14.91 -17.88 -3.81
N THR C 215 -14.04 -18.19 -2.86
CA THR C 215 -14.45 -18.58 -1.52
C THR C 215 -13.55 -17.88 -0.51
N ARG C 216 -14.13 -17.50 0.63
CA ARG C 216 -13.37 -16.87 1.69
C ARG C 216 -13.95 -17.27 3.04
N PHE C 217 -13.13 -17.14 4.06
CA PHE C 217 -13.47 -17.55 5.41
C PHE C 217 -13.97 -16.33 6.17
N LEU C 218 -15.17 -16.42 6.75
CA LEU C 218 -15.80 -15.26 7.36
C LEU C 218 -16.55 -15.69 8.62
N PRO C 219 -16.72 -14.78 9.59
CA PRO C 219 -17.55 -15.08 10.76
C PRO C 219 -19.04 -14.86 10.43
N VAL C 220 -19.80 -15.95 10.43
CA VAL C 220 -21.20 -15.91 10.04
C VAL C 220 -22.04 -16.43 11.20
N ALA C 221 -23.32 -16.04 11.18
CA ALA C 221 -24.33 -16.56 12.11
C ALA C 221 -25.63 -16.68 11.33
N GLY C 222 -25.99 -17.90 10.94
CA GLY C 222 -27.12 -18.10 10.06
C GLY C 222 -26.74 -17.86 8.61
N GLY C 223 -27.76 -17.57 7.80
CA GLY C 223 -27.52 -17.30 6.40
C GLY C 223 -26.84 -18.44 5.67
N THR C 224 -25.57 -18.24 5.35
CA THR C 224 -24.69 -19.21 4.68
C THR C 224 -24.96 -19.26 3.17
N SER C 225 -25.99 -18.58 2.68
CA SER C 225 -26.27 -18.56 1.25
C SER C 225 -25.46 -17.46 0.57
N SER C 226 -25.21 -17.67 -0.73
CA SER C 226 -24.40 -16.71 -1.48
C SER C 226 -25.05 -15.33 -1.49
N VAL C 227 -26.36 -15.28 -1.74
CA VAL C 227 -27.05 -13.99 -1.76
C VAL C 227 -27.12 -13.37 -0.36
N TYR C 228 -27.13 -14.19 0.69
CA TYR C 228 -27.21 -13.69 2.05
C TYR C 228 -25.85 -13.32 2.63
N ILE C 229 -24.76 -13.62 1.93
CA ILE C 229 -23.43 -13.30 2.45
C ILE C 229 -22.96 -11.94 1.95
N GLU C 230 -23.39 -11.50 0.77
CA GLU C 230 -23.00 -10.18 0.29
C GLU C 230 -23.54 -9.08 1.18
N VAL C 231 -24.68 -9.30 1.82
CA VAL C 231 -25.26 -8.35 2.75
C VAL C 231 -25.00 -8.76 4.20
N LEU C 232 -23.98 -9.58 4.44
CA LEU C 232 -23.68 -10.03 5.79
C LEU C 232 -23.40 -8.87 6.72
N HIS C 233 -22.91 -7.74 6.20
CA HIS C 233 -22.68 -6.56 7.03
C HIS C 233 -23.97 -5.91 7.50
N LEU C 234 -25.07 -6.09 6.76
CA LEU C 234 -26.33 -5.43 7.06
C LEU C 234 -27.30 -6.30 7.84
N THR C 235 -27.15 -7.63 7.77
CA THR C 235 -28.10 -8.54 8.42
C THR C 235 -27.62 -9.05 9.77
N GLN C 236 -26.31 -9.14 10.00
CA GLN C 236 -25.77 -9.70 11.22
C GLN C 236 -24.84 -8.69 11.89
N GLY C 237 -24.97 -8.56 13.21
CA GLY C 237 -24.12 -7.69 13.98
C GLY C 237 -23.64 -8.31 15.27
N THR C 238 -23.14 -7.48 16.20
CA THR C 238 -22.63 -8.00 17.46
C THR C 238 -23.77 -8.40 18.39
N CYS C 239 -24.83 -7.60 18.44
CA CYS C 239 -25.95 -7.87 19.34
C CYS C 239 -27.30 -7.64 18.68
N TRP C 240 -27.36 -7.60 17.35
CA TRP C 240 -28.60 -7.32 16.64
C TRP C 240 -28.63 -8.13 15.36
N GLU C 241 -29.83 -8.58 15.00
CA GLU C 241 -30.08 -9.30 13.76
C GLU C 241 -31.17 -8.58 12.99
N GLN C 242 -30.90 -8.35 11.70
CA GLN C 242 -31.82 -7.64 10.81
C GLN C 242 -32.29 -8.61 9.74
N MET C 243 -33.53 -9.08 9.87
CA MET C 243 -34.08 -10.00 8.89
C MET C 243 -34.16 -9.32 7.52
N TYR C 244 -33.70 -10.03 6.49
CA TYR C 244 -33.62 -9.48 5.15
C TYR C 244 -33.87 -10.59 4.14
N THR C 245 -34.51 -10.23 3.02
CA THR C 245 -34.81 -11.16 1.95
C THR C 245 -34.50 -10.47 0.63
N PRO C 246 -33.36 -10.79 -0.01
CA PRO C 246 -33.01 -10.13 -1.27
C PRO C 246 -34.11 -10.24 -2.32
N GLY C 247 -34.03 -9.41 -3.36
CA GLY C 247 -35.06 -9.39 -4.36
C GLY C 247 -35.16 -10.67 -5.17
N GLY C 248 -34.06 -11.42 -5.25
CA GLY C 248 -34.08 -12.66 -6.02
C GLY C 248 -35.10 -13.65 -5.50
N GLU C 249 -35.20 -13.78 -4.18
CA GLU C 249 -36.15 -14.71 -3.57
C GLU C 249 -37.51 -14.05 -3.38
N GLN F 1 -5.01 58.50 10.57
CA GLN F 1 -5.20 57.36 11.53
C GLN F 1 -6.55 57.31 12.21
N VAL F 2 -7.05 58.44 12.76
CA VAL F 2 -8.46 58.57 13.09
C VAL F 2 -8.98 59.81 12.39
N GLN F 3 -10.23 59.77 11.89
CA GLN F 3 -10.95 60.93 11.39
C GLN F 3 -12.19 61.07 12.26
N LEU F 4 -12.55 62.32 12.59
CA LEU F 4 -13.55 62.62 13.60
C LEU F 4 -14.67 63.42 12.97
N GLN F 5 -15.91 62.93 13.08
CA GLN F 5 -17.08 63.60 12.53
C GLN F 5 -18.06 63.93 13.63
N GLU F 6 -18.33 65.24 13.83
CA GLU F 6 -19.25 65.74 14.83
C GLU F 6 -20.65 65.90 14.28
N SER F 7 -21.67 65.93 15.16
CA SER F 7 -23.04 66.18 14.77
C SER F 7 -23.84 66.69 15.95
N GLY F 8 -25.07 67.21 15.69
CA GLY F 8 -26.04 67.58 16.72
C GLY F 8 -25.97 68.99 17.25
N GLY F 9 -25.16 69.87 16.65
CA GLY F 9 -25.09 71.28 17.06
C GLY F 9 -26.35 72.08 16.73
N GLY F 10 -26.36 73.39 17.02
CA GLY F 10 -27.43 74.27 16.59
C GLY F 10 -27.88 75.26 17.63
N LEU F 11 -29.18 75.61 17.58
CA LEU F 11 -29.76 76.75 18.25
C LEU F 11 -30.78 76.24 19.26
N VAL F 12 -30.66 76.71 20.51
CA VAL F 12 -31.40 76.19 21.63
C VAL F 12 -31.72 77.35 22.55
N GLN F 13 -32.80 77.25 23.34
CA GLN F 13 -33.24 78.30 24.24
C GLN F 13 -32.60 78.13 25.62
N PRO F 14 -32.42 79.17 26.44
CA PRO F 14 -32.01 79.07 27.83
C PRO F 14 -32.81 78.06 28.64
N GLY F 15 -32.14 77.14 29.33
CA GLY F 15 -32.74 76.07 30.12
C GLY F 15 -32.95 74.82 29.33
N GLY F 16 -32.79 74.89 28.00
CA GLY F 16 -32.96 73.77 27.09
C GLY F 16 -31.85 72.75 27.13
N SER F 17 -31.99 71.72 26.27
CA SER F 17 -31.08 70.59 26.19
C SER F 17 -30.68 70.40 24.75
N LEU F 18 -29.48 69.84 24.53
CA LEU F 18 -28.94 69.59 23.20
C LEU F 18 -28.02 68.40 23.31
N ARG F 19 -27.88 67.60 22.24
CA ARG F 19 -27.08 66.39 22.27
C ARG F 19 -26.12 66.42 21.12
N LEU F 20 -24.82 66.51 21.41
CA LEU F 20 -23.78 66.41 20.42
C LEU F 20 -23.35 64.96 20.32
N SER F 21 -22.80 64.55 19.15
CA SER F 21 -22.18 63.25 19.04
C SER F 21 -20.95 63.37 18.17
N CYS F 22 -20.01 62.43 18.35
CA CYS F 22 -18.77 62.37 17.63
C CYS F 22 -18.54 60.95 17.22
N THR F 23 -18.38 60.72 15.90
CA THR F 23 -18.09 59.43 15.32
C THR F 23 -16.62 59.42 14.97
N ALA F 24 -15.86 58.44 15.50
CA ALA F 24 -14.45 58.31 15.23
C ALA F 24 -14.17 57.05 14.41
N SER F 25 -13.57 57.22 13.22
CA SER F 25 -13.26 56.12 12.33
C SER F 25 -11.78 56.06 12.01
N SER F 32 -7.25 56.09 22.45
CA SER F 32 -7.10 56.42 23.86
C SER F 32 -8.24 57.30 24.33
N ALA F 33 -7.99 58.30 25.19
CA ALA F 33 -8.98 59.26 25.60
C ALA F 33 -9.62 60.02 24.43
N MET F 34 -10.92 60.32 24.56
CA MET F 34 -11.65 61.12 23.62
C MET F 34 -12.42 62.14 24.44
N GLY F 35 -12.77 63.29 23.85
CA GLY F 35 -13.44 64.30 24.63
C GLY F 35 -13.99 65.41 23.81
N TRP F 36 -14.61 66.37 24.50
CA TRP F 36 -15.22 67.53 23.93
C TRP F 36 -14.61 68.77 24.54
N TYR F 37 -14.32 69.74 23.68
CA TYR F 37 -13.74 71.01 24.04
C TYR F 37 -14.62 72.07 23.42
N ARG F 38 -14.58 73.30 23.92
CA ARG F 38 -15.33 74.38 23.31
C ARG F 38 -14.49 75.63 23.26
N GLN F 39 -14.76 76.50 22.27
CA GLN F 39 -14.14 77.79 22.18
C GLN F 39 -15.21 78.84 21.90
N ALA F 40 -15.36 79.79 22.83
CA ALA F 40 -16.26 80.91 22.71
C ALA F 40 -15.55 82.10 22.05
N PRO F 41 -16.23 83.06 21.41
CA PRO F 41 -15.59 84.20 20.75
C PRO F 41 -14.63 84.98 21.63
N GLY F 42 -13.36 85.11 21.20
CA GLY F 42 -12.35 85.89 21.92
C GLY F 42 -11.80 85.21 23.14
N LYS F 43 -12.20 83.94 23.39
CA LYS F 43 -11.72 83.16 24.50
C LYS F 43 -10.87 82.01 24.01
N GLU F 44 -10.04 81.46 24.90
CA GLU F 44 -9.28 80.24 24.67
C GLU F 44 -10.15 78.99 24.63
N ARG F 45 -9.67 77.95 23.93
CA ARG F 45 -10.30 76.65 23.91
C ARG F 45 -10.25 75.95 25.27
N GLU F 46 -11.40 75.56 25.85
CA GLU F 46 -11.47 74.95 27.17
C GLU F 46 -11.97 73.50 27.07
N LEU F 47 -11.51 72.59 27.97
CA LEU F 47 -12.07 71.25 28.11
C LEU F 47 -13.49 71.31 28.64
N VAL F 48 -14.44 70.58 28.02
CA VAL F 48 -15.79 70.44 28.56
C VAL F 48 -15.89 69.14 29.32
N ALA F 49 -15.58 68.03 28.64
CA ALA F 49 -15.66 66.71 29.20
C ALA F 49 -14.74 65.78 28.42
N ARG F 50 -14.26 64.70 29.05
CA ARG F 50 -13.47 63.69 28.38
C ARG F 50 -13.74 62.33 29.00
N ILE F 51 -13.53 61.27 28.21
CA ILE F 51 -13.79 59.90 28.59
C ILE F 51 -12.75 58.94 28.02
N THR F 57 -14.38 59.22 33.40
CA THR F 57 -14.84 60.50 32.93
C THR F 57 -14.18 61.63 33.70
N ASN F 58 -14.15 62.81 33.06
CA ASN F 58 -13.68 64.03 33.67
C ASN F 58 -14.47 65.17 33.05
N PHE F 59 -14.76 66.22 33.84
CA PHE F 59 -15.71 67.26 33.49
C PHE F 59 -15.21 68.58 34.02
N ALA F 60 -15.37 69.67 33.26
CA ALA F 60 -15.21 71.02 33.75
C ALA F 60 -16.20 71.39 34.85
N ASP F 61 -15.80 72.20 35.84
CA ASP F 61 -16.64 72.64 36.95
C ASP F 61 -17.88 73.44 36.51
N SER F 62 -17.75 74.22 35.42
CA SER F 62 -18.82 74.97 34.79
C SER F 62 -19.96 74.11 34.24
N VAL F 63 -19.67 72.84 33.87
CA VAL F 63 -20.63 71.95 33.25
C VAL F 63 -21.02 70.76 34.13
N LYS F 64 -20.43 70.61 35.34
CA LYS F 64 -20.82 69.54 36.26
C LYS F 64 -22.30 69.59 36.63
N ASP F 65 -22.92 68.39 36.74
CA ASP F 65 -24.33 68.16 37.02
C ASP F 65 -25.30 68.57 35.92
N ARG F 66 -24.76 69.10 34.79
CA ARG F 66 -25.54 69.60 33.68
C ARG F 66 -25.23 68.85 32.40
N PHE F 67 -23.95 68.50 32.17
CA PHE F 67 -23.51 67.84 30.95
C PHE F 67 -22.96 66.46 31.29
N THR F 68 -23.35 65.44 30.51
CA THR F 68 -22.93 64.06 30.71
C THR F 68 -22.37 63.51 29.42
N ILE F 69 -21.15 62.95 29.47
CA ILE F 69 -20.47 62.33 28.35
C ILE F 69 -20.56 60.83 28.51
N SER F 70 -20.70 60.09 27.41
CA SER F 70 -20.63 58.64 27.44
C SER F 70 -19.93 58.18 26.19
N ARG F 71 -19.48 56.92 26.17
CA ARG F 71 -18.67 56.40 25.11
C ARG F 71 -19.07 54.98 24.83
N ASP F 72 -19.32 54.68 23.55
CA ASP F 72 -19.50 53.34 23.08
C ASP F 72 -18.24 52.98 22.29
N ALA F 73 -17.51 51.98 22.80
CA ALA F 73 -16.30 51.49 22.19
C ALA F 73 -16.58 50.63 20.98
N THR F 74 -17.77 50.01 20.90
CA THR F 74 -18.18 49.13 19.80
C THR F 74 -18.28 49.91 18.51
N GLU F 75 -18.94 51.08 18.57
CA GLU F 75 -19.19 51.94 17.43
C GLU F 75 -18.24 53.14 17.38
N ASN F 76 -17.29 53.25 18.33
CA ASN F 76 -16.36 54.37 18.51
C ASN F 76 -17.02 55.73 18.51
N THR F 77 -18.04 55.90 19.36
CA THR F 77 -18.87 57.09 19.34
C THR F 77 -18.93 57.72 20.72
N VAL F 78 -18.75 59.05 20.79
CA VAL F 78 -18.69 59.80 22.04
C VAL F 78 -19.73 60.90 22.02
N VAL F 79 -20.88 60.59 22.64
CA VAL F 79 -22.00 61.48 22.81
C VAL F 79 -21.74 62.49 23.93
N LEU F 80 -22.27 63.72 23.79
CA LEU F 80 -22.28 64.67 24.88
C LEU F 80 -23.70 65.16 25.03
N GLN F 81 -24.32 64.83 26.18
CA GLN F 81 -25.64 65.31 26.51
C GLN F 81 -25.50 66.59 27.31
N MET F 82 -26.05 67.70 26.81
CA MET F 82 -25.96 68.99 27.46
C MET F 82 -27.34 69.41 27.90
N ASN F 83 -27.54 69.56 29.22
CA ASN F 83 -28.82 69.96 29.79
C ASN F 83 -28.65 71.26 30.56
N SER F 84 -29.76 72.01 30.76
CA SER F 84 -29.78 73.26 31.51
C SER F 84 -28.84 74.30 30.91
N LEU F 85 -28.90 74.44 29.57
CA LEU F 85 -28.03 75.32 28.81
C LEU F 85 -28.22 76.79 29.10
N LYS F 86 -27.12 77.56 29.04
CA LYS F 86 -27.11 78.96 29.38
C LYS F 86 -26.41 79.73 28.26
N ALA F 87 -26.53 81.07 28.23
CA ALA F 87 -25.91 81.91 27.21
C ALA F 87 -24.38 81.77 27.18
N GLU F 88 -23.79 81.52 28.36
CA GLU F 88 -22.38 81.28 28.59
C GLU F 88 -21.87 79.99 27.97
N ASP F 89 -22.77 79.07 27.57
CA ASP F 89 -22.39 77.85 26.92
C ASP F 89 -22.38 78.00 25.37
N THR F 90 -22.66 79.21 24.83
CA THR F 90 -22.54 79.55 23.40
C THR F 90 -21.10 79.51 22.91
N ALA F 91 -20.77 78.56 22.02
CA ALA F 91 -19.41 78.35 21.58
C ALA F 91 -19.37 77.42 20.37
N VAL F 92 -18.19 77.29 19.73
CA VAL F 92 -17.94 76.17 18.82
C VAL F 92 -17.39 75.01 19.63
N TYR F 93 -18.04 73.83 19.51
CA TYR F 93 -17.70 72.63 20.24
C TYR F 93 -16.94 71.69 19.33
N TYR F 94 -15.78 71.21 19.80
CA TYR F 94 -14.90 70.35 19.04
C TYR F 94 -14.72 69.02 19.75
N CYS F 95 -14.88 67.93 19.00
CA CYS F 95 -14.46 66.60 19.39
C CYS F 95 -12.95 66.45 19.29
N ASN F 96 -12.37 65.61 20.14
CA ASN F 96 -10.96 65.28 20.14
C ASN F 96 -10.80 63.80 20.42
N GLY F 97 -9.74 63.20 19.86
CA GLY F 97 -9.32 61.85 20.18
C GLY F 97 -7.82 61.76 20.18
N LEU F 109 -6.03 64.42 17.73
CA LEU F 109 -6.78 64.67 16.51
C LEU F 109 -8.04 65.43 16.85
N TRP F 110 -8.45 66.39 16.01
CA TRP F 110 -9.57 67.29 16.24
C TRP F 110 -10.61 67.17 15.14
N GLY F 111 -11.91 67.26 15.48
CA GLY F 111 -12.98 67.48 14.51
C GLY F 111 -12.99 68.88 13.94
N GLN F 112 -13.97 69.20 13.09
CA GLN F 112 -14.06 70.49 12.41
C GLN F 112 -14.70 71.53 13.30
N GLY F 113 -15.52 71.11 14.27
CA GLY F 113 -16.19 72.03 15.17
C GLY F 113 -17.63 72.28 14.81
N THR F 114 -18.53 72.18 15.79
CA THR F 114 -19.97 72.35 15.59
C THR F 114 -20.47 73.46 16.50
N GLN F 115 -21.17 74.46 15.91
CA GLN F 115 -21.71 75.62 16.59
C GLN F 115 -22.84 75.28 17.56
N VAL F 116 -22.81 75.84 18.78
CA VAL F 116 -23.88 75.72 19.75
C VAL F 116 -24.22 77.13 20.19
N THR F 117 -25.47 77.57 19.96
CA THR F 117 -25.92 78.92 20.25
C THR F 117 -27.12 78.85 21.17
N VAL F 118 -26.97 79.38 22.40
CA VAL F 118 -28.04 79.39 23.38
C VAL F 118 -28.62 80.78 23.44
#